data_7XJ7
# 
_entry.id   7XJ7 
# 
_audit_conform.dict_name       mmcif_pdbx.dic 
_audit_conform.dict_version    5.380 
_audit_conform.dict_location   http://mmcif.pdb.org/dictionaries/ascii/mmcif_pdbx.dic 
# 
loop_
_database_2.database_id 
_database_2.database_code 
_database_2.pdbx_database_accession 
_database_2.pdbx_DOI 
PDB   7XJ7         pdb_00007xj7 10.2210/pdb7xj7/pdb 
WWPDB D_1300028915 ?            ?                   
# 
_pdbx_database_status.status_code                     REL 
_pdbx_database_status.status_code_sf                  REL 
_pdbx_database_status.status_code_mr                  ? 
_pdbx_database_status.entry_id                        7XJ7 
_pdbx_database_status.recvd_initial_deposition_date   2022-04-15 
_pdbx_database_status.SG_entry                        N 
_pdbx_database_status.deposit_site                    PDBJ 
_pdbx_database_status.process_site                    PDBJ 
_pdbx_database_status.status_code_cs                  ? 
_pdbx_database_status.status_code_nmr_data            ? 
_pdbx_database_status.methods_development_category    ? 
_pdbx_database_status.pdb_format_compatible           Y 
# 
loop_
_audit_author.name 
_audit_author.pdbx_ordinal 
_audit_author.identifier_ORCID 
'Lu, H.'      1 ? 
'Komukai, Y.' 2 ? 
'Usami, K.'   3 ? 
'Guo, Y.'     4 ? 
'Qiao, X.'    5 ? 
'Nukaga, M.'  6 ? 
'Hoshino, T.' 7 ? 
# 
_citation.abstract                  ? 
_citation.abstract_id_CAS           ? 
_citation.book_id_ISBN              ? 
_citation.book_publisher            ? 
_citation.book_publisher_city       ? 
_citation.book_title                ? 
_citation.coordinate_linkage        ? 
_citation.country                   US 
_citation.database_id_Medline       ? 
_citation.details                   ? 
_citation.id                        primary 
_citation.journal_abbrev            J.Chem.Inf.Model. 
_citation.journal_id_ASTM           ? 
_citation.journal_id_CSD            ? 
_citation.journal_id_ISSN           1549-960X 
_citation.journal_full              ? 
_citation.journal_issue             ? 
_citation.journal_volume            62 
_citation.language                  ? 
_citation.page_first                6762 
_citation.page_last                 6774 
_citation.title                     
'Computational and Crystallographic Analysis of Binding Structures of Inhibitory Compounds for HIV-1 RNase H Activity.' 
_citation.year                      2022 
_citation.database_id_CSD           ? 
_citation.pdbx_database_id_DOI      10.1021/acs.jcim.2c00537 
_citation.pdbx_database_id_PubMed   36184946 
_citation.pdbx_database_id_patent   ? 
_citation.unpublished_flag          ? 
# 
loop_
_citation_author.citation_id 
_citation_author.name 
_citation_author.ordinal 
_citation_author.identifier_ORCID 
primary 'Lu, H.'      1 ? 
primary 'Komukai, Y.' 2 ? 
primary 'Usami, K.'   3 ? 
primary 'Guo, Y.'     4 ? 
primary 'Qiao, X.'    5 ? 
primary 'Nukaga, M.'  6 ? 
primary 'Hoshino, T.' 7 ? 
# 
_cell.angle_alpha                  90.000 
_cell.angle_alpha_esd              ? 
_cell.angle_beta                   90.000 
_cell.angle_beta_esd               ? 
_cell.angle_gamma                  90.000 
_cell.angle_gamma_esd              ? 
_cell.entry_id                     7XJ7 
_cell.details                      ? 
_cell.formula_units_Z              ? 
_cell.length_a                     60.812 
_cell.length_a_esd                 ? 
_cell.length_b                     60.812 
_cell.length_b_esd                 ? 
_cell.length_c                     82.506 
_cell.length_c_esd                 ? 
_cell.volume                       ? 
_cell.volume_esd                   ? 
_cell.Z_PDB                        8 
_cell.reciprocal_angle_alpha       ? 
_cell.reciprocal_angle_beta        ? 
_cell.reciprocal_angle_gamma       ? 
_cell.reciprocal_angle_alpha_esd   ? 
_cell.reciprocal_angle_beta_esd    ? 
_cell.reciprocal_angle_gamma_esd   ? 
_cell.reciprocal_length_a          ? 
_cell.reciprocal_length_b          ? 
_cell.reciprocal_length_c          ? 
_cell.reciprocal_length_a_esd      ? 
_cell.reciprocal_length_b_esd      ? 
_cell.reciprocal_length_c_esd      ? 
_cell.pdbx_unique_axis             ? 
# 
_symmetry.entry_id                         7XJ7 
_symmetry.cell_setting                     ? 
_symmetry.Int_Tables_number                92 
_symmetry.space_group_name_Hall            ? 
_symmetry.space_group_name_H-M             'P 41 21 2' 
_symmetry.pdbx_full_space_group_name_H-M   ? 
# 
loop_
_entity.id 
_entity.type 
_entity.src_method 
_entity.pdbx_description 
_entity.formula_weight 
_entity.pdbx_number_of_molecules 
_entity.pdbx_ec 
_entity.pdbx_mutation 
_entity.pdbx_fragment 
_entity.details 
1 polymer     man 'Reverse Transcriptase RNase H domain' 16832.285 1  3.1.26.13 ? ? ? 
2 non-polymer syn 'MANGANESE (II) ION'                   54.938    2  ?         ? ? ? 
3 non-polymer syn 'ZINC ION'                             65.409    2  ?         ? ? ? 
4 non-polymer syn 'ethyl 5-nitrothiophene-2-carboxylate' 201.200   1  ?         ? ? ? 
5 water       nat water                                  18.015    47 ?         ? ? ? 
# 
_entity_poly.entity_id                      1 
_entity_poly.type                           'polypeptide(L)' 
_entity_poly.nstd_linkage                   no 
_entity_poly.nstd_monomer                   no 
_entity_poly.pdbx_seq_one_letter_code       
;GPGGSMYQLEKEPIVGAETFYVDGAANRETKLGKAGYVTNRGRQKVVTLTDTTNQKTELQAIYLALQDSGLEVNIVTDSQ
YALGIITQWIHNWKKRGWKTPVKNVDLVNQIIEQLIKKEKVYLAWVPAHKGIGGNEQVDKLVSAGIRKVLF
;
_entity_poly.pdbx_seq_one_letter_code_can   
;GPGGSMYQLEKEPIVGAETFYVDGAANRETKLGKAGYVTNRGRQKVVTLTDTTNQKTELQAIYLALQDSGLEVNIVTDSQ
YALGIITQWIHNWKKRGWKTPVKNVDLVNQIIEQLIKKEKVYLAWVPAHKGIGGNEQVDKLVSAGIRKVLF
;
_entity_poly.pdbx_strand_id                 A 
_entity_poly.pdbx_target_identifier         ? 
# 
loop_
_entity_poly_seq.entity_id 
_entity_poly_seq.num 
_entity_poly_seq.mon_id 
_entity_poly_seq.hetero 
1 1   GLY n 
1 2   PRO n 
1 3   GLY n 
1 4   GLY n 
1 5   SER n 
1 6   MET n 
1 7   TYR n 
1 8   GLN n 
1 9   LEU n 
1 10  GLU n 
1 11  LYS n 
1 12  GLU n 
1 13  PRO n 
1 14  ILE n 
1 15  VAL n 
1 16  GLY n 
1 17  ALA n 
1 18  GLU n 
1 19  THR n 
1 20  PHE n 
1 21  TYR n 
1 22  VAL n 
1 23  ASP n 
1 24  GLY n 
1 25  ALA n 
1 26  ALA n 
1 27  ASN n 
1 28  ARG n 
1 29  GLU n 
1 30  THR n 
1 31  LYS n 
1 32  LEU n 
1 33  GLY n 
1 34  LYS n 
1 35  ALA n 
1 36  GLY n 
1 37  TYR n 
1 38  VAL n 
1 39  THR n 
1 40  ASN n 
1 41  ARG n 
1 42  GLY n 
1 43  ARG n 
1 44  GLN n 
1 45  LYS n 
1 46  VAL n 
1 47  VAL n 
1 48  THR n 
1 49  LEU n 
1 50  THR n 
1 51  ASP n 
1 52  THR n 
1 53  THR n 
1 54  ASN n 
1 55  GLN n 
1 56  LYS n 
1 57  THR n 
1 58  GLU n 
1 59  LEU n 
1 60  GLN n 
1 61  ALA n 
1 62  ILE n 
1 63  TYR n 
1 64  LEU n 
1 65  ALA n 
1 66  LEU n 
1 67  GLN n 
1 68  ASP n 
1 69  SER n 
1 70  GLY n 
1 71  LEU n 
1 72  GLU n 
1 73  VAL n 
1 74  ASN n 
1 75  ILE n 
1 76  VAL n 
1 77  THR n 
1 78  ASP n 
1 79  SER n 
1 80  GLN n 
1 81  TYR n 
1 82  ALA n 
1 83  LEU n 
1 84  GLY n 
1 85  ILE n 
1 86  ILE n 
1 87  THR n 
1 88  GLN n 
1 89  TRP n 
1 90  ILE n 
1 91  HIS n 
1 92  ASN n 
1 93  TRP n 
1 94  LYS n 
1 95  LYS n 
1 96  ARG n 
1 97  GLY n 
1 98  TRP n 
1 99  LYS n 
1 100 THR n 
1 101 PRO n 
1 102 VAL n 
1 103 LYS n 
1 104 ASN n 
1 105 VAL n 
1 106 ASP n 
1 107 LEU n 
1 108 VAL n 
1 109 ASN n 
1 110 GLN n 
1 111 ILE n 
1 112 ILE n 
1 113 GLU n 
1 114 GLN n 
1 115 LEU n 
1 116 ILE n 
1 117 LYS n 
1 118 LYS n 
1 119 GLU n 
1 120 LYS n 
1 121 VAL n 
1 122 TYR n 
1 123 LEU n 
1 124 ALA n 
1 125 TRP n 
1 126 VAL n 
1 127 PRO n 
1 128 ALA n 
1 129 HIS n 
1 130 LYS n 
1 131 GLY n 
1 132 ILE n 
1 133 GLY n 
1 134 GLY n 
1 135 ASN n 
1 136 GLU n 
1 137 GLN n 
1 138 VAL n 
1 139 ASP n 
1 140 LYS n 
1 141 LEU n 
1 142 VAL n 
1 143 SER n 
1 144 ALA n 
1 145 GLY n 
1 146 ILE n 
1 147 ARG n 
1 148 LYS n 
1 149 VAL n 
1 150 LEU n 
1 151 PHE n 
# 
loop_
_entity_src_gen.entity_id 
_entity_src_gen.pdbx_src_id 
_entity_src_gen.pdbx_alt_source_flag 
_entity_src_gen.pdbx_seq_type 
_entity_src_gen.pdbx_beg_seq_num 
_entity_src_gen.pdbx_end_seq_num 
_entity_src_gen.gene_src_common_name 
_entity_src_gen.gene_src_genus 
_entity_src_gen.pdbx_gene_src_gene 
_entity_src_gen.gene_src_species 
_entity_src_gen.gene_src_strain 
_entity_src_gen.gene_src_tissue 
_entity_src_gen.gene_src_tissue_fraction 
_entity_src_gen.gene_src_details 
_entity_src_gen.pdbx_gene_src_fragment 
_entity_src_gen.pdbx_gene_src_scientific_name 
_entity_src_gen.pdbx_gene_src_ncbi_taxonomy_id 
_entity_src_gen.pdbx_gene_src_variant 
_entity_src_gen.pdbx_gene_src_cell_line 
_entity_src_gen.pdbx_gene_src_atcc 
_entity_src_gen.pdbx_gene_src_organ 
_entity_src_gen.pdbx_gene_src_organelle 
_entity_src_gen.pdbx_gene_src_cell 
_entity_src_gen.pdbx_gene_src_cellular_location 
_entity_src_gen.host_org_common_name 
_entity_src_gen.pdbx_host_org_scientific_name 
_entity_src_gen.pdbx_host_org_ncbi_taxonomy_id 
_entity_src_gen.host_org_genus 
_entity_src_gen.pdbx_host_org_gene 
_entity_src_gen.pdbx_host_org_organ 
_entity_src_gen.host_org_species 
_entity_src_gen.pdbx_host_org_tissue 
_entity_src_gen.pdbx_host_org_tissue_fraction 
_entity_src_gen.pdbx_host_org_strain 
_entity_src_gen.pdbx_host_org_variant 
_entity_src_gen.pdbx_host_org_cell_line 
_entity_src_gen.pdbx_host_org_atcc 
_entity_src_gen.pdbx_host_org_culture_collection 
_entity_src_gen.pdbx_host_org_cell 
_entity_src_gen.pdbx_host_org_organelle 
_entity_src_gen.pdbx_host_org_cellular_location 
_entity_src_gen.pdbx_host_org_vector_type 
_entity_src_gen.pdbx_host_org_vector 
_entity_src_gen.host_org_details 
_entity_src_gen.expression_system_id 
_entity_src_gen.plasmid_name 
_entity_src_gen.plasmid_details 
_entity_src_gen.pdbx_description 
1 1 sample 'Biological sequence' 1  86  ? ? ? ? ? ? ? ? ? 'Human immunodeficiency virus 1' 11676 ? ? ? ? ? ? ? ? 
'Escherichia coli' 562 ? ? ? ? ? ? 'Rosetta(DE3)pLys' ? ? ? ? ? ? ? plasmid ? ? ? 'pET50(b)' ? ? 
1 2 sample 'Biological sequence' 87 151 ? ? ? ? ? ? ? ? ? 'Human immunodeficiency virus 1' 11676 ? ? ? ? ? ? ? ? 
'Escherichia coli' 562 ? ? ? ? ? ? 'Rosetta(DE3)pLys' ? ? ? ? ? ? ? plasmid ? ? ? 'pET50(b)' ? ? 
# 
loop_
_struct_ref.id 
_struct_ref.db_name 
_struct_ref.db_code 
_struct_ref.pdbx_db_accession 
_struct_ref.pdbx_db_isoform 
_struct_ref.entity_id 
_struct_ref.pdbx_seq_one_letter_code 
_struct_ref.pdbx_align_begin 
1 UNP A0A059PIR4_9HIV1 A0A059PIR4 ? 1 YQLEKEPIVGAETFYVDGAANRETKLGKAGYVTNRGRQKVVTLTDTTNQKTELQAIYLALQDSGLEVNIVTDSQ 167 
2 UNP A0A7L9QW77_9HIV1 A0A7L9QW77 ? 1 DLVNQIIEQLIKKEKVYLAWVPAHKGIGGNEQVDKLVSAGIRKVLF                             671 
# 
loop_
_struct_ref_seq.align_id 
_struct_ref_seq.ref_id 
_struct_ref_seq.pdbx_PDB_id_code 
_struct_ref_seq.pdbx_strand_id 
_struct_ref_seq.seq_align_beg 
_struct_ref_seq.pdbx_seq_align_beg_ins_code 
_struct_ref_seq.seq_align_end 
_struct_ref_seq.pdbx_seq_align_end_ins_code 
_struct_ref_seq.pdbx_db_accession 
_struct_ref_seq.db_align_beg 
_struct_ref_seq.pdbx_db_align_beg_ins_code 
_struct_ref_seq.db_align_end 
_struct_ref_seq.pdbx_db_align_end_ins_code 
_struct_ref_seq.pdbx_auth_seq_align_beg 
_struct_ref_seq.pdbx_auth_seq_align_end 
1 1 7XJ7 A 7   ? 80  ? A0A059PIR4 167 ? 240 ? 7   80  
2 2 7XJ7 A 106 ? 151 ? A0A7L9QW77 671 ? 716 ? 106 151 
# 
loop_
_struct_ref_seq_dif.align_id 
_struct_ref_seq_dif.pdbx_pdb_id_code 
_struct_ref_seq_dif.mon_id 
_struct_ref_seq_dif.pdbx_pdb_strand_id 
_struct_ref_seq_dif.seq_num 
_struct_ref_seq_dif.pdbx_pdb_ins_code 
_struct_ref_seq_dif.pdbx_seq_db_name 
_struct_ref_seq_dif.pdbx_seq_db_accession_code 
_struct_ref_seq_dif.db_mon_id 
_struct_ref_seq_dif.pdbx_seq_db_seq_num 
_struct_ref_seq_dif.details 
_struct_ref_seq_dif.pdbx_auth_seq_num 
_struct_ref_seq_dif.pdbx_ordinal 
1 7XJ7 GLY A 1   ? UNP A0A059PIR4 ? ? 'expression tag' 1   1  
1 7XJ7 PRO A 2   ? UNP A0A059PIR4 ? ? 'expression tag' 2   2  
1 7XJ7 GLY A 3   ? UNP A0A059PIR4 ? ? 'expression tag' 3   3  
1 7XJ7 GLY A 4   ? UNP A0A059PIR4 ? ? 'expression tag' 4   4  
1 7XJ7 SER A 5   ? UNP A0A059PIR4 ? ? 'expression tag' 5   5  
1 7XJ7 MET A 6   ? UNP A0A059PIR4 ? ? 'expression tag' 6   6  
1 7XJ7 TYR A 81  ? UNP A0A059PIR4 ? ? linker           81  7  
1 7XJ7 ALA A 82  ? UNP A0A059PIR4 ? ? linker           82  8  
1 7XJ7 LEU A 83  ? UNP A0A059PIR4 ? ? linker           83  9  
1 7XJ7 GLY A 84  ? UNP A0A059PIR4 ? ? linker           84  10 
1 7XJ7 ILE A 85  ? UNP A0A059PIR4 ? ? linker           85  11 
1 7XJ7 ILE A 86  ? UNP A0A059PIR4 ? ? linker           86  12 
1 7XJ7 THR A 87  ? UNP A0A059PIR4 ? ? linker           87  13 
1 7XJ7 GLN A 88  ? UNP A0A059PIR4 ? ? linker           88  14 
1 7XJ7 TRP A 89  ? UNP A0A059PIR4 ? ? linker           89  15 
1 7XJ7 ILE A 90  ? UNP A0A059PIR4 ? ? linker           90  16 
1 7XJ7 HIS A 91  ? UNP A0A059PIR4 ? ? linker           91  17 
1 7XJ7 ASN A 92  ? UNP A0A059PIR4 ? ? linker           92  18 
1 7XJ7 TRP A 93  ? UNP A0A059PIR4 ? ? linker           93  19 
1 7XJ7 LYS A 94  ? UNP A0A059PIR4 ? ? linker           94  20 
1 7XJ7 LYS A 95  ? UNP A0A059PIR4 ? ? linker           95  21 
1 7XJ7 ARG A 96  ? UNP A0A059PIR4 ? ? linker           96  22 
1 7XJ7 GLY A 97  ? UNP A0A059PIR4 ? ? linker           97  23 
1 7XJ7 TRP A 98  ? UNP A0A059PIR4 ? ? linker           98  24 
1 7XJ7 LYS A 99  ? UNP A0A059PIR4 ? ? linker           99  25 
1 7XJ7 THR A 100 ? UNP A0A059PIR4 ? ? linker           100 26 
1 7XJ7 PRO A 101 ? UNP A0A059PIR4 ? ? linker           101 27 
1 7XJ7 VAL A 102 ? UNP A0A059PIR4 ? ? linker           102 28 
1 7XJ7 LYS A 103 ? UNP A0A059PIR4 ? ? linker           103 29 
1 7XJ7 ASN A 104 ? UNP A0A059PIR4 ? ? linker           104 30 
1 7XJ7 VAL A 105 ? UNP A0A059PIR4 ? ? linker           105 31 
# 
loop_
_chem_comp.id 
_chem_comp.type 
_chem_comp.mon_nstd_flag 
_chem_comp.name 
_chem_comp.pdbx_synonyms 
_chem_comp.formula 
_chem_comp.formula_weight 
ALA 'L-peptide linking' y ALANINE                                ? 'C3 H7 N O2'     89.093  
ARG 'L-peptide linking' y ARGININE                               ? 'C6 H15 N4 O2 1' 175.209 
ASN 'L-peptide linking' y ASPARAGINE                             ? 'C4 H8 N2 O3'    132.118 
ASP 'L-peptide linking' y 'ASPARTIC ACID'                        ? 'C4 H7 N O4'     133.103 
EGI non-polymer         . 'ethyl 5-nitrothiophene-2-carboxylate' ? 'C7 H7 N O4 S'   201.200 
GLN 'L-peptide linking' y GLUTAMINE                              ? 'C5 H10 N2 O3'   146.144 
GLU 'L-peptide linking' y 'GLUTAMIC ACID'                        ? 'C5 H9 N O4'     147.129 
GLY 'peptide linking'   y GLYCINE                                ? 'C2 H5 N O2'     75.067  
HIS 'L-peptide linking' y HISTIDINE                              ? 'C6 H10 N3 O2 1' 156.162 
HOH non-polymer         . WATER                                  ? 'H2 O'           18.015  
ILE 'L-peptide linking' y ISOLEUCINE                             ? 'C6 H13 N O2'    131.173 
LEU 'L-peptide linking' y LEUCINE                                ? 'C6 H13 N O2'    131.173 
LYS 'L-peptide linking' y LYSINE                                 ? 'C6 H15 N2 O2 1' 147.195 
MET 'L-peptide linking' y METHIONINE                             ? 'C5 H11 N O2 S'  149.211 
MN  non-polymer         . 'MANGANESE (II) ION'                   ? 'Mn 2'           54.938  
PHE 'L-peptide linking' y PHENYLALANINE                          ? 'C9 H11 N O2'    165.189 
PRO 'L-peptide linking' y PROLINE                                ? 'C5 H9 N O2'     115.130 
SER 'L-peptide linking' y SERINE                                 ? 'C3 H7 N O3'     105.093 
THR 'L-peptide linking' y THREONINE                              ? 'C4 H9 N O3'     119.119 
TRP 'L-peptide linking' y TRYPTOPHAN                             ? 'C11 H12 N2 O2'  204.225 
TYR 'L-peptide linking' y TYROSINE                               ? 'C9 H11 N O3'    181.189 
VAL 'L-peptide linking' y VALINE                                 ? 'C5 H11 N O2'    117.146 
ZN  non-polymer         . 'ZINC ION'                             ? 'Zn 2'           65.409  
# 
_exptl.absorpt_coefficient_mu     ? 
_exptl.absorpt_correction_T_max   ? 
_exptl.absorpt_correction_T_min   ? 
_exptl.absorpt_correction_type    ? 
_exptl.absorpt_process_details    ? 
_exptl.entry_id                   7XJ7 
_exptl.crystals_number            1 
_exptl.details                    ? 
_exptl.method                     'X-RAY DIFFRACTION' 
_exptl.method_details             ? 
# 
_exptl_crystal.colour                      ? 
_exptl_crystal.density_diffrn              ? 
_exptl_crystal.density_Matthews            2.32 
_exptl_crystal.density_method              ? 
_exptl_crystal.density_percent_sol         46.95 
_exptl_crystal.description                 ? 
_exptl_crystal.F_000                       ? 
_exptl_crystal.id                          1 
_exptl_crystal.preparation                 ? 
_exptl_crystal.size_max                    ? 
_exptl_crystal.size_mid                    ? 
_exptl_crystal.size_min                    ? 
_exptl_crystal.size_rad                    ? 
_exptl_crystal.colour_lustre               ? 
_exptl_crystal.colour_modifier             ? 
_exptl_crystal.colour_primary              ? 
_exptl_crystal.density_meas                ? 
_exptl_crystal.density_meas_esd            ? 
_exptl_crystal.density_meas_gt             ? 
_exptl_crystal.density_meas_lt             ? 
_exptl_crystal.density_meas_temp           ? 
_exptl_crystal.density_meas_temp_esd       ? 
_exptl_crystal.density_meas_temp_gt        ? 
_exptl_crystal.density_meas_temp_lt        ? 
_exptl_crystal.pdbx_crystal_image_url      ? 
_exptl_crystal.pdbx_crystal_image_format   ? 
_exptl_crystal.pdbx_mosaicity              0.250 
_exptl_crystal.pdbx_mosaicity_esd          ? 
# 
_exptl_crystal_grow.apparatus       ? 
_exptl_crystal_grow.atmosphere      ? 
_exptl_crystal_grow.crystal_id      1 
_exptl_crystal_grow.details         ? 
_exptl_crystal_grow.method          'VAPOR DIFFUSION, SITTING DROP' 
_exptl_crystal_grow.method_ref      ? 
_exptl_crystal_grow.pH              6.6 
_exptl_crystal_grow.pressure        ? 
_exptl_crystal_grow.pressure_esd    ? 
_exptl_crystal_grow.seeding         ? 
_exptl_crystal_grow.seeding_ref     ? 
_exptl_crystal_grow.temp            291 
_exptl_crystal_grow.temp_details    ? 
_exptl_crystal_grow.temp_esd        ? 
_exptl_crystal_grow.time            ? 
_exptl_crystal_grow.pdbx_details    '0.1M MES, 26%(v/v) PEG 6000, 0.01M Zinc Sulfate, 0.001M MANGANESE CHLORIDE' 
_exptl_crystal_grow.pdbx_pH_range   ? 
# 
_diffrn.ambient_environment              ? 
_diffrn.ambient_temp                     100 
_diffrn.ambient_temp_details             ? 
_diffrn.ambient_temp_esd                 ? 
_diffrn.crystal_id                       1 
_diffrn.crystal_support                  ? 
_diffrn.crystal_treatment                ? 
_diffrn.details                          ? 
_diffrn.id                               1 
_diffrn.ambient_pressure                 ? 
_diffrn.ambient_pressure_esd             ? 
_diffrn.ambient_pressure_gt              ? 
_diffrn.ambient_pressure_lt              ? 
_diffrn.ambient_temp_gt                  ? 
_diffrn.ambient_temp_lt                  ? 
_diffrn.pdbx_serial_crystal_experiment   N 
# 
_diffrn_detector.details                      mirrors 
_diffrn_detector.detector                     PIXEL 
_diffrn_detector.diffrn_id                    1 
_diffrn_detector.type                         'DECTRIS EIGER X 4M' 
_diffrn_detector.area_resol_mean              ? 
_diffrn_detector.dtime                        ? 
_diffrn_detector.pdbx_frames_total            ? 
_diffrn_detector.pdbx_collection_time_total   ? 
_diffrn_detector.pdbx_collection_date         2017-04-20 
_diffrn_detector.pdbx_frequency               ? 
# 
_diffrn_radiation.collimation                      ? 
_diffrn_radiation.diffrn_id                        1 
_diffrn_radiation.filter_edge                      ? 
_diffrn_radiation.inhomogeneity                    ? 
_diffrn_radiation.monochromator                    'Si(111)' 
_diffrn_radiation.polarisn_norm                    ? 
_diffrn_radiation.polarisn_ratio                   ? 
_diffrn_radiation.probe                            ? 
_diffrn_radiation.type                             ? 
_diffrn_radiation.xray_symbol                      ? 
_diffrn_radiation.wavelength_id                    1 
_diffrn_radiation.pdbx_monochromatic_or_laue_m_l   M 
_diffrn_radiation.pdbx_wavelength_list             ? 
_diffrn_radiation.pdbx_wavelength                  ? 
_diffrn_radiation.pdbx_diffrn_protocol             'SINGLE WAVELENGTH' 
_diffrn_radiation.pdbx_analyzer                    ? 
_diffrn_radiation.pdbx_scattering_type             x-ray 
# 
_diffrn_radiation_wavelength.id           1 
_diffrn_radiation_wavelength.wavelength   1.000 
_diffrn_radiation_wavelength.wt           1.0 
# 
_diffrn_source.current                     ? 
_diffrn_source.details                     ? 
_diffrn_source.diffrn_id                   1 
_diffrn_source.power                       ? 
_diffrn_source.size                        ? 
_diffrn_source.source                      SYNCHROTRON 
_diffrn_source.target                      ? 
_diffrn_source.type                        'PHOTON FACTORY BEAMLINE BL-5A' 
_diffrn_source.voltage                     ? 
_diffrn_source.take-off_angle              ? 
_diffrn_source.pdbx_wavelength_list        1.000 
_diffrn_source.pdbx_wavelength             ? 
_diffrn_source.pdbx_synchrotron_beamline   BL-5A 
_diffrn_source.pdbx_synchrotron_site       'Photon Factory' 
# 
_reflns.B_iso_Wilson_estimate                          28.650 
_reflns.entry_id                                       7XJ7 
_reflns.data_reduction_details                         ? 
_reflns.data_reduction_method                          ? 
_reflns.d_resolution_high                              1.730 
_reflns.d_resolution_low                               48.960 
_reflns.details                                        ? 
_reflns.limit_h_max                                    ? 
_reflns.limit_h_min                                    ? 
_reflns.limit_k_max                                    ? 
_reflns.limit_k_min                                    ? 
_reflns.limit_l_max                                    ? 
_reflns.limit_l_min                                    ? 
_reflns.number_all                                     ? 
_reflns.number_obs                                     16864 
_reflns.observed_criterion                             ? 
_reflns.observed_criterion_F_max                       ? 
_reflns.observed_criterion_F_min                       ? 
_reflns.observed_criterion_I_max                       ? 
_reflns.observed_criterion_I_min                       ? 
_reflns.observed_criterion_sigma_F                     ? 
_reflns.observed_criterion_sigma_I                     ? 
_reflns.percent_possible_obs                           99.800 
_reflns.R_free_details                                 ? 
_reflns.Rmerge_F_all                                   ? 
_reflns.Rmerge_F_obs                                   ? 
_reflns.Friedel_coverage                               ? 
_reflns.number_gt                                      ? 
_reflns.threshold_expression                           ? 
_reflns.pdbx_redundancy                                13.500 
_reflns.pdbx_Rmerge_I_obs                              0.057 
_reflns.pdbx_Rmerge_I_all                              ? 
_reflns.pdbx_Rsym_value                                ? 
_reflns.pdbx_netI_over_av_sigmaI                       ? 
_reflns.pdbx_netI_over_sigmaI                          28.200 
_reflns.pdbx_res_netI_over_av_sigmaI_2                 ? 
_reflns.pdbx_res_netI_over_sigmaI_2                    ? 
_reflns.pdbx_chi_squared                               ? 
_reflns.pdbx_scaling_rejects                           96 
_reflns.pdbx_d_res_high_opt                            ? 
_reflns.pdbx_d_res_low_opt                             ? 
_reflns.pdbx_d_res_opt_method                          ? 
_reflns.phase_calculation_details                      ? 
_reflns.pdbx_Rrim_I_all                                0.059 
_reflns.pdbx_Rpim_I_all                                0.016 
_reflns.pdbx_d_opt                                     ? 
_reflns.pdbx_number_measured_all                       227865 
_reflns.pdbx_diffrn_id                                 1 
_reflns.pdbx_ordinal                                   1 
_reflns.pdbx_CC_half                                   1.000 
_reflns.pdbx_CC_star                                   ? 
_reflns.pdbx_R_split                                   ? 
_reflns.pdbx_aniso_diffraction_limit_axis_1_ortho[1]   ? 
_reflns.pdbx_aniso_diffraction_limit_axis_1_ortho[2]   ? 
_reflns.pdbx_aniso_diffraction_limit_axis_1_ortho[3]   ? 
_reflns.pdbx_aniso_diffraction_limit_axis_2_ortho[1]   ? 
_reflns.pdbx_aniso_diffraction_limit_axis_2_ortho[2]   ? 
_reflns.pdbx_aniso_diffraction_limit_axis_2_ortho[3]   ? 
_reflns.pdbx_aniso_diffraction_limit_axis_3_ortho[1]   ? 
_reflns.pdbx_aniso_diffraction_limit_axis_3_ortho[2]   ? 
_reflns.pdbx_aniso_diffraction_limit_axis_3_ortho[3]   ? 
_reflns.pdbx_aniso_diffraction_limit_1                 ? 
_reflns.pdbx_aniso_diffraction_limit_2                 ? 
_reflns.pdbx_aniso_diffraction_limit_3                 ? 
_reflns.pdbx_aniso_B_tensor_eigenvector_1_ortho[1]     ? 
_reflns.pdbx_aniso_B_tensor_eigenvector_1_ortho[2]     ? 
_reflns.pdbx_aniso_B_tensor_eigenvector_1_ortho[3]     ? 
_reflns.pdbx_aniso_B_tensor_eigenvector_2_ortho[1]     ? 
_reflns.pdbx_aniso_B_tensor_eigenvector_2_ortho[2]     ? 
_reflns.pdbx_aniso_B_tensor_eigenvector_2_ortho[3]     ? 
_reflns.pdbx_aniso_B_tensor_eigenvector_3_ortho[1]     ? 
_reflns.pdbx_aniso_B_tensor_eigenvector_3_ortho[2]     ? 
_reflns.pdbx_aniso_B_tensor_eigenvector_3_ortho[3]     ? 
_reflns.pdbx_aniso_B_tensor_eigenvalue_1               ? 
_reflns.pdbx_aniso_B_tensor_eigenvalue_2               ? 
_reflns.pdbx_aniso_B_tensor_eigenvalue_3               ? 
_reflns.pdbx_orthogonalization_convention              ? 
_reflns.pdbx_percent_possible_ellipsoidal              ? 
_reflns.pdbx_percent_possible_spherical                ? 
_reflns.pdbx_percent_possible_ellipsoidal_anomalous    ? 
_reflns.pdbx_percent_possible_spherical_anomalous      ? 
_reflns.pdbx_redundancy_anomalous                      ? 
_reflns.pdbx_CC_half_anomalous                         ? 
_reflns.pdbx_absDiff_over_sigma_anomalous              ? 
_reflns.pdbx_percent_possible_anomalous                ? 
_reflns.pdbx_observed_signal_threshold                 ? 
_reflns.pdbx_signal_type                               ? 
_reflns.pdbx_signal_details                            ? 
_reflns.pdbx_signal_software_id                        ? 
# 
loop_
_reflns_shell.d_res_high 
_reflns_shell.d_res_low 
_reflns_shell.meanI_over_sigI_all 
_reflns_shell.meanI_over_sigI_obs 
_reflns_shell.number_measured_all 
_reflns_shell.number_measured_obs 
_reflns_shell.number_possible 
_reflns_shell.number_unique_all 
_reflns_shell.number_unique_obs 
_reflns_shell.percent_possible_all 
_reflns_shell.percent_possible_obs 
_reflns_shell.Rmerge_F_all 
_reflns_shell.Rmerge_F_obs 
_reflns_shell.Rmerge_I_all 
_reflns_shell.Rmerge_I_obs 
_reflns_shell.meanI_over_sigI_gt 
_reflns_shell.meanI_over_uI_all 
_reflns_shell.meanI_over_uI_gt 
_reflns_shell.number_measured_gt 
_reflns_shell.number_unique_gt 
_reflns_shell.percent_possible_gt 
_reflns_shell.Rmerge_F_gt 
_reflns_shell.Rmerge_I_gt 
_reflns_shell.pdbx_redundancy 
_reflns_shell.pdbx_Rsym_value 
_reflns_shell.pdbx_chi_squared 
_reflns_shell.pdbx_netI_over_sigmaI_all 
_reflns_shell.pdbx_netI_over_sigmaI_obs 
_reflns_shell.pdbx_Rrim_I_all 
_reflns_shell.pdbx_Rpim_I_all 
_reflns_shell.pdbx_rejects 
_reflns_shell.pdbx_ordinal 
_reflns_shell.pdbx_diffrn_id 
_reflns_shell.pdbx_CC_half 
_reflns_shell.pdbx_CC_star 
_reflns_shell.pdbx_R_split 
_reflns_shell.pdbx_percent_possible_ellipsoidal 
_reflns_shell.pdbx_percent_possible_spherical 
_reflns_shell.pdbx_percent_possible_ellipsoidal_anomalous 
_reflns_shell.pdbx_percent_possible_spherical_anomalous 
_reflns_shell.pdbx_redundancy_anomalous 
_reflns_shell.pdbx_CC_half_anomalous 
_reflns_shell.pdbx_absDiff_over_sigma_anomalous 
_reflns_shell.pdbx_percent_possible_anomalous 
1.730 1.760  ? ? 7810 ? ? ? 885 97.800 ? ? ? ? 0.970 ? ? ? ? ? ? ? ? 8.800 ? ? ? 2.100  1.028 0.336 ? 1 1 0.780 ? ? ? ? ? ? ? ? ? 
? 
8.980 48.960 ? ? 1567 ? ? ? 159 96.600 ? ? ? ? 0.035 ? ? ? ? ? ? ? ? 9.900 ? ? ? 64.900 0.037 0.011 ? 2 1 0.998 ? ? ? ? ? ? ? ? ? 
? 
# 
_refine.aniso_B[1][1]                            ? 
_refine.aniso_B[1][2]                            ? 
_refine.aniso_B[1][3]                            ? 
_refine.aniso_B[2][2]                            ? 
_refine.aniso_B[2][3]                            ? 
_refine.aniso_B[3][3]                            ? 
_refine.B_iso_max                                79.860 
_refine.B_iso_mean                               34.7001 
_refine.B_iso_min                                15.810 
_refine.correlation_coeff_Fo_to_Fc               ? 
_refine.correlation_coeff_Fo_to_Fc_free          ? 
_refine.details                                  ? 
_refine.diff_density_max                         ? 
_refine.diff_density_max_esd                     ? 
_refine.diff_density_min                         ? 
_refine.diff_density_min_esd                     ? 
_refine.diff_density_rms                         ? 
_refine.diff_density_rms_esd                     ? 
_refine.entry_id                                 7XJ7 
_refine.pdbx_refine_id                           'X-RAY DIFFRACTION' 
_refine.ls_abs_structure_details                 ? 
_refine.ls_abs_structure_Flack                   ? 
_refine.ls_abs_structure_Flack_esd               ? 
_refine.ls_abs_structure_Rogers                  ? 
_refine.ls_abs_structure_Rogers_esd              ? 
_refine.ls_d_res_high                            1.8000 
_refine.ls_d_res_low                             29.7700 
_refine.ls_extinction_coef                       ? 
_refine.ls_extinction_coef_esd                   ? 
_refine.ls_extinction_expression                 ? 
_refine.ls_extinction_method                     ? 
_refine.ls_goodness_of_fit_all                   ? 
_refine.ls_goodness_of_fit_all_esd               ? 
_refine.ls_goodness_of_fit_obs                   ? 
_refine.ls_goodness_of_fit_obs_esd               ? 
_refine.ls_hydrogen_treatment                    ? 
_refine.ls_matrix_type                           ? 
_refine.ls_number_constraints                    ? 
_refine.ls_number_parameters                     ? 
_refine.ls_number_reflns_all                     ? 
_refine.ls_number_reflns_obs                     14872 
_refine.ls_number_reflns_R_free                  743 
_refine.ls_number_reflns_R_work                  14129 
_refine.ls_number_restraints                     ? 
_refine.ls_percent_reflns_obs                    99.9000 
_refine.ls_percent_reflns_R_free                 5.0000 
_refine.ls_R_factor_all                          ? 
_refine.ls_R_factor_obs                          0.2267 
_refine.ls_R_factor_R_free                       0.2611 
_refine.ls_R_factor_R_free_error                 ? 
_refine.ls_R_factor_R_free_error_details         ? 
_refine.ls_R_factor_R_work                       0.2248 
_refine.ls_R_Fsqd_factor_obs                     ? 
_refine.ls_R_I_factor_obs                        ? 
_refine.ls_redundancy_reflns_all                 ? 
_refine.ls_redundancy_reflns_obs                 ? 
_refine.ls_restrained_S_all                      ? 
_refine.ls_restrained_S_obs                      ? 
_refine.ls_shift_over_esd_max                    ? 
_refine.ls_shift_over_esd_mean                   ? 
_refine.ls_structure_factor_coef                 ? 
_refine.ls_weighting_details                     ? 
_refine.ls_weighting_scheme                      ? 
_refine.ls_wR_factor_all                         ? 
_refine.ls_wR_factor_obs                         ? 
_refine.ls_wR_factor_R_free                      ? 
_refine.ls_wR_factor_R_work                      ? 
_refine.occupancy_max                            ? 
_refine.occupancy_min                            ? 
_refine.solvent_model_details                    'FLAT BULK SOLVENT MODEL' 
_refine.solvent_model_param_bsol                 ? 
_refine.solvent_model_param_ksol                 ? 
_refine.pdbx_R_complete                          ? 
_refine.ls_R_factor_gt                           ? 
_refine.ls_goodness_of_fit_gt                    ? 
_refine.ls_goodness_of_fit_ref                   ? 
_refine.ls_shift_over_su_max                     ? 
_refine.ls_shift_over_su_max_lt                  ? 
_refine.ls_shift_over_su_mean                    ? 
_refine.ls_shift_over_su_mean_lt                 ? 
_refine.pdbx_ls_sigma_I                          ? 
_refine.pdbx_ls_sigma_F                          1.360 
_refine.pdbx_ls_sigma_Fsqd                       ? 
_refine.pdbx_data_cutoff_high_absF               ? 
_refine.pdbx_data_cutoff_high_rms_absF           ? 
_refine.pdbx_data_cutoff_low_absF                ? 
_refine.pdbx_isotropic_thermal_model             ? 
_refine.pdbx_ls_cross_valid_method               THROUGHOUT 
_refine.pdbx_method_to_determine_struct          'MOLECULAR REPLACEMENT' 
_refine.pdbx_starting_model                      'pdbid 3QIN' 
_refine.pdbx_stereochemistry_target_values       ML 
_refine.pdbx_R_Free_selection_details            ? 
_refine.pdbx_stereochem_target_val_spec_case     ? 
_refine.pdbx_overall_ESU_R                       ? 
_refine.pdbx_overall_ESU_R_Free                  ? 
_refine.pdbx_solvent_vdw_probe_radii             1.1100 
_refine.pdbx_solvent_ion_probe_radii             ? 
_refine.pdbx_solvent_shrinkage_radii             0.9000 
_refine.pdbx_real_space_R                        ? 
_refine.pdbx_density_correlation                 ? 
_refine.pdbx_pd_number_of_powder_patterns        ? 
_refine.pdbx_pd_number_of_points                 ? 
_refine.pdbx_pd_meas_number_of_points            ? 
_refine.pdbx_pd_proc_ls_prof_R_factor            ? 
_refine.pdbx_pd_proc_ls_prof_wR_factor           ? 
_refine.pdbx_pd_Marquardt_correlation_coeff      ? 
_refine.pdbx_pd_Fsqrd_R_factor                   ? 
_refine.pdbx_pd_ls_matrix_band_width             ? 
_refine.pdbx_overall_phase_error                 26.0200 
_refine.pdbx_overall_SU_R_free_Cruickshank_DPI   ? 
_refine.pdbx_overall_SU_R_free_Blow_DPI          ? 
_refine.pdbx_overall_SU_R_Blow_DPI               ? 
_refine.pdbx_TLS_residual_ADP_flag               ? 
_refine.pdbx_diffrn_id                           1 
_refine.overall_SU_B                             ? 
_refine.overall_SU_ML                            0.1500 
_refine.overall_SU_R_Cruickshank_DPI             ? 
_refine.overall_SU_R_free                        ? 
_refine.overall_FOM_free_R_set                   ? 
_refine.overall_FOM_work_R_set                   ? 
_refine.pdbx_average_fsc_overall                 ? 
_refine.pdbx_average_fsc_work                    ? 
_refine.pdbx_average_fsc_free                    ? 
# 
_refine_hist.pdbx_refine_id                   'X-RAY DIFFRACTION' 
_refine_hist.cycle_id                         final 
_refine_hist.details                          ? 
_refine_hist.d_res_high                       1.8000 
_refine_hist.d_res_low                        29.7700 
_refine_hist.number_atoms_solvent             47 
_refine_hist.number_atoms_total               1233 
_refine_hist.number_reflns_all                ? 
_refine_hist.number_reflns_obs                ? 
_refine_hist.number_reflns_R_free             ? 
_refine_hist.number_reflns_R_work             ? 
_refine_hist.R_factor_all                     ? 
_refine_hist.R_factor_obs                     ? 
_refine_hist.R_factor_R_free                  ? 
_refine_hist.R_factor_R_work                  ? 
_refine_hist.pdbx_number_residues_total       149 
_refine_hist.pdbx_B_iso_mean_ligand           39.69 
_refine_hist.pdbx_B_iso_mean_solvent          36.25 
_refine_hist.pdbx_number_atoms_protein        1169 
_refine_hist.pdbx_number_atoms_nucleic_acid   0 
_refine_hist.pdbx_number_atoms_ligand         17 
_refine_hist.pdbx_number_atoms_lipid          ? 
_refine_hist.pdbx_number_atoms_carb           ? 
_refine_hist.pdbx_pseudo_atom_details         ? 
# 
loop_
_refine_ls_shell.pdbx_refine_id 
_refine_ls_shell.d_res_high 
_refine_ls_shell.d_res_low 
_refine_ls_shell.number_reflns_all 
_refine_ls_shell.number_reflns_obs 
_refine_ls_shell.number_reflns_R_free 
_refine_ls_shell.number_reflns_R_work 
_refine_ls_shell.percent_reflns_obs 
_refine_ls_shell.percent_reflns_R_free 
_refine_ls_shell.R_factor_all 
_refine_ls_shell.R_factor_obs 
_refine_ls_shell.R_factor_R_free 
_refine_ls_shell.R_factor_R_free_error 
_refine_ls_shell.R_factor_R_work 
_refine_ls_shell.redundancy_reflns_all 
_refine_ls_shell.redundancy_reflns_obs 
_refine_ls_shell.wR_factor_all 
_refine_ls_shell.wR_factor_obs 
_refine_ls_shell.wR_factor_R_free 
_refine_ls_shell.wR_factor_R_work 
_refine_ls_shell.pdbx_R_complete 
_refine_ls_shell.pdbx_total_number_of_bins_used 
_refine_ls_shell.pdbx_phase_error 
_refine_ls_shell.pdbx_fsc_work 
_refine_ls_shell.pdbx_fsc_free 
'X-RAY DIFFRACTION' 1.8000 1.9400  2888 . 144 2744 100.0000 . . . 0.2757 0.0000 0.2259 . . . . . . . 5 . . . 
'X-RAY DIFFRACTION' 1.9400 2.1400  2921 . 146 2775 100.0000 . . . 0.2640 0.0000 0.2319 . . . . . . . 5 . . . 
'X-RAY DIFFRACTION' 2.1400 2.4400  2954 . 148 2806 100.0000 . . . 0.2854 0.0000 0.2316 . . . . . . . 5 . . . 
'X-RAY DIFFRACTION' 2.4500 3.0800  2971 . 148 2823 100.0000 . . . 0.2732 0.0000 0.2475 . . . . . . . 5 . . . 
'X-RAY DIFFRACTION' 3.0800 29.7700 3138 . 157 2981 100.0000 . . . 0.2468 0.0000 0.2122 . . . . . . . 5 . . . 
# 
_struct.entry_id                     7XJ7 
_struct.title                        
;Crystal structure of engineered HIV-1 Reverse Transcriptase RNase H domain complexed with nitrofuran methoxy(methoxycarbonyl)phenyl ester
;
_struct.pdbx_model_details           ? 
_struct.pdbx_formula_weight          ? 
_struct.pdbx_formula_weight_method   ? 
_struct.pdbx_model_type_details      ? 
_struct.pdbx_CASP_flag               N 
# 
_struct_keywords.entry_id        7XJ7 
_struct_keywords.text            'ribonuclease, VIRAL PROTEIN' 
_struct_keywords.pdbx_keywords   'VIRAL PROTEIN' 
# 
loop_
_struct_asym.id 
_struct_asym.pdbx_blank_PDB_chainid_flag 
_struct_asym.pdbx_modified 
_struct_asym.entity_id 
_struct_asym.details 
A N N 1 ? 
B N N 2 ? 
C N N 2 ? 
D N N 3 ? 
E N N 3 ? 
F N N 4 ? 
G N N 5 ? 
# 
loop_
_struct_conf.conf_type_id 
_struct_conf.id 
_struct_conf.pdbx_PDB_helix_id 
_struct_conf.beg_label_comp_id 
_struct_conf.beg_label_asym_id 
_struct_conf.beg_label_seq_id 
_struct_conf.pdbx_beg_PDB_ins_code 
_struct_conf.end_label_comp_id 
_struct_conf.end_label_asym_id 
_struct_conf.end_label_seq_id 
_struct_conf.pdbx_end_PDB_ins_code 
_struct_conf.beg_auth_comp_id 
_struct_conf.beg_auth_asym_id 
_struct_conf.beg_auth_seq_id 
_struct_conf.end_auth_comp_id 
_struct_conf.end_auth_asym_id 
_struct_conf.end_auth_seq_id 
_struct_conf.pdbx_PDB_helix_class 
_struct_conf.details 
_struct_conf.pdbx_PDB_helix_length 
HELX_P HELX_P1 AA1 THR A 53  ? SER A 69  ? THR A 53  SER A 69  1 ? 17 
HELX_P HELX_P2 AA2 SER A 79  ? ASN A 92  ? SER A 79  ASN A 92  1 ? 14 
HELX_P HELX_P3 AA3 ASN A 104 ? LYS A 117 ? ASN A 104 LYS A 117 1 ? 14 
HELX_P HELX_P4 AA4 GLY A 133 ? ALA A 144 ? GLY A 133 ALA A 144 1 ? 12 
# 
_struct_conf_type.id          HELX_P 
_struct_conf_type.criteria    ? 
_struct_conf_type.reference   ? 
# 
loop_
_struct_conn.id 
_struct_conn.conn_type_id 
_struct_conn.pdbx_leaving_atom_flag 
_struct_conn.pdbx_PDB_id 
_struct_conn.ptnr1_label_asym_id 
_struct_conn.ptnr1_label_comp_id 
_struct_conn.ptnr1_label_seq_id 
_struct_conn.ptnr1_label_atom_id 
_struct_conn.pdbx_ptnr1_label_alt_id 
_struct_conn.pdbx_ptnr1_PDB_ins_code 
_struct_conn.pdbx_ptnr1_standard_comp_id 
_struct_conn.ptnr1_symmetry 
_struct_conn.ptnr2_label_asym_id 
_struct_conn.ptnr2_label_comp_id 
_struct_conn.ptnr2_label_seq_id 
_struct_conn.ptnr2_label_atom_id 
_struct_conn.pdbx_ptnr2_label_alt_id 
_struct_conn.pdbx_ptnr2_PDB_ins_code 
_struct_conn.ptnr1_auth_asym_id 
_struct_conn.ptnr1_auth_comp_id 
_struct_conn.ptnr1_auth_seq_id 
_struct_conn.ptnr2_auth_asym_id 
_struct_conn.ptnr2_auth_comp_id 
_struct_conn.ptnr2_auth_seq_id 
_struct_conn.ptnr2_symmetry 
_struct_conn.pdbx_ptnr3_label_atom_id 
_struct_conn.pdbx_ptnr3_label_seq_id 
_struct_conn.pdbx_ptnr3_label_comp_id 
_struct_conn.pdbx_ptnr3_label_asym_id 
_struct_conn.pdbx_ptnr3_label_alt_id 
_struct_conn.pdbx_ptnr3_PDB_ins_code 
_struct_conn.details 
_struct_conn.pdbx_dist_value 
_struct_conn.pdbx_value_order 
_struct_conn.pdbx_role 
metalc1  metalc ? ? A ASP 23  OD1 ? ? ? 1_555 B MN  . MN  ? ? A ASP 23  A MN  201 1_555 ? ? ? ? ? ? ? 1.941 ? ? 
metalc2  metalc ? ? A ASP 23  OD2 ? ? ? 1_555 C MN  . MN  ? ? A ASP 23  A MN  202 1_555 ? ? ? ? ? ? ? 1.973 ? ? 
metalc3  metalc ? ? A ASP 51  OD1 ? ? ? 1_555 E ZN  . ZN  ? ? A ASP 51  A ZN  204 1_555 ? ? ? ? ? ? ? 2.050 ? ? 
metalc4  metalc ? ? A ASP 51  OD2 ? ? ? 1_555 E ZN  . ZN  ? ? A ASP 51  A ZN  204 1_555 ? ? ? ? ? ? ? 2.543 ? ? 
metalc5  metalc ? ? A GLU 58  OE2 ? ? ? 1_555 B MN  . MN  ? ? A GLU 58  A MN  201 1_555 ? ? ? ? ? ? ? 1.814 ? ? 
metalc6  metalc ? ? A GLU 72  OE2 ? ? ? 1_555 D ZN  . ZN  ? ? A GLU 72  A ZN  203 1_555 ? ? ? ? ? ? ? 1.821 ? ? 
metalc7  metalc ? ? A ASP 78  OD1 ? ? ? 1_555 B MN  . MN  ? ? A ASP 78  A MN  201 1_555 ? ? ? ? ? ? ? 1.951 ? ? 
metalc8  metalc ? ? A ASP 78  OD2 ? ? ? 1_555 C MN  . MN  ? ? A ASP 78  A MN  202 1_555 ? ? ? ? ? ? ? 2.363 ? ? 
metalc9  metalc ? ? A HIS 91  ND1 ? ? ? 1_555 D ZN  . ZN  ? ? A HIS 91  A ZN  203 4_444 ? ? ? ? ? ? ? 2.183 ? ? 
metalc10 metalc ? ? A GLU 119 OE1 ? ? ? 1_555 D ZN  . ZN  ? ? A GLU 119 A ZN  203 1_555 ? ? ? ? ? ? ? 1.950 ? ? 
metalc11 metalc ? ? A HIS 129 NE2 ? ? ? 1_555 E ZN  . ZN  ? ? A HIS 129 A ZN  204 6_454 ? ? ? ? ? ? ? 2.187 ? ? 
metalc12 metalc ? ? A GLU 136 OE1 ? ? ? 1_555 E ZN  . ZN  ? ? A GLU 136 A ZN  204 6_454 ? ? ? ? ? ? ? 2.109 ? ? 
metalc13 metalc ? ? A ASP 139 OD1 ? ? ? 1_555 C MN  . MN  ? ? A ASP 139 A MN  202 1_555 ? ? ? ? ? ? ? 2.330 ? ? 
metalc14 metalc ? ? C MN  .   MN  ? ? ? 1_555 F EGI . OAJ ? ? A MN  202 A EGI 205 1_555 ? ? ? ? ? ? ? 2.459 ? ? 
metalc15 metalc ? ? C MN  .   MN  ? ? ? 1_555 F EGI . SAA ? ? A MN  202 A EGI 205 1_555 ? ? ? ? ? ? ? 2.671 ? ? 
metalc16 metalc ? ? C MN  .   MN  ? ? ? 1_555 G HOH . O   ? ? A MN  202 A HOH 322 1_555 ? ? ? ? ? ? ? 1.936 ? ? 
metalc17 metalc ? ? D ZN  .   ZN  ? ? ? 1_555 G HOH . O   ? ? A ZN  203 A HOH 339 1_555 ? ? ? ? ? ? ? 2.218 ? ? 
metalc18 metalc ? ? E ZN  .   ZN  ? ? ? 1_555 G HOH . O   ? ? A ZN  204 A HOH 342 1_555 ? ? ? ? ? ? ? 2.226 ? ? 
# 
_struct_conn_type.id          metalc 
_struct_conn_type.criteria    ? 
_struct_conn_type.reference   ? 
# 
_struct_sheet.id               AA1 
_struct_sheet.type             ? 
_struct_sheet.number_strands   5 
_struct_sheet.details          ? 
# 
loop_
_struct_sheet_order.sheet_id 
_struct_sheet_order.range_id_1 
_struct_sheet_order.range_id_2 
_struct_sheet_order.offset 
_struct_sheet_order.sense 
AA1 1 2 ? anti-parallel 
AA1 2 3 ? anti-parallel 
AA1 3 4 ? parallel      
AA1 4 5 ? parallel      
# 
loop_
_struct_sheet_range.sheet_id 
_struct_sheet_range.id 
_struct_sheet_range.beg_label_comp_id 
_struct_sheet_range.beg_label_asym_id 
_struct_sheet_range.beg_label_seq_id 
_struct_sheet_range.pdbx_beg_PDB_ins_code 
_struct_sheet_range.end_label_comp_id 
_struct_sheet_range.end_label_asym_id 
_struct_sheet_range.end_label_seq_id 
_struct_sheet_range.pdbx_end_PDB_ins_code 
_struct_sheet_range.beg_auth_comp_id 
_struct_sheet_range.beg_auth_asym_id 
_struct_sheet_range.beg_auth_seq_id 
_struct_sheet_range.end_auth_comp_id 
_struct_sheet_range.end_auth_asym_id 
_struct_sheet_range.end_auth_seq_id 
AA1 1 GLN A 44  ? LEU A 49  ? GLN A 44  LEU A 49  
AA1 2 LEU A 32  ? THR A 39  ? LEU A 32  THR A 39  
AA1 3 THR A 19  ? ASN A 27  ? THR A 19  ASN A 27  
AA1 4 GLU A 72  ? THR A 77  ? GLU A 72  THR A 77  
AA1 5 LYS A 120 ? TRP A 125 ? LYS A 120 TRP A 125 
# 
loop_
_pdbx_struct_sheet_hbond.sheet_id 
_pdbx_struct_sheet_hbond.range_id_1 
_pdbx_struct_sheet_hbond.range_id_2 
_pdbx_struct_sheet_hbond.range_1_label_atom_id 
_pdbx_struct_sheet_hbond.range_1_label_comp_id 
_pdbx_struct_sheet_hbond.range_1_label_asym_id 
_pdbx_struct_sheet_hbond.range_1_label_seq_id 
_pdbx_struct_sheet_hbond.range_1_PDB_ins_code 
_pdbx_struct_sheet_hbond.range_1_auth_atom_id 
_pdbx_struct_sheet_hbond.range_1_auth_comp_id 
_pdbx_struct_sheet_hbond.range_1_auth_asym_id 
_pdbx_struct_sheet_hbond.range_1_auth_seq_id 
_pdbx_struct_sheet_hbond.range_2_label_atom_id 
_pdbx_struct_sheet_hbond.range_2_label_comp_id 
_pdbx_struct_sheet_hbond.range_2_label_asym_id 
_pdbx_struct_sheet_hbond.range_2_label_seq_id 
_pdbx_struct_sheet_hbond.range_2_PDB_ins_code 
_pdbx_struct_sheet_hbond.range_2_auth_atom_id 
_pdbx_struct_sheet_hbond.range_2_auth_comp_id 
_pdbx_struct_sheet_hbond.range_2_auth_asym_id 
_pdbx_struct_sheet_hbond.range_2_auth_seq_id 
AA1 1 2 O LEU A 49 ? O LEU A 49 N GLY A 33  ? N GLY A 33  
AA1 2 3 O VAL A 38 ? O VAL A 38 N TYR A 21  ? N TYR A 21  
AA1 3 4 N PHE A 20 ? N PHE A 20 O ASN A 74  ? O ASN A 74  
AA1 4 5 N ILE A 75 ? N ILE A 75 O TYR A 122 ? O TYR A 122 
# 
_atom_sites.entry_id                    7XJ7 
_atom_sites.Cartn_transf_matrix[1][1]   ? 
_atom_sites.Cartn_transf_matrix[1][2]   ? 
_atom_sites.Cartn_transf_matrix[1][3]   ? 
_atom_sites.Cartn_transf_matrix[2][1]   ? 
_atom_sites.Cartn_transf_matrix[2][2]   ? 
_atom_sites.Cartn_transf_matrix[2][3]   ? 
_atom_sites.Cartn_transf_matrix[3][1]   ? 
_atom_sites.Cartn_transf_matrix[3][2]   ? 
_atom_sites.Cartn_transf_matrix[3][3]   ? 
_atom_sites.Cartn_transf_vector[1]      ? 
_atom_sites.Cartn_transf_vector[2]      ? 
_atom_sites.Cartn_transf_vector[3]      ? 
_atom_sites.fract_transf_matrix[1][1]   -0.00223239 
_atom_sites.fract_transf_matrix[1][2]   0.01568832 
_atom_sites.fract_transf_matrix[1][3]   0.00439298 
_atom_sites.fract_transf_matrix[2][1]   0.00192844 
_atom_sites.fract_transf_matrix[2][2]   -0.00414840 
_atom_sites.fract_transf_matrix[2][3]   0.01579484 
_atom_sites.fract_transf_matrix[3][1]   0.01192338 
_atom_sites.fract_transf_matrix[3][2]   0.00196014 
_atom_sites.fract_transf_matrix[3][3]   -0.00094094 
_atom_sites.fract_transf_vector[1]      -0.224692 
_atom_sites.fract_transf_vector[2]      0.146149 
_atom_sites.fract_transf_vector[3]      -0.065995 
_atom_sites.solution_primary            ? 
_atom_sites.solution_secondary          ? 
_atom_sites.solution_hydrogens          ? 
_atom_sites.special_details             ? 
# 
loop_
_atom_type.symbol 
BR 
C  
MN 
N  
O  
S  
ZN 
# 
loop_
_atom_site.group_PDB 
_atom_site.id 
_atom_site.type_symbol 
_atom_site.label_atom_id 
_atom_site.label_alt_id 
_atom_site.label_comp_id 
_atom_site.label_asym_id 
_atom_site.label_entity_id 
_atom_site.label_seq_id 
_atom_site.pdbx_PDB_ins_code 
_atom_site.Cartn_x 
_atom_site.Cartn_y 
_atom_site.Cartn_z 
_atom_site.occupancy 
_atom_site.B_iso_or_equiv 
_atom_site.pdbx_formal_charge 
_atom_site.auth_seq_id 
_atom_site.auth_comp_id 
_atom_site.auth_asym_id 
_atom_site.auth_atom_id 
_atom_site.pdbx_PDB_model_num 
ATOM   1    N  N   . SER A 1 5   ? 5.423   -4.898  -19.689 1.00 74.35 ? 5   SER A N   1 
ATOM   2    C  CA  . SER A 1 5   ? 5.134   -3.488  -19.403 1.00 69.95 ? 5   SER A CA  1 
ATOM   3    C  C   . SER A 1 5   ? 6.429   -2.804  -18.965 1.00 73.14 ? 5   SER A C   1 
ATOM   4    O  O   . SER A 1 5   ? 7.500   -3.419  -18.980 1.00 74.25 ? 5   SER A O   1 
ATOM   5    C  CB  . SER A 1 5   ? 4.059   -3.352  -18.329 1.00 66.08 ? 5   SER A CB  1 
ATOM   6    O  OG  . SER A 1 5   ? 2.793   -3.677  -18.861 1.00 63.57 ? 5   SER A OG  1 
ATOM   7    N  N   . MET A 1 6   ? 6.333   -1.531  -18.538 1.00 72.33 ? 6   MET A N   1 
ATOM   8    C  CA  . MET A 1 6   ? 7.473   -0.776  -17.997 1.00 71.08 ? 6   MET A CA  1 
ATOM   9    C  C   . MET A 1 6   ? 7.914   -1.296  -16.622 1.00 69.66 ? 6   MET A C   1 
ATOM   10   O  O   . MET A 1 6   ? 8.654   -0.619  -15.896 1.00 67.01 ? 6   MET A O   1 
ATOM   11   C  CB  . MET A 1 6   ? 7.101   0.701   -17.861 1.00 67.84 ? 6   MET A CB  1 
ATOM   12   C  CG  . MET A 1 6   ? 8.239   1.748   -17.927 1.00 67.15 ? 6   MET A CG  1 
ATOM   13   S  SD  . MET A 1 6   ? 9.629   1.486   -19.053 1.00 75.43 ? 6   MET A SD  1 
ATOM   14   C  CE  . MET A 1 6   ? 9.124   2.526   -20.435 1.00 57.71 ? 6   MET A CE  1 
ATOM   15   N  N   . TYR A 1 7   ? 7.416   -2.467  -16.252 1.00 68.66 ? 7   TYR A N   1 
ATOM   16   C  CA  . TYR A 1 7   ? 7.534   -3.098  -14.948 1.00 62.64 ? 7   TYR A CA  1 
ATOM   17   C  C   . TYR A 1 7   ? 6.572   -4.273  -14.924 1.00 61.49 ? 7   TYR A C   1 
ATOM   18   O  O   . TYR A 1 7   ? 5.574   -4.273  -15.651 1.00 63.80 ? 7   TYR A O   1 
ATOM   19   C  CB  . TYR A 1 7   ? 7.204   -2.152  -13.790 1.00 59.85 ? 7   TYR A CB  1 
ATOM   20   C  CG  . TYR A 1 7   ? 7.953   -2.565  -12.546 1.00 57.04 ? 7   TYR A CG  1 
ATOM   21   C  CD1 . TYR A 1 7   ? 9.307   -2.293  -12.405 1.00 52.77 ? 7   TYR A CD1 1 
ATOM   22   C  CD2 . TYR A 1 7   ? 7.328   -3.310  -11.553 1.00 52.90 ? 7   TYR A CD2 1 
ATOM   23   C  CE1 . TYR A 1 7   ? 9.993   -2.699  -11.296 1.00 46.52 ? 7   TYR A CE1 1 
ATOM   24   C  CE2 . TYR A 1 7   ? 8.015   -3.716  -10.457 1.00 47.44 ? 7   TYR A CE2 1 
ATOM   25   C  CZ  . TYR A 1 7   ? 9.336   -3.404  -10.337 1.00 42.53 ? 7   TYR A CZ  1 
ATOM   26   O  OH  . TYR A 1 7   ? 9.999   -3.824  -9.230  1.00 41.48 ? 7   TYR A OH  1 
ATOM   27   N  N   . GLN A 1 8   ? 6.841   -5.284  -14.109 1.00 53.94 ? 8   GLN A N   1 
ATOM   28   C  CA  . GLN A 1 8   ? 5.793   -6.260  -13.846 1.00 51.83 ? 8   GLN A CA  1 
ATOM   29   C  C   . GLN A 1 8   ? 5.966   -6.753  -12.425 1.00 43.57 ? 8   GLN A C   1 
ATOM   30   O  O   . GLN A 1 8   ? 7.079   -7.106  -12.030 1.00 44.39 ? 8   GLN A O   1 
ATOM   31   C  CB  . GLN A 1 8   ? 5.811   -7.425  -14.837 1.00 52.77 ? 8   GLN A CB  1 
ATOM   32   C  CG  . GLN A 1 8   ? 4.425   -8.005  -15.065 1.00 53.66 ? 8   GLN A CG  1 
ATOM   33   C  CD  . GLN A 1 8   ? 3.556   -7.103  -15.941 1.00 59.42 ? 8   GLN A CD  1 
ATOM   34   O  OE1 . GLN A 1 8   ? 2.840   -6.232  -15.439 1.00 52.75 ? 8   GLN A OE1 1 
ATOM   35   N  NE2 . GLN A 1 8   ? 3.629   -7.300  -17.251 1.00 64.74 ? 8   GLN A NE2 1 
ATOM   36   N  N   . LEU A 1 9   ? 4.885   -6.733  -11.656 1.00 41.10 ? 9   LEU A N   1 
ATOM   37   C  CA  . LEU A 1 9   ? 4.969   -7.201  -10.284 1.00 37.20 ? 9   LEU A CA  1 
ATOM   38   C  C   . LEU A 1 9   ? 5.212   -8.702  -10.273 1.00 34.53 ? 9   LEU A C   1 
ATOM   39   O  O   . LEU A 1 9   ? 4.900   -9.407  -11.235 1.00 30.92 ? 9   LEU A O   1 
ATOM   40   C  CB  . LEU A 1 9   ? 3.699   -6.842  -9.520  1.00 34.89 ? 9   LEU A CB  1 
ATOM   41   C  CG  . LEU A 1 9   ? 3.384   -5.345  -9.609  1.00 38.05 ? 9   LEU A CG  1 
ATOM   42   C  CD1 . LEU A 1 9   ? 1.977   -5.038  -9.097  1.00 38.72 ? 9   LEU A CD1 1 
ATOM   43   C  CD2 . LEU A 1 9   ? 4.412   -4.534  -8.854  1.00 39.50 ? 9   LEU A CD2 1 
ATOM   44   N  N   . GLU A 1 10  ? 5.819   -9.177  -9.194  1.00 29.55 ? 10  GLU A N   1 
ATOM   45   C  CA  . GLU A 1 10  ? 6.113   -10.588 -9.048  1.00 30.27 ? 10  GLU A CA  1 
ATOM   46   C  C   . GLU A 1 10  ? 4.826   -11.391 -8.924  1.00 29.49 ? 10  GLU A C   1 
ATOM   47   O  O   . GLU A 1 10  ? 3.839   -10.932 -8.358  1.00 30.53 ? 10  GLU A O   1 
ATOM   48   C  CB  . GLU A 1 10  ? 6.979   -10.808 -7.813  1.00 31.36 ? 10  GLU A CB  1 
ATOM   49   C  CG  . GLU A 1 10  ? 8.308   -10.088 -7.891  1.00 27.86 ? 10  GLU A CG  1 
ATOM   50   C  CD  . GLU A 1 10  ? 9.175   -10.685 -8.980  1.00 33.19 ? 10  GLU A CD  1 
ATOM   51   O  OE1 . GLU A 1 10  ? 9.316   -11.930 -8.960  1.00 34.62 ? 10  GLU A OE1 1 
ATOM   52   O  OE2 . GLU A 1 10  ? 9.670   -9.939  -9.861  1.00 35.10 ? 10  GLU A OE2 1 
ATOM   53   N  N   . LYS A 1 11  ? 4.858   -12.620 -9.426  1.00 31.76 ? 11  LYS A N   1 
ATOM   54   C  CA  . LYS A 1 11  ? 3.670   -13.464 -9.378  1.00 33.12 ? 11  LYS A CA  1 
ATOM   55   C  C   . LYS A 1 11  ? 3.537   -14.211 -8.058  1.00 33.62 ? 11  LYS A C   1 
ATOM   56   O  O   . LYS A 1 11  ? 2.465   -14.745 -7.761  1.00 35.56 ? 11  LYS A O   1 
ATOM   57   C  CB  . LYS A 1 11  ? 3.695   -14.428 -10.566 1.00 36.77 ? 11  LYS A CB  1 
ATOM   58   C  CG  . LYS A 1 11  ? 2.991   -13.811 -11.758 1.00 43.18 ? 11  LYS A CG  1 
ATOM   59   C  CD  . LYS A 1 11  ? 3.654   -14.145 -13.074 1.00 48.29 ? 11  LYS A CD  1 
ATOM   60   C  CE  . LYS A 1 11  ? 2.772   -13.658 -14.214 1.00 49.89 ? 11  LYS A CE  1 
ATOM   61   N  NZ  . LYS A 1 11  ? 2.857   -14.501 -15.439 1.00 63.15 ? 11  LYS A NZ  1 
ATOM   62   N  N   . GLU A 1 12  ? 4.586   -14.238 -7.251  1.00 30.51 ? 12  GLU A N   1 
ATOM   63   C  CA  . GLU A 1 12  ? 4.582   -14.900 -5.956  1.00 30.97 ? 12  GLU A CA  1 
ATOM   64   C  C   . GLU A 1 12  ? 5.601   -14.191 -5.080  1.00 29.61 ? 12  GLU A C   1 
ATOM   65   O  O   . GLU A 1 12  ? 6.439   -13.442 -5.595  1.00 28.18 ? 12  GLU A O   1 
ATOM   66   C  CB  . GLU A 1 12  ? 4.935   -16.386 -6.093  1.00 32.76 ? 12  GLU A CB  1 
ATOM   67   C  CG  . GLU A 1 12  ? 6.322   -16.613 -6.643  1.00 34.12 ? 12  GLU A CG  1 
ATOM   68   C  CD  . GLU A 1 12  ? 6.309   -16.696 -8.166  1.00 39.20 ? 12  GLU A CD  1 
ATOM   69   O  OE1 . GLU A 1 12  ? 5.337   -17.241 -8.745  1.00 35.42 ? 12  GLU A OE1 1 
ATOM   70   O  OE2 . GLU A 1 12  ? 7.241   -16.153 -8.787  1.00 38.75 ? 12  GLU A OE2 1 
ATOM   71   N  N   . PRO A 1 13  ? 5.561   -14.399 -3.764  1.00 29.42 ? 13  PRO A N   1 
ATOM   72   C  CA  . PRO A 1 13  ? 6.433   -13.610 -2.885  1.00 26.68 ? 13  PRO A CA  1 
ATOM   73   C  C   . PRO A 1 13  ? 7.908   -13.819 -3.191  1.00 30.60 ? 13  PRO A C   1 
ATOM   74   O  O   . PRO A 1 13  ? 8.338   -14.894 -3.632  1.00 26.61 ? 13  PRO A O   1 
ATOM   75   C  CB  . PRO A 1 13  ? 6.076   -14.119 -1.489  1.00 26.93 ? 13  PRO A CB  1 
ATOM   76   C  CG  . PRO A 1 13  ? 4.666   -14.608 -1.625  1.00 29.04 ? 13  PRO A CG  1 
ATOM   77   C  CD  . PRO A 1 13  ? 4.668   -15.272 -2.971  1.00 28.26 ? 13  PRO A CD  1 
ATOM   78   N  N   . ILE A 1 14  ? 8.675   -12.757 -2.962  1.00 25.64 ? 14  ILE A N   1 
ATOM   79   C  CA  . ILE A 1 14  ? 10.115  -12.756 -3.192  1.00 25.25 ? 14  ILE A CA  1 
ATOM   80   C  C   . ILE A 1 14  ? 10.772  -13.461 -2.007  1.00 26.46 ? 14  ILE A C   1 
ATOM   81   O  O   . ILE A 1 14  ? 10.782  -12.947 -0.882  1.00 25.78 ? 14  ILE A O   1 
ATOM   82   C  CB  . ILE A 1 14  ? 10.664  -11.336 -3.364  1.00 27.61 ? 14  ILE A CB  1 
ATOM   83   C  CG1 . ILE A 1 14  ? 9.962   -10.608 -4.519  1.00 26.90 ? 14  ILE A CG1 1 
ATOM   84   C  CG2 . ILE A 1 14  ? 12.204  -11.409 -3.559  1.00 31.79 ? 14  ILE A CG2 1 
ATOM   85   C  CD1 . ILE A 1 14  ? 9.915   -9.042  -4.368  1.00 25.90 ? 14  ILE A CD1 1 
ATOM   86   N  N   . VAL A 1 15  ? 11.290  -14.671 -2.239  1.00 27.05 ? 15  VAL A N   1 
ATOM   87   C  CA  . VAL A 1 15  ? 11.830  -15.434 -1.125  1.00 27.97 ? 15  VAL A CA  1 
ATOM   88   C  C   . VAL A 1 15  ? 13.056  -14.709 -0.598  1.00 31.31 ? 15  VAL A C   1 
ATOM   89   O  O   . VAL A 1 15  ? 13.879  -14.214 -1.377  1.00 30.68 ? 15  VAL A O   1 
ATOM   90   C  CB  . VAL A 1 15  ? 12.162  -16.872 -1.556  1.00 28.72 ? 15  VAL A CB  1 
ATOM   91   C  CG1 . VAL A 1 15  ? 12.763  -17.601 -0.401  1.00 31.09 ? 15  VAL A CG1 1 
ATOM   92   C  CG2 . VAL A 1 15  ? 10.910  -17.576 -1.969  1.00 30.25 ? 15  VAL A CG2 1 
ATOM   93   N  N   . GLY A 1 16  ? 13.161  -14.602 0.727   1.00 30.89 ? 16  GLY A N   1 
ATOM   94   C  CA  . GLY A 1 16  ? 14.273  -13.920 1.357   1.00 29.86 ? 16  GLY A CA  1 
ATOM   95   C  C   . GLY A 1 16  ? 14.072  -12.441 1.656   1.00 36.18 ? 16  GLY A C   1 
ATOM   96   O  O   . GLY A 1 16  ? 14.820  -11.888 2.478   1.00 38.60 ? 16  GLY A O   1 
ATOM   97   N  N   . ALA A 1 17  ? 13.100  -11.777 1.018   1.00 27.65 ? 17  ALA A N   1 
ATOM   98   C  CA  . ALA A 1 17  ? 12.938  -10.324 1.091   1.00 29.83 ? 17  ALA A CA  1 
ATOM   99   C  C   . ALA A 1 17  ? 12.058  -9.933  2.270   1.00 31.03 ? 17  ALA A C   1 
ATOM   100  O  O   . ALA A 1 17  ? 11.149  -10.668 2.651   1.00 27.23 ? 17  ALA A O   1 
ATOM   101  C  CB  . ALA A 1 17  ? 12.327  -9.760  -0.198  1.00 29.70 ? 17  ALA A CB  1 
ATOM   102  N  N   . GLU A 1 18  ? 12.339  -8.754  2.850   1.00 26.89 ? 18  GLU A N   1 
ATOM   103  C  CA  . GLU A 1 18  ? 11.544  -8.269  3.981   1.00 27.98 ? 18  GLU A CA  1 
ATOM   104  C  C   . GLU A 1 18  ? 10.106  -8.034  3.540   1.00 26.85 ? 18  GLU A C   1 
ATOM   105  O  O   . GLU A 1 18  ? 9.863   -7.600  2.416   1.00 26.80 ? 18  GLU A O   1 
ATOM   106  C  CB  . GLU A 1 18  ? 12.139  -6.958  4.511   1.00 29.33 ? 18  GLU A CB  1 
ATOM   107  C  CG  . GLU A 1 18  ? 11.399  -6.327  5.677   1.00 30.33 ? 18  GLU A CG  1 
ATOM   108  C  CD  . GLU A 1 18  ? 12.213  -5.188  6.291   1.00 32.29 ? 18  GLU A CD  1 
ATOM   109  O  OE1 . GLU A 1 18  ? 13.224  -4.781  5.663   1.00 35.34 ? 18  GLU A OE1 1 
ATOM   110  O  OE2 . GLU A 1 18  ? 11.850  -4.735  7.389   1.00 32.92 ? 18  GLU A OE2 1 
ATOM   111  N  N   . THR A 1 19  ? 9.153   -8.330  4.425   1.00 23.56 ? 19  THR A N   1 
ATOM   112  C  CA  . THR A 1 19  ? 7.728   -8.187  4.126   1.00 23.29 ? 19  THR A CA  1 
ATOM   113  C  C   . THR A 1 19  ? 7.127   -7.048  4.925   1.00 21.90 ? 19  THR A C   1 
ATOM   114  O  O   . THR A 1 19  ? 7.226   -7.032  6.157   1.00 27.52 ? 19  THR A O   1 
ATOM   115  C  CB  . THR A 1 19  ? 6.968   -9.468  4.460   1.00 25.61 ? 19  THR A CB  1 
ATOM   116  O  OG1 . THR A 1 19  ? 7.358   -10.465 3.526   1.00 25.09 ? 19  THR A OG1 1 
ATOM   117  C  CG2 . THR A 1 19  ? 5.443   -9.248  4.353   1.00 24.11 ? 19  THR A CG2 1 
ATOM   118  N  N   . PHE A 1 20  ? 6.474   -6.129  4.226   1.00 22.32 ? 20  PHE A N   1 
ATOM   119  C  CA  . PHE A 1 20  ? 5.796   -4.999  4.847   1.00 21.91 ? 20  PHE A CA  1 
ATOM   120  C  C   . PHE A 1 20  ? 4.302   -5.281  4.855   1.00 23.38 ? 20  PHE A C   1 
ATOM   121  O  O   . PHE A 1 20  ? 3.705   -5.403  3.792   1.00 23.73 ? 20  PHE A O   1 
ATOM   122  C  CB  . PHE A 1 20  ? 6.071   -3.712  4.075   1.00 22.40 ? 20  PHE A CB  1 
ATOM   123  C  CG  . PHE A 1 20  ? 7.472   -3.194  4.237   1.00 25.98 ? 20  PHE A CG  1 
ATOM   124  C  CD1 . PHE A 1 20  ? 8.557   -3.926  3.779   1.00 26.97 ? 20  PHE A CD1 1 
ATOM   125  C  CD2 . PHE A 1 20  ? 7.707   -1.977  4.856   1.00 26.86 ? 20  PHE A CD2 1 
ATOM   126  C  CE1 . PHE A 1 20  ? 9.864   -3.462  3.957   1.00 27.26 ? 20  PHE A CE1 1 
ATOM   127  C  CE2 . PHE A 1 20  ? 9.001   -1.504  5.027   1.00 28.80 ? 20  PHE A CE2 1 
ATOM   128  C  CZ  . PHE A 1 20  ? 10.080  -2.234  4.576   1.00 31.74 ? 20  PHE A CZ  1 
ATOM   129  N  N   . TYR A 1 21  ? 3.716   -5.389  6.036   1.00 21.46 ? 21  TYR A N   1 
ATOM   130  C  CA  . TYR A 1 21  ? 2.265   -5.473  6.188   1.00 23.84 ? 21  TYR A CA  1 
ATOM   131  C  C   . TYR A 1 21  ? 1.747   -4.043  6.319   1.00 24.17 ? 21  TYR A C   1 
ATOM   132  O  O   . TYR A 1 21  ? 1.976   -3.397  7.348   1.00 24.78 ? 21  TYR A O   1 
ATOM   133  C  CB  . TYR A 1 21  ? 1.885   -6.315  7.400   1.00 24.53 ? 21  TYR A CB  1 
ATOM   134  C  CG  . TYR A 1 21  ? 2.323   -7.761  7.315   1.00 22.53 ? 21  TYR A CG  1 
ATOM   135  C  CD1 . TYR A 1 21  ? 1.495   -8.728  6.742   1.00 25.51 ? 21  TYR A CD1 1 
ATOM   136  C  CD2 . TYR A 1 21  ? 3.559   -8.159  7.820   1.00 26.87 ? 21  TYR A CD2 1 
ATOM   137  C  CE1 . TYR A 1 21  ? 1.897   -10.047 6.660   1.00 24.95 ? 21  TYR A CE1 1 
ATOM   138  C  CE2 . TYR A 1 21  ? 3.966   -9.493  7.767   1.00 24.79 ? 21  TYR A CE2 1 
ATOM   139  C  CZ  . TYR A 1 21  ? 3.135   -10.423 7.178   1.00 27.30 ? 21  TYR A CZ  1 
ATOM   140  O  OH  . TYR A 1 21  ? 3.515   -11.757 7.111   1.00 27.27 ? 21  TYR A OH  1 
ATOM   141  N  N   . VAL A 1 22  ? 1.112   -3.517  5.254   1.00 22.09 ? 22  VAL A N   1 
ATOM   142  C  CA  . VAL A 1 22  ? 0.707   -2.103  5.215   1.00 24.94 ? 22  VAL A CA  1 
ATOM   143  C  C   . VAL A 1 22  ? -0.760  -1.979  5.603   1.00 25.22 ? 22  VAL A C   1 
ATOM   144  O  O   . VAL A 1 22  ? -1.548  -2.925  5.436   1.00 22.64 ? 22  VAL A O   1 
ATOM   145  C  CB  . VAL A 1 22  ? 0.964   -1.468  3.820   1.00 24.66 ? 22  VAL A CB  1 
ATOM   146  C  CG1 . VAL A 1 22  ? 2.434   -1.447  3.499   1.00 25.70 ? 22  VAL A CG1 1 
ATOM   147  C  CG2 . VAL A 1 22  ? 0.209   -2.212  2.694   1.00 20.89 ? 22  VAL A CG2 1 
ATOM   148  N  N   . ASP A 1 23  ? -1.153  -0.816  6.157   1.00 24.81 ? 23  ASP A N   1 
ATOM   149  C  CA  . ASP A 1 23  ? -2.583  -0.533  6.323   1.00 22.66 ? 23  ASP A CA  1 
ATOM   150  C  C   . ASP A 1 23  ? -2.777  0.962   6.521   1.00 24.06 ? 23  ASP A C   1 
ATOM   151  O  O   . ASP A 1 23  ? -1.843  1.693   6.880   1.00 21.71 ? 23  ASP A O   1 
ATOM   152  C  CB  . ASP A 1 23  ? -3.219  -1.286  7.493   1.00 22.50 ? 23  ASP A CB  1 
ATOM   153  C  CG  . ASP A 1 23  ? -4.639  -1.669  7.232   1.00 26.10 ? 23  ASP A CG  1 
ATOM   154  O  OD1 . ASP A 1 23  ? -5.229  -1.250  6.207   1.00 24.37 ? 23  ASP A OD1 1 
ATOM   155  O  OD2 . ASP A 1 23  ? -5.157  -2.432  8.064   1.00 26.90 ? 23  ASP A OD2 1 
ATOM   156  N  N   . GLY A 1 24  ? -3.992  1.401   6.207   1.00 26.18 ? 24  GLY A N   1 
ATOM   157  C  CA  . GLY A 1 24  ? -4.425  2.755   6.500   1.00 24.96 ? 24  GLY A CA  1 
ATOM   158  C  C   . GLY A 1 24  ? -5.849  2.718   7.015   1.00 27.47 ? 24  GLY A C   1 
ATOM   159  O  O   . GLY A 1 24  ? -6.630  1.820   6.681   1.00 28.62 ? 24  GLY A O   1 
ATOM   160  N  N   . ALA A 1 25  ? -6.189  3.704   7.840   1.00 24.65 ? 25  ALA A N   1 
ATOM   161  C  CA  . ALA A 1 25  ? -7.569  3.902   8.253   1.00 24.12 ? 25  ALA A CA  1 
ATOM   162  C  C   . ALA A 1 25  ? -7.875  5.389   8.216   1.00 25.65 ? 25  ALA A C   1 
ATOM   163  O  O   . ALA A 1 25  ? -7.022  6.197   8.559   1.00 22.32 ? 25  ALA A O   1 
ATOM   164  C  CB  . ALA A 1 25  ? -7.828  3.363   9.658   1.00 27.46 ? 25  ALA A CB  1 
ATOM   165  N  N   . ALA A 1 26  ? -9.075  5.745   7.812   1.00 26.59 ? 26  ALA A N   1 
ATOM   166  C  CA  . ALA A 1 26  ? -9.484  7.144   7.895   1.00 24.40 ? 26  ALA A CA  1 
ATOM   167  C  C   . ALA A 1 26  ? -10.888 7.171   8.465   1.00 27.67 ? 26  ALA A C   1 
ATOM   168  O  O   . ALA A 1 26  ? -11.641 6.201   8.340   1.00 28.95 ? 26  ALA A O   1 
ATOM   169  C  CB  . ALA A 1 26  ? -9.432  7.843   6.533   1.00 24.37 ? 26  ALA A CB  1 
ATOM   170  N  N   . ASN A 1 27  ? -11.234 8.278   9.114   1.00 26.19 ? 27  ASN A N   1 
ATOM   171  C  CA  . ASN A 1 27  ? -12.593 8.495   9.587   1.00 25.61 ? 27  ASN A CA  1 
ATOM   172  C  C   . ASN A 1 27  ? -13.250 9.539   8.686   1.00 27.20 ? 27  ASN A C   1 
ATOM   173  O  O   . ASN A 1 27  ? -12.693 10.625  8.474   1.00 26.78 ? 27  ASN A O   1 
ATOM   174  C  CB  . ASN A 1 27  ? -12.585 8.952   11.037  1.00 24.55 ? 27  ASN A CB  1 
ATOM   175  C  CG  . ASN A 1 27  ? -13.911 9.449   11.466  1.00 28.08 ? 27  ASN A CG  1 
ATOM   176  O  OD1 . ASN A 1 27  ? -14.117 10.658  11.550  1.00 28.33 ? 27  ASN A OD1 1 
ATOM   177  N  ND2 . ASN A 1 27  ? -14.838 8.529   11.748  1.00 26.87 ? 27  ASN A ND2 1 
ATOM   178  N  N   . ARG A 1 28  ? -14.421 9.197   8.133   1.00 24.89 ? 28  ARG A N   1 
ATOM   179  C  CA  . ARG A 1 28  ? -15.037 10.044  7.101   1.00 28.19 ? 28  ARG A CA  1 
ATOM   180  C  C   . ARG A 1 28  ? -15.590 11.345  7.678   1.00 24.35 ? 28  ARG A C   1 
ATOM   181  O  O   . ARG A 1 28  ? -15.614 12.373  6.985   1.00 25.51 ? 28  ARG A O   1 
ATOM   182  C  CB  . ARG A 1 28  ? -16.150 9.251   6.416   1.00 29.14 ? 28  ARG A CB  1 
ATOM   183  C  CG  . ARG A 1 28  ? -15.631 7.918   5.902   1.00 34.25 ? 28  ARG A CG  1 
ATOM   184  C  CD  . ARG A 1 28  ? -16.728 7.004   5.368   1.00 42.23 ? 28  ARG A CD  1 
ATOM   185  N  NE  . ARG A 1 28  ? -17.224 7.405   4.059   1.00 49.83 ? 28  ARG A NE  1 
ATOM   186  C  CZ  . ARG A 1 28  ? -17.204 6.632   2.981   1.00 50.17 ? 28  ARG A CZ  1 
ATOM   187  N  NH1 . ARG A 1 28  ? -16.716 5.401   3.018   1.00 51.83 ? 28  ARG A NH1 1 
ATOM   188  N  NH2 . ARG A 1 28  ? -17.691 7.105   1.837   1.00 51.27 ? 28  ARG A NH2 1 
ATOM   189  N  N   . GLU A 1 29  ? -16.027 11.312  8.934   1.00 29.05 ? 29  GLU A N   1 
ATOM   190  C  CA  . GLU A 1 29  ? -16.609 12.495  9.565   1.00 28.92 ? 29  GLU A CA  1 
ATOM   191  C  C   . GLU A 1 29  ? -15.565 13.599  9.720   1.00 27.78 ? 29  GLU A C   1 
ATOM   192  O  O   . GLU A 1 29  ? -15.868 14.785  9.523   1.00 25.82 ? 29  GLU A O   1 
ATOM   193  C  CB  . GLU A 1 29  ? -17.204 12.101  10.925  1.00 28.78 ? 29  GLU A CB  1 
ATOM   194  C  CG  . GLU A 1 29  ? -18.515 11.297  10.891  1.00 30.64 ? 29  GLU A CG  1 
ATOM   195  C  CD  . GLU A 1 29  ? -18.335 9.905   10.335  1.00 32.58 ? 29  GLU A CD  1 
ATOM   196  O  OE1 . GLU A 1 29  ? -17.197 9.364   10.401  1.00 27.73 ? 29  GLU A OE1 1 
ATOM   197  O  OE2 . GLU A 1 29  ? -19.328 9.388   9.783   1.00 30.06 ? 29  GLU A OE2 1 
ATOM   198  N  N   . THR A 1 30  ? -14.308 13.223  10.000  1.00 23.66 ? 30  THR A N   1 
ATOM   199  C  CA  . THR A 1 30  ? -13.235 14.166  10.286  1.00 23.88 ? 30  THR A CA  1 
ATOM   200  C  C   . THR A 1 30  ? -12.160 14.245  9.211   1.00 24.53 ? 30  THR A C   1 
ATOM   201  O  O   . THR A 1 30  ? -11.353 15.182  9.241   1.00 24.76 ? 30  THR A O   1 
ATOM   202  C  CB  . THR A 1 30  ? -12.518 13.791  11.599  1.00 26.38 ? 30  THR A CB  1 
ATOM   203  O  OG1 . THR A 1 30  ? -11.954 12.473  11.467  1.00 26.84 ? 30  THR A OG1 1 
ATOM   204  C  CG2 . THR A 1 30  ? -13.444 13.820  12.808  1.00 25.68 ? 30  THR A CG2 1 
ATOM   205  N  N   . LYS A 1 31  ? -12.088 13.272  8.297   1.00 22.79 ? 31  LYS A N   1 
ATOM   206  C  CA  . LYS A 1 31  ? -11.018 13.148  7.298   1.00 25.15 ? 31  LYS A CA  1 
ATOM   207  C  C   . LYS A 1 31  ? -9.647  12.941  7.940   1.00 24.33 ? 31  LYS A C   1 
ATOM   208  O  O   . LYS A 1 31  ? -8.623  13.109  7.277   1.00 26.52 ? 31  LYS A O   1 
ATOM   209  C  CB  . LYS A 1 31  ? -10.980 14.351  6.348   1.00 23.89 ? 31  LYS A CB  1 
ATOM   210  C  CG  . LYS A 1 31  ? -12.336 14.665  5.694   1.00 31.79 ? 31  LYS A CG  1 
ATOM   211  C  CD  . LYS A 1 31  ? -12.387 14.096  4.285   1.00 41.60 ? 31  LYS A CD  1 
ATOM   212  C  CE  . LYS A 1 31  ? -11.810 15.089  3.271   1.00 38.32 ? 31  LYS A CE  1 
ATOM   213  N  NZ  . LYS A 1 31  ? -11.435 14.414  1.979   1.00 45.93 ? 31  LYS A NZ  1 
ATOM   214  N  N   . LEU A 1 32  ? -9.623  12.537  9.206   1.00 23.70 ? 32  LEU A N   1 
ATOM   215  C  CA  . LEU A 1 32  ? -8.411  12.162  9.924   1.00 25.03 ? 32  LEU A CA  1 
ATOM   216  C  C   . LEU A 1 32  ? -8.088  10.693  9.677   1.00 24.31 ? 32  LEU A C   1 
ATOM   217  O  O   . LEU A 1 32  ? -8.985  9.851   9.580   1.00 25.26 ? 32  LEU A O   1 
ATOM   218  C  CB  . LEU A 1 32  ? -8.588  12.370  11.419  1.00 25.50 ? 32  LEU A CB  1 
ATOM   219  C  CG  . LEU A 1 32  ? -8.974  13.801  11.818  1.00 24.48 ? 32  LEU A CG  1 
ATOM   220  C  CD1 . LEU A 1 32  ? -9.193  13.895  13.302  1.00 26.54 ? 32  LEU A CD1 1 
ATOM   221  C  CD2 . LEU A 1 32  ? -7.873  14.687  11.361  1.00 26.61 ? 32  LEU A CD2 1 
ATOM   222  N  N   . GLY A 1 33  ? -6.806  10.385  9.620   1.00 25.59 ? 33  GLY A N   1 
ATOM   223  C  CA  . GLY A 1 33  ? -6.462  8.984   9.453   1.00 26.64 ? 33  GLY A CA  1 
ATOM   224  C  C   . GLY A 1 33  ? -5.028  8.702   9.830   1.00 26.49 ? 33  GLY A C   1 
ATOM   225  O  O   . GLY A 1 33  ? -4.287  9.579   10.280  1.00 24.46 ? 33  GLY A O   1 
ATOM   226  N  N   . LYS A 1 34  ? -4.649  7.436   9.641   1.00 26.80 ? 34  LYS A N   1 
ATOM   227  C  CA  . LYS A 1 34  ? -3.280  6.983   9.873   1.00 24.68 ? 34  LYS A CA  1 
ATOM   228  C  C   . LYS A 1 34  ? -2.886  6.010   8.773   1.00 25.58 ? 34  LYS A C   1 
ATOM   229  O  O   . LYS A 1 34  ? -3.729  5.305   8.217   1.00 24.85 ? 34  LYS A O   1 
ATOM   230  C  CB  . LYS A 1 34  ? -3.140  6.299   11.236  1.00 25.10 ? 34  LYS A CB  1 
ATOM   231  C  CG  . LYS A 1 34  ? -3.362  7.224   12.455  1.00 27.11 ? 34  LYS A CG  1 
ATOM   232  C  CD  . LYS A 1 34  ? -3.254  6.451   13.769  1.00 27.63 ? 34  LYS A CD  1 
ATOM   233  C  CE  . LYS A 1 34  ? -3.190  7.403   14.955  1.00 32.04 ? 34  LYS A CE  1 
ATOM   234  N  NZ  . LYS A 1 34  ? -3.229  6.710   16.273  1.00 28.60 ? 34  LYS A NZ  1 
ATOM   235  N  N   . ALA A 1 35  ? -1.598  5.969   8.464   1.00 24.95 ? 35  ALA A N   1 
ATOM   236  C  CA  . ALA A 1 35  ? -1.081  4.991   7.514   1.00 23.17 ? 35  ALA A CA  1 
ATOM   237  C  C   . ALA A 1 35  ? 0.241   4.457   8.049   1.00 28.12 ? 35  ALA A C   1 
ATOM   238  O  O   . ALA A 1 35  ? 0.965   5.164   8.740   1.00 25.30 ? 35  ALA A O   1 
ATOM   239  C  CB  . ALA A 1 35  ? -0.916  5.623   6.133   1.00 22.97 ? 35  ALA A CB  1 
ATOM   240  N  N   . GLY A 1 36  ? 0.545   3.195   7.779   1.00 25.21 ? 36  GLY A N   1 
ATOM   241  C  CA  . GLY A 1 36  ? 1.818   2.708   8.273   1.00 24.70 ? 36  GLY A CA  1 
ATOM   242  C  C   . GLY A 1 36  ? 2.036   1.266   7.894   1.00 25.08 ? 36  GLY A C   1 
ATOM   243  O  O   . GLY A 1 36  ? 1.318   0.698   7.070   1.00 22.28 ? 36  GLY A O   1 
ATOM   244  N  N   . TYR A 1 37  ? 3.059   0.682   8.506   1.00 25.59 ? 37  TYR A N   1 
ATOM   245  C  CA  . TYR A 1 37  ? 3.396   -0.713  8.243   1.00 23.10 ? 37  TYR A CA  1 
ATOM   246  C  C   . TYR A 1 37  ? 4.030   -1.302  9.488   1.00 27.11 ? 37  TYR A C   1 
ATOM   247  O  O   . TYR A 1 37  ? 4.533   -0.586  10.365  1.00 24.41 ? 37  TYR A O   1 
ATOM   248  C  CB  . TYR A 1 37  ? 4.357   -0.880  7.051   1.00 22.08 ? 37  TYR A CB  1 
ATOM   249  C  CG  . TYR A 1 37  ? 5.671   -0.115  7.188   1.00 23.96 ? 37  TYR A CG  1 
ATOM   250  C  CD1 . TYR A 1 37  ? 6.666   -0.564  8.055   1.00 28.59 ? 37  TYR A CD1 1 
ATOM   251  C  CD2 . TYR A 1 37  ? 5.906   1.048   6.462   1.00 26.73 ? 37  TYR A CD2 1 
ATOM   252  C  CE1 . TYR A 1 37  ? 7.851   0.112   8.207   1.00 27.16 ? 37  TYR A CE1 1 
ATOM   253  C  CE2 . TYR A 1 37  ? 7.131   1.761   6.595   1.00 25.51 ? 37  TYR A CE2 1 
ATOM   254  C  CZ  . TYR A 1 37  ? 8.092   1.265   7.485   1.00 29.84 ? 37  TYR A CZ  1 
ATOM   255  O  OH  . TYR A 1 37  ? 9.291   1.914   7.675   1.00 27.71 ? 37  TYR A OH  1 
ATOM   256  N  N   . VAL A 1 38  ? 4.031   -2.623  9.527   1.00 25.26 ? 38  VAL A N   1 
ATOM   257  C  CA  . VAL A 1 38  ? 4.911   -3.396  10.391  1.00 24.69 ? 38  VAL A CA  1 
ATOM   258  C  C   . VAL A 1 38  ? 5.612   -4.400  9.485   1.00 26.21 ? 38  VAL A C   1 
ATOM   259  O  O   . VAL A 1 38  ? 5.034   -4.838  8.484   1.00 24.37 ? 38  VAL A O   1 
ATOM   260  C  CB  . VAL A 1 38  ? 4.126   -4.106  11.505  1.00 28.79 ? 38  VAL A CB  1 
ATOM   261  C  CG1 . VAL A 1 38  ? 3.334   -3.105  12.296  1.00 29.20 ? 38  VAL A CG1 1 
ATOM   262  C  CG2 . VAL A 1 38  ? 3.194   -5.163  10.915  1.00 31.17 ? 38  VAL A CG2 1 
ATOM   263  N  N   . THR A 1 39  ? 6.867   -4.754  9.806   1.00 26.68 ? 39  THR A N   1 
ATOM   264  C  CA  . THR A 1 39  ? 7.562   -5.723  8.947   1.00 25.99 ? 39  THR A CA  1 
ATOM   265  C  C   . THR A 1 39  ? 7.972   -6.952  9.746   1.00 26.16 ? 39  THR A C   1 
ATOM   266  O  O   . THR A 1 39  ? 7.900   -6.999  10.982  1.00 27.34 ? 39  THR A O   1 
ATOM   267  C  CB  . THR A 1 39  ? 8.788   -5.130  8.223   1.00 27.27 ? 39  THR A CB  1 
ATOM   268  O  OG1 . THR A 1 39  ? 9.966   -5.186  9.055   1.00 30.34 ? 39  THR A OG1 1 
ATOM   269  C  CG2 . THR A 1 39  ? 8.533   -3.687  7.759   1.00 26.71 ? 39  THR A CG2 1 
ATOM   270  N  N   . ASN A 1 40  ? 8.327   -7.996  9.003   1.00 25.44 ? 40  ASN A N   1 
ATOM   271  C  CA  . ASN A 1 40  ? 8.747   -9.239  9.649   1.00 30.47 ? 40  ASN A CA  1 
ATOM   272  C  C   . ASN A 1 40  ? 10.208  -9.204  10.074  1.00 33.56 ? 40  ASN A C   1 
ATOM   273  O  O   . ASN A 1 40  ? 10.708  -10.195 10.625  1.00 35.25 ? 40  ASN A O   1 
ATOM   274  C  CB  . ASN A 1 40  ? 8.458   -10.421 8.711   1.00 29.94 ? 40  ASN A CB  1 
ATOM   275  C  CG  . ASN A 1 40  ? 9.345   -10.436 7.502   1.00 28.86 ? 40  ASN A CG  1 
ATOM   276  O  OD1 . ASN A 1 40  ? 9.845   -9.407  7.075   1.00 29.03 ? 40  ASN A OD1 1 
ATOM   277  N  ND2 . ASN A 1 40  ? 9.531   -11.627 6.915   1.00 30.22 ? 40  ASN A ND2 1 
ATOM   278  N  N   . ARG A 1 41  ? 10.908  -8.097  9.836   1.00 31.27 ? 41  ARG A N   1 
ATOM   279  C  CA  . ARG A 1 41  ? 12.224  -7.881  10.427  1.00 31.00 ? 41  ARG A CA  1 
ATOM   280  C  C   . ARG A 1 41  ? 12.163  -6.850  11.546  1.00 37.63 ? 41  ARG A C   1 
ATOM   281  O  O   . ARG A 1 41  ? 13.184  -6.235  11.883  1.00 35.38 ? 41  ARG A O   1 
ATOM   282  C  CB  . ARG A 1 41  ? 13.246  -7.489  9.367   1.00 33.84 ? 41  ARG A CB  1 
ATOM   283  C  CG  . ARG A 1 41  ? 13.543  -8.647  8.430   1.00 34.54 ? 41  ARG A CG  1 
ATOM   284  C  CD  . ARG A 1 41  ? 14.597  -8.328  7.435   1.00 39.42 ? 41  ARG A CD  1 
ATOM   285  N  NE  . ARG A 1 41  ? 14.626  -9.366  6.413   1.00 36.84 ? 41  ARG A NE  1 
ATOM   286  C  CZ  . ARG A 1 41  ? 15.301  -9.288  5.280   1.00 38.76 ? 41  ARG A CZ  1 
ATOM   287  N  NH1 . ARG A 1 41  ? 16.063  -8.242  4.999   1.00 42.28 ? 41  ARG A NH1 1 
ATOM   288  N  NH2 . ARG A 1 41  ? 15.202  -10.282 4.401   1.00 38.85 ? 41  ARG A NH2 1 
ATOM   289  N  N   . GLY A 1 42  ? 10.973  -6.651  12.114  1.00 33.31 ? 42  GLY A N   1 
ATOM   290  C  CA  . GLY A 1 42  ? 10.786  -5.872  13.318  1.00 34.53 ? 42  GLY A CA  1 
ATOM   291  C  C   . GLY A 1 42  ? 10.686  -4.371  13.151  1.00 35.89 ? 42  GLY A C   1 
ATOM   292  O  O   . GLY A 1 42  ? 10.723  -3.659  14.164  1.00 38.14 ? 42  GLY A O   1 
ATOM   293  N  N   . ARG A 1 43  ? 10.583  -3.869  11.923  1.00 34.26 ? 43  ARG A N   1 
ATOM   294  C  CA  . ARG A 1 43  ? 10.402  -2.444  11.661  1.00 33.70 ? 43  ARG A CA  1 
ATOM   295  C  C   . ARG A 1 43  ? 8.938   -2.079  11.761  1.00 33.19 ? 43  ARG A C   1 
ATOM   296  O  O   . ARG A 1 43  ? 8.069   -2.900  11.482  1.00 30.50 ? 43  ARG A O   1 
ATOM   297  C  CB  . ARG A 1 43  ? 10.867  -2.088  10.253  1.00 36.15 ? 43  ARG A CB  1 
ATOM   298  C  CG  . ARG A 1 43  ? 12.318  -2.101  10.082  1.00 40.11 ? 43  ARG A CG  1 
ATOM   299  C  CD  . ARG A 1 43  ? 12.733  -1.213  8.944   1.00 43.54 ? 43  ARG A CD  1 
ATOM   300  N  NE  . ARG A 1 43  ? 13.078  -2.028  7.786   1.00 39.50 ? 43  ARG A NE  1 
ATOM   301  C  CZ  . ARG A 1 43  ? 13.633  -1.544  6.691   1.00 41.12 ? 43  ARG A CZ  1 
ATOM   302  N  NH1 . ARG A 1 43  ? 13.957  -0.260  6.595   1.00 43.74 ? 43  ARG A NH1 1 
ATOM   303  N  NH2 . ARG A 1 43  ? 13.882  -2.362  5.676   1.00 38.71 ? 43  ARG A NH2 1 
ATOM   304  N  N   . GLN A 1 44  ? 8.663   -0.816  12.098  1.00 32.52 ? 44  GLN A N   1 
ATOM   305  C  CA  . GLN A 1 44  ? 7.284   -0.368  12.042  1.00 32.61 ? 44  GLN A CA  1 
ATOM   306  C  C   . GLN A 1 44  ? 7.244   1.151   11.977  1.00 32.50 ? 44  GLN A C   1 
ATOM   307  O  O   . GLN A 1 44  ? 8.173   1.834   12.423  1.00 32.19 ? 44  GLN A O   1 
ATOM   308  C  CB  . GLN A 1 44  ? 6.484   -0.887  13.240  1.00 33.49 ? 44  GLN A CB  1 
ATOM   309  C  CG  . GLN A 1 44  ? 6.645   -0.052  14.478  1.00 44.32 ? 44  GLN A CG  1 
ATOM   310  C  CD  . GLN A 1 44  ? 5.618   -0.373  15.535  1.00 44.74 ? 44  GLN A CD  1 
ATOM   311  O  OE1 . GLN A 1 44  ? 5.409   -1.538  15.871  1.00 47.94 ? 44  GLN A OE1 1 
ATOM   312  N  NE2 . GLN A 1 44  ? 4.957   0.668   16.065  1.00 41.96 ? 44  GLN A NE2 1 
ATOM   313  N  N   . LYS A 1 45  ? 6.168   1.670   11.397  1.00 29.12 ? 45  LYS A N   1 
ATOM   314  C  CA  . LYS A 1 45  ? 6.027   3.115   11.240  1.00 28.34 ? 45  LYS A CA  1 
ATOM   315  C  C   . LYS A 1 45  ? 4.552   3.435   11.136  1.00 31.68 ? 45  LYS A C   1 
ATOM   316  O  O   . LYS A 1 45  ? 3.812   2.711   10.463  1.00 26.08 ? 45  LYS A O   1 
ATOM   317  C  CB  . LYS A 1 45  ? 6.752   3.632   10.002  1.00 30.20 ? 45  LYS A CB  1 
ATOM   318  C  CG  . LYS A 1 45  ? 6.435   5.092   9.673   1.00 30.78 ? 45  LYS A CG  1 
ATOM   319  C  CD  . LYS A 1 45  ? 7.201   5.536   8.434   1.00 32.67 ? 45  LYS A CD  1 
ATOM   320  C  CE  . LYS A 1 45  ? 8.610   5.933   8.779   1.00 32.43 ? 45  LYS A CE  1 
ATOM   321  N  NZ  . LYS A 1 45  ? 9.433   6.187   7.556   1.00 33.27 ? 45  LYS A NZ  1 
ATOM   322  N  N   . VAL A 1 46  ? 4.118   4.496   11.817  1.00 28.85 ? 46  VAL A N   1 
ATOM   323  C  CA  . VAL A 1 46  ? 2.746   4.976   11.683  1.00 28.27 ? 46  VAL A CA  1 
ATOM   324  C  C   . VAL A 1 46  ? 2.807   6.482   11.527  1.00 30.43 ? 46  VAL A C   1 
ATOM   325  O  O   . VAL A 1 46  ? 3.529   7.149   12.269  1.00 29.84 ? 46  VAL A O   1 
ATOM   326  C  CB  . VAL A 1 46  ? 1.850   4.606   12.881  1.00 28.12 ? 46  VAL A CB  1 
ATOM   327  C  CG1 . VAL A 1 46  ? 0.409   5.018   12.566  1.00 28.89 ? 46  VAL A CG1 1 
ATOM   328  C  CG2 . VAL A 1 46  ? 1.904   3.095   13.193  1.00 33.22 ? 46  VAL A CG2 1 
ATOM   329  N  N   . VAL A 1 47  ? 2.078   7.023   10.561  1.00 27.06 ? 47  VAL A N   1 
ATOM   330  C  CA  . VAL A 1 47  ? 2.025   8.469   10.367  1.00 29.15 ? 47  VAL A CA  1 
ATOM   331  C  C   . VAL A 1 47  ? 0.577   8.911   10.482  1.00 33.20 ? 47  VAL A C   1 
ATOM   332  O  O   . VAL A 1 47  ? -0.345  8.158   10.146  1.00 26.78 ? 47  VAL A O   1 
ATOM   333  C  CB  . VAL A 1 47  ? 2.640   8.900   9.023   1.00 28.23 ? 47  VAL A CB  1 
ATOM   334  C  CG1 . VAL A 1 47  ? 4.040   8.325   8.884   1.00 33.71 ? 47  VAL A CG1 1 
ATOM   335  C  CG2 . VAL A 1 47  ? 1.784   8.438   7.856   1.00 32.35 ? 47  VAL A CG2 1 
ATOM   336  N  N   . THR A 1 48  ? 0.369   10.103  11.014  1.00 30.10 ? 48  THR A N   1 
ATOM   337  C  CA  . THR A 1 48  ? -0.981  10.632  11.067  1.00 29.78 ? 48  THR A CA  1 
ATOM   338  C  C   . THR A 1 48  ? -1.226  11.538  9.871   1.00 29.27 ? 48  THR A C   1 
ATOM   339  O  O   . THR A 1 48  ? -0.317  12.192  9.356   1.00 30.92 ? 48  THR A O   1 
ATOM   340  C  CB  . THR A 1 48  ? -1.230  11.347  12.403  1.00 33.05 ? 48  THR A CB  1 
ATOM   341  O  OG1 . THR A 1 48  ? -0.826  10.485  13.479  1.00 38.71 ? 48  THR A OG1 1 
ATOM   342  C  CG2 . THR A 1 48  ? -2.701  11.695  12.574  1.00 35.36 ? 48  THR A CG2 1 
ATOM   343  N  N   . LEU A 1 49  ? -2.460  11.520  9.379   1.00 25.75 ? 49  LEU A N   1 
ATOM   344  C  CA  . LEU A 1 49  ? -2.807  12.243  8.182   1.00 24.82 ? 49  LEU A CA  1 
ATOM   345  C  C   . LEU A 1 49  ? -4.091  13.035  8.404   1.00 25.18 ? 49  LEU A C   1 
ATOM   346  O  O   . LEU A 1 49  ? -4.963  12.632  9.172   1.00 26.39 ? 49  LEU A O   1 
ATOM   347  C  CB  . LEU A 1 49  ? -2.972  11.265  7.007   1.00 29.63 ? 49  LEU A CB  1 
ATOM   348  C  CG  . LEU A 1 49  ? -1.740  10.436  6.637   1.00 29.34 ? 49  LEU A CG  1 
ATOM   349  C  CD1 . LEU A 1 49  ? -2.170  9.282   5.719   1.00 32.56 ? 49  LEU A CD1 1 
ATOM   350  C  CD2 . LEU A 1 49  ? -0.750  11.316  5.952   1.00 28.12 ? 49  LEU A CD2 1 
ATOM   351  N  N   . THR A 1 50  ? -4.195  14.165  7.722   1.00 25.97 ? 50  THR A N   1 
ATOM   352  C  CA  . THR A 1 50  ? -5.413  14.965  7.702   1.00 26.97 ? 50  THR A CA  1 
ATOM   353  C  C   . THR A 1 50  ? -5.940  15.045  6.277   1.00 27.17 ? 50  THR A C   1 
ATOM   354  O  O   . THR A 1 50  ? -5.237  14.743  5.310   1.00 25.66 ? 50  THR A O   1 
ATOM   355  C  CB  . THR A 1 50  ? -5.140  16.376  8.239   1.00 24.47 ? 50  THR A CB  1 
ATOM   356  O  OG1 . THR A 1 50  ? -4.180  16.996  7.376   1.00 26.31 ? 50  THR A OG1 1 
ATOM   357  C  CG2 . THR A 1 50  ? -4.593  16.310  9.639   1.00 25.90 ? 50  THR A CG2 1 
ATOM   358  N  N   . ASP A 1 51  ? -7.205  15.458  6.151   1.00 25.08 ? 51  ASP A N   1 
ATOM   359  C  CA  . ASP A 1 51  ? -7.815  15.722  4.856   1.00 26.61 ? 51  ASP A CA  1 
ATOM   360  C  C   . ASP A 1 51  ? -7.736  14.513  3.934   1.00 31.48 ? 51  ASP A C   1 
ATOM   361  O  O   . ASP A 1 51  ? -7.487  14.657  2.736   1.00 28.26 ? 51  ASP A O   1 
ATOM   362  C  CB  . ASP A 1 51  ? -7.158  16.937  4.195   1.00 29.10 ? 51  ASP A CB  1 
ATOM   363  C  CG  . ASP A 1 51  ? -6.880  18.055  5.209   1.00 26.48 ? 51  ASP A CG  1 
ATOM   364  O  OD1 . ASP A 1 51  ? -7.877  18.559  5.720   1.00 33.13 ? 51  ASP A OD1 1 
ATOM   365  O  OD2 . ASP A 1 51  ? -5.706  18.367  5.493   1.00 30.06 ? 51  ASP A OD2 1 
ATOM   366  N  N   . THR A 1 52  ? -7.979  13.323  4.485   1.00 28.13 ? 52  THR A N   1 
ATOM   367  C  CA  . THR A 1 52  ? -7.677  12.086  3.777   1.00 25.81 ? 52  THR A CA  1 
ATOM   368  C  C   . THR A 1 52  ? -8.913  11.179  3.746   1.00 29.25 ? 52  THR A C   1 
ATOM   369  O  O   . THR A 1 52  ? -9.974  11.491  4.300   1.00 27.32 ? 52  THR A O   1 
ATOM   370  C  CB  . THR A 1 52  ? -6.468  11.385  4.410   1.00 25.23 ? 52  THR A CB  1 
ATOM   371  O  OG1 . THR A 1 52  ? -6.032  10.318  3.552   1.00 26.05 ? 52  THR A OG1 1 
ATOM   372  C  CG2 . THR A 1 52  ? -6.784  10.851  5.799   1.00 28.39 ? 52  THR A CG2 1 
ATOM   373  N  N   . THR A 1 53  ? -8.774  10.043  3.061   1.00 25.57 ? 53  THR A N   1 
ATOM   374  C  CA  . THR A 1 53  ? -9.854  9.084   2.853   1.00 26.31 ? 53  THR A CA  1 
ATOM   375  C  C   . THR A 1 53  ? -9.282  7.699   3.116   1.00 26.21 ? 53  THR A C   1 
ATOM   376  O  O   . THR A 1 53  ? -8.064  7.524   3.131   1.00 26.44 ? 53  THR A O   1 
ATOM   377  C  CB  . THR A 1 53  ? -10.386 9.151   1.410   1.00 29.76 ? 53  THR A CB  1 
ATOM   378  O  OG1 . THR A 1 53  ? -9.344  8.746   0.503   1.00 25.67 ? 53  THR A OG1 1 
ATOM   379  C  CG2 . THR A 1 53  ? -10.804 10.565  1.037   1.00 29.93 ? 53  THR A CG2 1 
ATOM   380  N  N   . ASN A 1 54  ? -10.141 6.705   3.327   1.00 25.27 ? 54  ASN A N   1 
ATOM   381  C  CA  . ASN A 1 54  ? -9.575  5.374   3.543   1.00 27.21 ? 54  ASN A CA  1 
ATOM   382  C  C   . ASN A 1 54  ? -8.731  4.931   2.364   1.00 27.36 ? 54  ASN A C   1 
ATOM   383  O  O   . ASN A 1 54  ? -7.631  4.401   2.557   1.00 24.64 ? 54  ASN A O   1 
ATOM   384  C  CB  . ASN A 1 54  ? -10.634 4.327   3.859   1.00 29.08 ? 54  ASN A CB  1 
ATOM   385  C  CG  . ASN A 1 54  ? -11.159 4.466   5.262   1.00 32.88 ? 54  ASN A CG  1 
ATOM   386  O  OD1 . ASN A 1 54  ? -10.608 3.852   6.197   1.00 30.21 ? 54  ASN A OD1 1 
ATOM   387  N  ND2 . ASN A 1 54  ? -12.249 5.224   5.429   1.00 38.29 ? 54  ASN A ND2 1 
ATOM   388  N  N   . GLN A 1 55  ? -9.218  5.133   1.139   1.00 24.86 ? 55  GLN A N   1 
ATOM   389  C  CA  . GLN A 1 55  ? -8.421  4.738   -0.021  1.00 25.68 ? 55  GLN A CA  1 
ATOM   390  C  C   . GLN A 1 55  ? -7.059  5.442   -0.035  1.00 25.31 ? 55  GLN A C   1 
ATOM   391  O  O   . GLN A 1 55  ? -6.023  4.812   -0.307  1.00 25.93 ? 55  GLN A O   1 
ATOM   392  C  CB  . GLN A 1 55  ? -9.215  4.995   -1.302  1.00 31.49 ? 55  GLN A CB  1 
ATOM   393  C  CG  . GLN A 1 55  ? -10.367 4.022   -1.487  1.00 30.90 ? 55  GLN A CG  1 
ATOM   394  C  CD  . GLN A 1 55  ? -10.957 4.137   -2.886  1.00 34.63 ? 55  GLN A CD  1 
ATOM   395  O  OE1 . GLN A 1 55  ? -10.764 5.150   -3.548  1.00 41.95 ? 55  GLN A OE1 1 
ATOM   396  N  NE2 . GLN A 1 55  ? -11.659 3.111   -3.332  1.00 37.84 ? 55  GLN A NE2 1 
ATOM   397  N  N   . LYS A 1 56  ? -7.024  6.749   0.261   1.00 23.95 ? 56  LYS A N   1 
ATOM   398  C  CA  . LYS A 1 56  ? -5.741  7.449   0.261   1.00 24.80 ? 56  LYS A CA  1 
ATOM   399  C  C   . LYS A 1 56  ? -4.813  6.918   1.363   1.00 22.75 ? 56  LYS A C   1 
ATOM   400  O  O   . LYS A 1 56  ? -3.595  6.835   1.165   1.00 24.27 ? 56  LYS A O   1 
ATOM   401  C  CB  . LYS A 1 56  ? -5.953  8.967   0.439   1.00 25.39 ? 56  LYS A CB  1 
ATOM   402  C  CG  . LYS A 1 56  ? -6.245  9.732   -0.849  1.00 26.18 ? 56  LYS A CG  1 
ATOM   403  C  CD  . LYS A 1 56  ? -6.455  11.241  -0.621  1.00 31.71 ? 56  LYS A CD  1 
ATOM   404  C  CE  . LYS A 1 56  ? -7.250  11.875  -1.780  1.00 38.02 ? 56  LYS A CE  1 
ATOM   405  N  NZ  . LYS A 1 56  ? -6.417  12.360  -2.925  1.00 41.35 ? 56  LYS A NZ  1 
ATOM   406  N  N   . THR A 1 57  ? -5.351  6.587   2.531   1.00 22.75 ? 57  THR A N   1 
ATOM   407  C  CA  . THR A 1 57  ? -4.466  6.100   3.604   1.00 21.20 ? 57  THR A CA  1 
ATOM   408  C  C   . THR A 1 57  ? -3.883  4.733   3.242   1.00 26.25 ? 57  THR A C   1 
ATOM   409  O  O   . THR A 1 57  ? -2.755  4.429   3.622   1.00 24.32 ? 57  THR A O   1 
ATOM   410  C  CB  . THR A 1 57  ? -5.188  6.021   4.958   1.00 26.72 ? 57  THR A CB  1 
ATOM   411  O  OG1 . THR A 1 57  ? -6.198  5.000   4.951   1.00 24.36 ? 57  THR A OG1 1 
ATOM   412  C  CG2 . THR A 1 57  ? -5.803  7.396   5.390   1.00 22.81 ? 57  THR A CG2 1 
ATOM   413  N  N   . GLU A 1 58  ? -4.647  3.910   2.509   1.00 23.12 ? 58  GLU A N   1 
ATOM   414  C  CA  . GLU A 1 58  ? -4.145  2.610   2.066   1.00 24.72 ? 58  GLU A CA  1 
ATOM   415  C  C   . GLU A 1 58  ? -3.049  2.794   1.032   1.00 23.93 ? 58  GLU A C   1 
ATOM   416  O  O   . GLU A 1 58  ? -2.001  2.130   1.090   1.00 25.21 ? 58  GLU A O   1 
ATOM   417  C  CB  . GLU A 1 58  ? -5.317  1.772   1.529   1.00 22.36 ? 58  GLU A CB  1 
ATOM   418  C  CG  . GLU A 1 58  ? -6.406  1.504   2.551   1.00 24.86 ? 58  GLU A CG  1 
ATOM   419  C  CD  . GLU A 1 58  ? -6.117  0.259   3.383   1.00 24.19 ? 58  GLU A CD  1 
ATOM   420  O  OE1 . GLU A 1 58  ? -4.971  -0.208  3.327   1.00 24.35 ? 58  GLU A OE1 1 
ATOM   421  O  OE2 . GLU A 1 58  ? -7.022  -0.288  4.075   1.00 24.05 ? 58  GLU A OE2 1 
ATOM   422  N  N   . LEU A 1 59  ? -3.219  3.762   0.126   1.00 24.48 ? 59  LEU A N   1 
ATOM   423  C  CA  . LEU A 1 59  ? -2.156  4.032   -0.828  1.00 22.68 ? 59  LEU A CA  1 
ATOM   424  C  C   . LEU A 1 59  ? -0.948  4.643   -0.141  1.00 24.98 ? 59  LEU A C   1 
ATOM   425  O  O   . LEU A 1 59  ? 0.197   4.328   -0.487  1.00 23.74 ? 59  LEU A O   1 
ATOM   426  C  CB  . LEU A 1 59  ? -2.649  4.955   -1.943  1.00 23.70 ? 59  LEU A CB  1 
ATOM   427  C  CG  . LEU A 1 59  ? -3.661  4.348   -2.927  1.00 24.71 ? 59  LEU A CG  1 
ATOM   428  C  CD1 . LEU A 1 59  ? -4.321  5.523   -3.616  1.00 26.18 ? 59  LEU A CD1 1 
ATOM   429  C  CD2 . LEU A 1 59  ? -2.901  3.472   -3.933  1.00 27.94 ? 59  LEU A CD2 1 
ATOM   430  N  N   . GLN A 1 60  ? -1.193  5.511   0.836   1.00 24.02 ? 60  GLN A N   1 
ATOM   431  C  CA  . GLN A 1 60  ? -0.095  6.131   1.557   1.00 27.15 ? 60  GLN A CA  1 
ATOM   432  C  C   . GLN A 1 60  ? 0.742   5.102   2.293   1.00 25.42 ? 60  GLN A C   1 
ATOM   433  O  O   . GLN A 1 60  ? 1.972   5.218   2.342   1.00 25.83 ? 60  GLN A O   1 
ATOM   434  C  CB  . GLN A 1 60  ? -0.630  7.190   2.503   1.00 27.36 ? 60  GLN A CB  1 
ATOM   435  C  CG  . GLN A 1 60  ? 0.529   7.891   3.221   1.00 34.22 ? 60  GLN A CG  1 
ATOM   436  C  CD  . GLN A 1 60  ? 1.285   8.856   2.307   1.00 36.42 ? 60  GLN A CD  1 
ATOM   437  O  OE1 . GLN A 1 60  ? 0.746   9.334   1.321   1.00 37.52 ? 60  GLN A OE1 1 
ATOM   438  N  NE2 . GLN A 1 60  ? 2.530   9.193   2.683   1.00 43.05 ? 60  GLN A NE2 1 
ATOM   439  N  N   . ALA A 1 61  ? 0.104   4.079   2.842   1.00 23.11 ? 61  ALA A N   1 
ATOM   440  C  CA  . ALA A 1 61  ? 0.860   3.025   3.521   1.00 24.85 ? 61  ALA A CA  1 
ATOM   441  C  C   . ALA A 1 61  ? 1.772   2.286   2.552   1.00 27.74 ? 61  ALA A C   1 
ATOM   442  O  O   . ALA A 1 61  ? 2.929   1.985   2.881   1.00 26.89 ? 61  ALA A O   1 
ATOM   443  C  CB  . ALA A 1 61  ? -0.092  2.049   4.199   1.00 25.37 ? 61  ALA A CB  1 
ATOM   444  N  N   . ILE A 1 62  ? 1.270   1.975   1.353   1.00 25.88 ? 62  ILE A N   1 
ATOM   445  C  CA  . ILE A 1 62  ? 2.119   1.382   0.324   1.00 22.53 ? 62  ILE A CA  1 
ATOM   446  C  C   . ILE A 1 62  ? 3.271   2.309   -0.034  1.00 28.13 ? 62  ILE A C   1 
ATOM   447  O  O   . ILE A 1 62  ? 4.412   1.863   -0.211  1.00 25.19 ? 62  ILE A O   1 
ATOM   448  C  CB  . ILE A 1 62  ? 1.263   1.021   -0.904  1.00 24.97 ? 62  ILE A CB  1 
ATOM   449  C  CG1 . ILE A 1 62  ? 0.410   -0.180  -0.548  1.00 23.59 ? 62  ILE A CG1 1 
ATOM   450  C  CG2 . ILE A 1 62  ? 2.090   0.737   -2.130  1.00 25.51 ? 62  ILE A CG2 1 
ATOM   451  C  CD1 . ILE A 1 62  ? -0.795  -0.351  -1.465  1.00 25.17 ? 62  ILE A CD1 1 
ATOM   452  N  N   . TYR A 1 63  ? 3.003   3.614   -0.151  1.00 22.90 ? 63  TYR A N   1 
ATOM   453  C  CA  . TYR A 1 63  ? 4.077   4.540   -0.480  1.00 28.04 ? 63  TYR A CA  1 
ATOM   454  C  C   . TYR A 1 63  ? 5.188   4.470   0.560   1.00 25.93 ? 63  TYR A C   1 
ATOM   455  O  O   . TYR A 1 63  ? 6.373   4.405   0.210   1.00 29.72 ? 63  TYR A O   1 
ATOM   456  C  CB  . TYR A 1 63  ? 3.532   5.972   -0.610  1.00 24.30 ? 63  TYR A CB  1 
ATOM   457  C  CG  . TYR A 1 63  ? 4.635   6.974   -0.867  1.00 30.50 ? 63  TYR A CG  1 
ATOM   458  C  CD1 . TYR A 1 63  ? 5.371   7.519   0.191   1.00 32.77 ? 63  TYR A CD1 1 
ATOM   459  C  CD2 . TYR A 1 63  ? 4.962   7.351   -2.158  1.00 31.39 ? 63  TYR A CD2 1 
ATOM   460  C  CE1 . TYR A 1 63  ? 6.395   8.408   -0.042  1.00 33.84 ? 63  TYR A CE1 1 
ATOM   461  C  CE2 . TYR A 1 63  ? 5.976   8.263   -2.395  1.00 33.53 ? 63  TYR A CE2 1 
ATOM   462  C  CZ  . TYR A 1 63  ? 6.682   8.779   -1.336  1.00 34.42 ? 63  TYR A CZ  1 
ATOM   463  O  OH  . TYR A 1 63  ? 7.686   9.678   -1.569  1.00 38.37 ? 63  TYR A OH  1 
ATOM   464  N  N   . LEU A 1 64  ? 4.814   4.458   1.839   1.00 24.96 ? 64  LEU A N   1 
ATOM   465  C  CA  . LEU A 1 64  ? 5.785   4.385   2.930   1.00 25.42 ? 64  LEU A CA  1 
ATOM   466  C  C   . LEU A 1 64  ? 6.582   3.086   2.863   1.00 28.54 ? 64  LEU A C   1 
ATOM   467  O  O   . LEU A 1 64  ? 7.795   3.076   3.090   1.00 25.05 ? 64  LEU A O   1 
ATOM   468  C  CB  . LEU A 1 64  ? 5.068   4.488   4.270   1.00 26.33 ? 64  LEU A CB  1 
ATOM   469  C  CG  . LEU A 1 64  ? 4.478   5.840   4.600   1.00 28.67 ? 64  LEU A CG  1 
ATOM   470  C  CD1 . LEU A 1 64  ? 3.697   5.716   5.905   1.00 32.32 ? 64  LEU A CD1 1 
ATOM   471  C  CD2 . LEU A 1 64  ? 5.606   6.839   4.680   1.00 29.45 ? 64  LEU A CD2 1 
ATOM   472  N  N   . ALA A 1 65  ? 5.920   1.980   2.536   1.00 23.76 ? 65  ALA A N   1 
ATOM   473  C  CA  . ALA A 1 65  ? 6.659   0.721   2.417   1.00 24.98 ? 65  ALA A CA  1 
ATOM   474  C  C   . ALA A 1 65  ? 7.688   0.786   1.293   1.00 28.05 ? 65  ALA A C   1 
ATOM   475  O  O   . ALA A 1 65  ? 8.810   0.289   1.443   1.00 26.95 ? 65  ALA A O   1 
ATOM   476  C  CB  . ALA A 1 65  ? 5.697   -0.452  2.197   1.00 22.97 ? 65  ALA A CB  1 
ATOM   477  N  N   . LEU A 1 66  ? 7.332   1.398   0.157   1.00 23.86 ? 66  LEU A N   1 
ATOM   478  C  CA  . LEU A 1 66  ? 8.292   1.485   -0.929  1.00 26.79 ? 66  LEU A CA  1 
ATOM   479  C  C   . LEU A 1 66  ? 9.430   2.430   -0.561  1.00 28.97 ? 66  LEU A C   1 
ATOM   480  O  O   . LEU A 1 66  ? 10.591  2.185   -0.909  1.00 29.61 ? 66  LEU A O   1 
ATOM   481  C  CB  . LEU A 1 66  ? 7.595   1.942   -2.209  1.00 25.79 ? 66  LEU A CB  1 
ATOM   482  C  CG  . LEU A 1 66  ? 6.617   0.901   -2.772  1.00 26.71 ? 66  LEU A CG  1 
ATOM   483  C  CD1 . LEU A 1 66  ? 5.627   1.581   -3.719  1.00 26.00 ? 66  LEU A CD1 1 
ATOM   484  C  CD2 . LEU A 1 66  ? 7.361   -0.236  -3.493  1.00 29.70 ? 66  LEU A CD2 1 
ATOM   485  N  N   . GLN A 1 67  ? 9.103   3.504   0.161   1.00 28.34 ? 67  GLN A N   1 
ATOM   486  C  CA  . GLN A 1 67  ? 10.102  4.507   0.523   1.00 29.79 ? 67  GLN A CA  1 
ATOM   487  C  C   . GLN A 1 67  ? 11.163  3.925   1.440   1.00 31.27 ? 67  GLN A C   1 
ATOM   488  O  O   . GLN A 1 67  ? 12.352  4.271   1.342   1.00 34.03 ? 67  GLN A O   1 
ATOM   489  C  CB  . GLN A 1 67  ? 9.400   5.678   1.206   1.00 30.15 ? 67  GLN A CB  1 
ATOM   490  C  CG  . GLN A 1 67  ? 10.308  6.746   1.798   1.00 32.90 ? 67  GLN A CG  1 
ATOM   491  C  CD  . GLN A 1 67  ? 9.529   7.728   2.629   1.00 34.50 ? 67  GLN A CD  1 
ATOM   492  O  OE1 . GLN A 1 67  ? 9.099   8.766   2.122   1.00 37.09 ? 67  GLN A OE1 1 
ATOM   493  N  NE2 . GLN A 1 67  ? 9.324   7.402   3.916   1.00 32.94 ? 67  GLN A NE2 1 
ATOM   494  N  N   . ASP A 1 68  ? 10.751  3.064   2.349   1.00 27.44 ? 68  ASP A N   1 
ATOM   495  C  CA  . ASP A 1 68  ? 11.587  2.628   3.450   1.00 27.56 ? 68  ASP A CA  1 
ATOM   496  C  C   . ASP A 1 68  ? 12.215  1.268   3.208   1.00 34.97 ? 68  ASP A C   1 
ATOM   497  O  O   . ASP A 1 68  ? 12.953  0.791   4.074   1.00 32.56 ? 68  ASP A O   1 
ATOM   498  C  CB  . ASP A 1 68  ? 10.772  2.600   4.745   1.00 27.94 ? 68  ASP A CB  1 
ATOM   499  C  CG  . ASP A 1 68  ? 10.372  4.000   5.209   1.00 28.36 ? 68  ASP A CG  1 
ATOM   500  O  OD1 . ASP A 1 68  ? 10.787  4.959   4.530   1.00 29.35 ? 68  ASP A OD1 1 
ATOM   501  O  OD2 . ASP A 1 68  ? 9.652   4.120   6.214   1.00 32.56 ? 68  ASP A OD2 1 
ATOM   502  N  N   . SER A 1 69  ? 11.937  0.629   2.074   1.00 30.47 ? 69  SER A N   1 
ATOM   503  C  CA  . SER A 1 69  ? 12.402  -0.731  1.821   1.00 30.78 ? 69  SER A CA  1 
ATOM   504  C  C   . SER A 1 69  ? 13.595  -0.754  0.867   1.00 31.93 ? 69  SER A C   1 
ATOM   505  O  O   . SER A 1 69  ? 13.957  0.245   0.230   1.00 31.76 ? 69  SER A O   1 
ATOM   506  C  CB  . SER A 1 69  ? 11.263  -1.594  1.261   1.00 29.22 ? 69  SER A CB  1 
ATOM   507  O  OG  . SER A 1 69  ? 10.729  -0.996  0.092   1.00 29.79 ? 69  SER A OG  1 
ATOM   508  N  N   . GLY A 1 70  ? 14.229  -1.924  0.792   1.00 29.08 ? 70  GLY A N   1 
ATOM   509  C  CA  . GLY A 1 70  ? 15.269  -2.167  -0.182  1.00 32.63 ? 70  GLY A CA  1 
ATOM   510  C  C   . GLY A 1 70  ? 14.756  -2.431  -1.587  1.00 32.39 ? 70  GLY A C   1 
ATOM   511  O  O   . GLY A 1 70  ? 13.594  -2.175  -1.922  1.00 32.26 ? 70  GLY A O   1 
ATOM   512  N  N   . LEU A 1 71  ? 15.649  -2.981  -2.422  1.00 31.81 ? 71  LEU A N   1 
ATOM   513  C  CA  . LEU A 1 71  ? 15.403  -3.097  -3.850  1.00 29.19 ? 71  LEU A CA  1 
ATOM   514  C  C   . LEU A 1 71  ? 14.379  -4.166  -4.172  1.00 31.07 ? 71  LEU A C   1 
ATOM   515  O  O   . LEU A 1 71  ? 13.827  -4.166  -5.268  1.00 28.90 ? 71  LEU A O   1 
ATOM   516  C  CB  . LEU A 1 71  ? 16.698  -3.413  -4.585  1.00 33.57 ? 71  LEU A CB  1 
ATOM   517  C  CG  . LEU A 1 71  ? 17.650  -2.223  -4.593  1.00 32.93 ? 71  LEU A CG  1 
ATOM   518  C  CD1 . LEU A 1 71  ? 19.010  -2.672  -5.066  1.00 37.01 ? 71  LEU A CD1 1 
ATOM   519  C  CD2 . LEU A 1 71  ? 17.095  -1.142  -5.484  1.00 35.59 ? 71  LEU A CD2 1 
ATOM   520  N  N   . GLU A 1 72  ? 14.177  -5.107  -3.269  1.00 28.86 ? 72  GLU A N   1 
ATOM   521  C  CA  . GLU A 1 72  ? 13.199  -6.165  -3.444  1.00 28.11 ? 72  GLU A CA  1 
ATOM   522  C  C   . GLU A 1 72  ? 12.273  -6.092  -2.242  1.00 26.40 ? 72  GLU A C   1 
ATOM   523  O  O   . GLU A 1 72  ? 12.750  -6.059  -1.108  1.00 27.10 ? 72  GLU A O   1 
ATOM   524  C  CB  . GLU A 1 72  ? 13.896  -7.536  -3.550  1.00 27.21 ? 72  GLU A CB  1 
ATOM   525  C  CG  . GLU A 1 72  ? 15.144  -7.588  -4.444  1.00 31.55 ? 72  GLU A CG  1 
ATOM   526  C  CD  . GLU A 1 72  ? 16.435  -7.283  -3.710  1.00 31.98 ? 72  GLU A CD  1 
ATOM   527  O  OE1 . GLU A 1 72  ? 16.363  -6.909  -2.528  1.00 29.14 ? 72  GLU A OE1 1 
ATOM   528  O  OE2 . GLU A 1 72  ? 17.538  -7.465  -4.327  1.00 33.84 ? 72  GLU A OE2 1 
ATOM   529  N  N   . VAL A 1 73  ? 10.956  -6.092  -2.456  1.00 27.37 ? 73  VAL A N   1 
ATOM   530  C  CA  . VAL A 1 73  ? 10.076  -5.936  -1.303  1.00 23.49 ? 73  VAL A CA  1 
ATOM   531  C  C   . VAL A 1 73  ? 8.783   -6.699  -1.537  1.00 24.36 ? 73  VAL A C   1 
ATOM   532  O  O   . VAL A 1 73  ? 8.264   -6.741  -2.657  1.00 24.24 ? 73  VAL A O   1 
ATOM   533  C  CB  . VAL A 1 73  ? 9.828   -4.436  -0.993  1.00 29.25 ? 73  VAL A CB  1 
ATOM   534  C  CG1 . VAL A 1 73  ? 9.120   -3.738  -2.149  1.00 30.95 ? 73  VAL A CG1 1 
ATOM   535  C  CG2 . VAL A 1 73  ? 9.043   -4.280  0.305   1.00 28.46 ? 73  VAL A CG2 1 
ATOM   536  N  N   . ASN A 1 74  ? 8.314   -7.341  -0.469  1.00 24.82 ? 74  ASN A N   1 
ATOM   537  C  CA  . ASN A 1 74  ? 7.001   -7.977  -0.395  1.00 23.65 ? 74  ASN A CA  1 
ATOM   538  C  C   . ASN A 1 74  ? 6.076   -7.035  0.350   1.00 25.39 ? 74  ASN A C   1 
ATOM   539  O  O   . ASN A 1 74  ? 6.415   -6.588  1.444   1.00 24.14 ? 74  ASN A O   1 
ATOM   540  C  CB  . ASN A 1 74  ? 7.078   -9.298  0.369   1.00 23.80 ? 74  ASN A CB  1 
ATOM   541  C  CG  . ASN A 1 74  ? 7.911   -10.340 -0.359  1.00 23.98 ? 74  ASN A CG  1 
ATOM   542  O  OD1 . ASN A 1 74  ? 7.773   -10.526 -1.565  1.00 26.19 ? 74  ASN A OD1 1 
ATOM   543  N  ND2 . ASN A 1 74  ? 8.775   -11.033 0.384   1.00 24.99 ? 74  ASN A ND2 1 
ATOM   544  N  N   . ILE A 1 75  ? 4.897   -6.755  -0.217  1.00 22.68 ? 75  ILE A N   1 
ATOM   545  C  CA  . ILE A 1 75  ? 3.941   -5.859  0.438   1.00 22.61 ? 75  ILE A CA  1 
ATOM   546  C  C   . ILE A 1 75  ? 2.589   -6.564  0.508   1.00 23.89 ? 75  ILE A C   1 
ATOM   547  O  O   . ILE A 1 75  ? 2.083   -7.027  -0.514  1.00 25.37 ? 75  ILE A O   1 
ATOM   548  C  CB  . ILE A 1 75  ? 3.819   -4.527  -0.321  1.00 22.08 ? 75  ILE A CB  1 
ATOM   549  C  CG1 . ILE A 1 75  ? 5.187   -3.815  -0.453  1.00 23.93 ? 75  ILE A CG1 1 
ATOM   550  C  CG2 . ILE A 1 75  ? 2.744   -3.629  0.292   1.00 22.65 ? 75  ILE A CG2 1 
ATOM   551  C  CD1 . ILE A 1 75  ? 5.118   -2.490  -1.194  1.00 27.53 ? 75  ILE A CD1 1 
ATOM   552  N  N   . VAL A 1 76  ? 2.006   -6.646  1.701   1.00 22.80 ? 76  VAL A N   1 
ATOM   553  C  CA  . VAL A 1 76  ? 0.703   -7.291  1.904   1.00 21.91 ? 76  VAL A CA  1 
ATOM   554  C  C   . VAL A 1 76  ? -0.270  -6.190  2.304   1.00 25.23 ? 76  VAL A C   1 
ATOM   555  O  O   . VAL A 1 76  ? -0.084  -5.555  3.345   1.00 22.23 ? 76  VAL A O   1 
ATOM   556  C  CB  . VAL A 1 76  ? 0.764   -8.404  2.964   1.00 22.92 ? 76  VAL A CB  1 
ATOM   557  C  CG1 . VAL A 1 76  ? -0.627  -8.980  3.238   1.00 22.46 ? 76  VAL A CG1 1 
ATOM   558  C  CG2 . VAL A 1 76  ? 1.748   -9.541  2.519   1.00 20.93 ? 76  VAL A CG2 1 
ATOM   559  N  N   . THR A 1 77  ? -1.302  -5.960  1.474   1.00 21.35 ? 77  THR A N   1 
ATOM   560  C  CA  . THR A 1 77  ? -2.334  -4.951  1.710   1.00 22.23 ? 77  THR A CA  1 
ATOM   561  C  C   . THR A 1 77  ? -3.700  -5.627  1.836   1.00 24.27 ? 77  THR A C   1 
ATOM   562  O  O   . THR A 1 77  ? -3.923  -6.710  1.275   1.00 24.18 ? 77  THR A O   1 
ATOM   563  C  CB  . THR A 1 77  ? -2.383  -3.892  0.558   1.00 22.71 ? 77  THR A CB  1 
ATOM   564  O  OG1 . THR A 1 77  ? -3.401  -2.918  0.823   1.00 22.37 ? 77  THR A OG1 1 
ATOM   565  C  CG2 . THR A 1 77  ? -2.696  -4.567  -0.789  1.00 22.23 ? 77  THR A CG2 1 
ATOM   566  N  N   . ASP A 1 78  ? -4.622  -5.010  2.582   1.00 21.67 ? 78  ASP A N   1 
ATOM   567  C  CA  . ASP A 1 78  ? -6.008  -5.487  2.584   1.00 22.77 ? 78  ASP A CA  1 
ATOM   568  C  C   . ASP A 1 78  ? -6.925  -4.604  1.739   1.00 25.50 ? 78  ASP A C   1 
ATOM   569  O  O   . ASP A 1 78  ? -8.162  -4.728  1.818   1.00 23.54 ? 78  ASP A O   1 
ATOM   570  C  CB  . ASP A 1 78  ? -6.545  -5.647  4.026   1.00 22.55 ? 78  ASP A CB  1 
ATOM   571  C  CG  . ASP A 1 78  ? -6.548  -4.354  4.834   1.00 26.81 ? 78  ASP A CG  1 
ATOM   572  O  OD1 . ASP A 1 78  ? -6.836  -3.299  4.275   1.00 22.99 ? 78  ASP A OD1 1 
ATOM   573  O  OD2 . ASP A 1 78  ? -6.247  -4.423  6.025   1.00 25.47 ? 78  ASP A OD2 1 
ATOM   574  N  N   . SER A 1 79  ? -6.344  -3.717  0.933   1.00 22.07 ? 79  SER A N   1 
ATOM   575  C  CA  . SER A 1 79  ? -7.102  -2.818  0.066   1.00 22.15 ? 79  SER A CA  1 
ATOM   576  C  C   . SER A 1 79  ? -7.161  -3.380  -1.353  1.00 24.23 ? 79  SER A C   1 
ATOM   577  O  O   . SER A 1 79  ? -6.180  -3.292  -2.099  1.00 22.84 ? 79  SER A O   1 
ATOM   578  C  CB  . SER A 1 79  ? -6.475  -1.428  0.050   1.00 22.92 ? 79  SER A CB  1 
ATOM   579  O  OG  . SER A 1 79  ? -7.168  -0.590  -0.854  1.00 25.97 ? 79  SER A OG  1 
ATOM   580  N  N   . GLN A 1 80  ? -8.334  -3.914  -1.752  1.00 24.06 ? 80  GLN A N   1 
ATOM   581  C  CA  . GLN A 1 80  ? -8.481  -4.386  -3.126  1.00 25.40 ? 80  GLN A CA  1 
ATOM   582  C  C   . GLN A 1 80  ? -8.255  -3.243  -4.109  1.00 25.50 ? 80  GLN A C   1 
ATOM   583  O  O   . GLN A 1 80  ? -7.640  -3.430  -5.161  1.00 26.47 ? 80  GLN A O   1 
ATOM   584  C  CB  . GLN A 1 80  ? -9.870  -5.015  -3.328  1.00 29.03 ? 80  GLN A CB  1 
ATOM   585  C  CG  . GLN A 1 80  ? -9.999  -6.413  -2.770  1.00 30.69 ? 80  GLN A CG  1 
ATOM   586  C  CD  . GLN A 1 80  ? -11.395 -7.004  -2.958  1.00 35.48 ? 80  GLN A CD  1 
ATOM   587  O  OE1 . GLN A 1 80  ? -12.202 -6.482  -3.719  1.00 38.39 ? 80  GLN A OE1 1 
ATOM   588  N  NE2 . GLN A 1 80  ? -11.666 -8.118  -2.289  1.00 39.36 ? 80  GLN A NE2 1 
ATOM   589  N  N   . TYR A 1 81  ? -8.710  -2.042  -3.756  1.00 25.00 ? 81  TYR A N   1 
ATOM   590  C  CA  . TYR A 1 81  ? -8.569  -0.873  -4.617  1.00 25.70 ? 81  TYR A CA  1 
ATOM   591  C  C   . TYR A 1 81  ? -7.106  -0.485  -4.823  1.00 27.67 ? 81  TYR A C   1 
ATOM   592  O  O   . TYR A 1 81  ? -6.690  -0.169  -5.948  1.00 26.75 ? 81  TYR A O   1 
ATOM   593  C  CB  . TYR A 1 81  ? -9.333  0.300   -4.011  1.00 27.08 ? 81  TYR A CB  1 
ATOM   594  C  CG  . TYR A 1 81  ? -8.862  1.627   -4.559  1.00 27.94 ? 81  TYR A CG  1 
ATOM   595  C  CD1 . TYR A 1 81  ? -9.230  2.049   -5.824  1.00 31.48 ? 81  TYR A CD1 1 
ATOM   596  C  CD2 . TYR A 1 81  ? -8.000  2.427   -3.822  1.00 30.64 ? 81  TYR A CD2 1 
ATOM   597  C  CE1 . TYR A 1 81  ? -8.775  3.253   -6.331  1.00 35.23 ? 81  TYR A CE1 1 
ATOM   598  C  CE2 . TYR A 1 81  ? -7.537  3.638   -4.312  1.00 31.41 ? 81  TYR A CE2 1 
ATOM   599  C  CZ  . TYR A 1 81  ? -7.919  4.048   -5.558  1.00 34.05 ? 81  TYR A CZ  1 
ATOM   600  O  OH  . TYR A 1 81  ? -7.458  5.260   -6.038  1.00 36.16 ? 81  TYR A OH  1 
ATOM   601  N  N   . ALA A 1 82  ? -6.323  -0.437  -3.742  1.00 23.84 ? 82  ALA A N   1 
ATOM   602  C  CA  . ALA A 1 82  ? -4.911  -0.068  -3.898  1.00 26.09 ? 82  ALA A CA  1 
ATOM   603  C  C   . ALA A 1 82  ? -4.200  -1.049  -4.817  1.00 24.72 ? 82  ALA A C   1 
ATOM   604  O  O   . ALA A 1 82  ? -3.466  -0.654  -5.727  1.00 28.03 ? 82  ALA A O   1 
ATOM   605  C  CB  . ALA A 1 82  ? -4.238  -0.010  -2.525  1.00 24.51 ? 82  ALA A CB  1 
ATOM   606  N  N   . LEU A 1 83  ? -4.411  -2.345  -4.594  1.00 25.16 ? 83  LEU A N   1 
ATOM   607  C  CA  . LEU A 1 83  ? -3.814  -3.347  -5.467  1.00 27.39 ? 83  LEU A CA  1 
ATOM   608  C  C   . LEU A 1 83  ? -4.254  -3.142  -6.904  1.00 30.32 ? 83  LEU A C   1 
ATOM   609  O  O   . LEU A 1 83  ? -3.427  -3.110  -7.820  1.00 30.10 ? 83  LEU A O   1 
ATOM   610  C  CB  . LEU A 1 83  ? -4.187  -4.754  -4.987  1.00 25.67 ? 83  LEU A CB  1 
ATOM   611  C  CG  . LEU A 1 83  ? -3.764  -5.885  -5.929  1.00 29.07 ? 83  LEU A CG  1 
ATOM   612  C  CD1 . LEU A 1 83  ? -2.271  -5.877  -6.042  1.00 29.71 ? 83  LEU A CD1 1 
ATOM   613  C  CD2 . LEU A 1 83  ? -4.255  -7.228  -5.414  1.00 33.84 ? 83  LEU A CD2 1 
ATOM   614  N  N   . GLY A 1 84  ? -5.555  -2.971  -7.122  1.00 26.37 ? 84  GLY A N   1 
ATOM   615  C  CA  . GLY A 1 84  ? -6.052  -2.912  -8.486  1.00 28.90 ? 84  GLY A CA  1 
ATOM   616  C  C   . GLY A 1 84  ? -5.553  -1.694  -9.237  1.00 27.56 ? 84  GLY A C   1 
ATOM   617  O  O   . GLY A 1 84  ? -5.081  -1.798  -10.377 1.00 29.90 ? 84  GLY A O   1 
ATOM   618  N  N   . ILE A 1 85  ? -5.630  -0.526  -8.603  1.00 26.91 ? 85  ILE A N   1 
ATOM   619  C  CA  . ILE A 1 85  ? -5.282  0.708   -9.295  1.00 30.14 ? 85  ILE A CA  1 
ATOM   620  C  C   . ILE A 1 85  ? -3.798  0.710   -9.651  1.00 32.98 ? 85  ILE A C   1 
ATOM   621  O  O   . ILE A 1 85  ? -3.413  1.130   -10.750 1.00 29.30 ? 85  ILE A O   1 
ATOM   622  C  CB  . ILE A 1 85  ? -5.710  1.935   -8.455  1.00 27.59 ? 85  ILE A CB  1 
ATOM   623  C  CG1 . ILE A 1 85  ? -5.795  3.195   -9.319  1.00 32.25 ? 85  ILE A CG1 1 
ATOM   624  C  CG2 . ILE A 1 85  ? -4.787  2.200   -7.235  1.00 26.20 ? 85  ILE A CG2 1 
ATOM   625  C  CD1 . ILE A 1 85  ? -6.989  3.191   -10.266 1.00 33.51 ? 85  ILE A CD1 1 
ATOM   626  N  N   . ILE A 1 86  ? -2.954  0.181   -8.765  1.00 29.51 ? 86  ILE A N   1 
ATOM   627  C  CA  . ILE A 1 86  ? -1.522  0.108   -9.052  1.00 27.80 ? 86  ILE A CA  1 
ATOM   628  C  C   . ILE A 1 86  ? -1.244  -0.920  -10.160 1.00 31.83 ? 86  ILE A C   1 
ATOM   629  O  O   . ILE A 1 86  ? -0.485  -0.651  -11.104 1.00 34.63 ? 86  ILE A O   1 
ATOM   630  C  CB  . ILE A 1 86  ? -0.734  -0.222  -7.770  1.00 29.50 ? 86  ILE A CB  1 
ATOM   631  C  CG1 . ILE A 1 86  ? -0.821  0.913   -6.742  1.00 27.19 ? 86  ILE A CG1 1 
ATOM   632  C  CG2 . ILE A 1 86  ? 0.732   -0.456  -8.108  1.00 31.74 ? 86  ILE A CG2 1 
ATOM   633  C  CD1 . ILE A 1 86  ? -0.431  0.463   -5.323  1.00 27.17 ? 86  ILE A CD1 1 
ATOM   634  N  N   . THR A 1 87  ? -1.844  -2.111  -10.058 1.00 30.68 ? 87  THR A N   1 
ATOM   635  C  CA  . THR A 1 87  ? -1.614  -3.155  -11.062 1.00 32.70 ? 87  THR A CA  1 
ATOM   636  C  C   . THR A 1 87  ? -2.068  -2.703  -12.440 1.00 36.86 ? 87  THR A C   1 
ATOM   637  O  O   . THR A 1 87  ? -1.373  -2.920  -13.443 1.00 37.51 ? 87  THR A O   1 
ATOM   638  C  CB  . THR A 1 87  ? -2.317  -4.465  -10.673 1.00 33.06 ? 87  THR A CB  1 
ATOM   639  O  OG1 . THR A 1 87  ? -1.856  -4.914  -9.390  1.00 32.78 ? 87  THR A OG1 1 
ATOM   640  C  CG2 . THR A 1 87  ? -2.017  -5.577  -11.690 1.00 35.87 ? 87  THR A CG2 1 
ATOM   641  N  N   . GLN A 1 88  ? -3.234  -2.067  -12.513 1.00 32.44 ? 88  GLN A N   1 
ATOM   642  C  CA  . GLN A 1 88  ? -3.742  -1.613  -13.798 1.00 37.59 ? 88  GLN A CA  1 
ATOM   643  C  C   . GLN A 1 88  ? -2.867  -0.524  -14.387 1.00 41.32 ? 88  GLN A C   1 
ATOM   644  O  O   . GLN A 1 88  ? -2.651  -0.477  -15.602 1.00 40.98 ? 88  GLN A O   1 
ATOM   645  C  CB  . GLN A 1 88  ? -5.164  -1.126  -13.630 1.00 34.16 ? 88  GLN A CB  1 
ATOM   646  C  CG  . GLN A 1 88  ? -6.068  -2.291  -13.351 1.00 37.20 ? 88  GLN A CG  1 
ATOM   647  C  CD  . GLN A 1 88  ? -7.217  -1.889  -12.510 1.00 35.11 ? 88  GLN A CD  1 
ATOM   648  O  OE1 . GLN A 1 88  ? -7.557  -0.712  -12.457 1.00 40.24 ? 88  GLN A OE1 1 
ATOM   649  N  NE2 . GLN A 1 88  ? -7.825  -2.856  -11.831 1.00 32.18 ? 88  GLN A NE2 1 
ATOM   650  N  N   . TRP A 1 89  ? -2.362  0.370   -13.544 1.00 37.76 ? 89  TRP A N   1 
ATOM   651  C  CA  . TRP A 1 89  ? -1.420  1.367   -14.044 1.00 39.85 ? 89  TRP A CA  1 
ATOM   652  C  C   . TRP A 1 89  ? -0.193  0.697   -14.648 1.00 39.88 ? 89  TRP A C   1 
ATOM   653  O  O   . TRP A 1 89  ? 0.268   1.090   -15.728 1.00 42.12 ? 89  TRP A O   1 
ATOM   654  C  CB  . TRP A 1 89  ? -1.025  2.310   -12.915 1.00 33.88 ? 89  TRP A CB  1 
ATOM   655  C  CG  . TRP A 1 89  ? -0.446  3.621   -13.360 1.00 38.02 ? 89  TRP A CG  1 
ATOM   656  C  CD1 . TRP A 1 89  ? 0.684   3.829   -14.113 1.00 41.79 ? 89  TRP A CD1 1 
ATOM   657  C  CD2 . TRP A 1 89  ? -0.959  4.913   -13.039 1.00 38.84 ? 89  TRP A CD2 1 
ATOM   658  N  NE1 . TRP A 1 89  ? 0.893   5.179   -14.271 1.00 42.60 ? 89  TRP A NE1 1 
ATOM   659  C  CE2 . TRP A 1 89  ? -0.105  5.864   -13.626 1.00 40.94 ? 89  TRP A CE2 1 
ATOM   660  C  CE3 . TRP A 1 89  ? -2.066  5.356   -12.317 1.00 39.77 ? 89  TRP A CE3 1 
ATOM   661  C  CZ2 . TRP A 1 89  ? -0.324  7.235   -13.508 1.00 45.90 ? 89  TRP A CZ2 1 
ATOM   662  C  CZ3 . TRP A 1 89  ? -2.285  6.718   -12.198 1.00 39.99 ? 89  TRP A CZ3 1 
ATOM   663  C  CH2 . TRP A 1 89  ? -1.424  7.638   -12.793 1.00 41.06 ? 89  TRP A CH2 1 
ATOM   664  N  N   . ILE A 1 90  ? 0.351   -0.323  -13.977 1.00 40.14 ? 90  ILE A N   1 
ATOM   665  C  CA  . ILE A 1 90  ? 1.523   -1.011  -14.523 1.00 39.30 ? 90  ILE A CA  1 
ATOM   666  C  C   . ILE A 1 90  ? 1.198   -1.721  -15.812 1.00 47.38 ? 90  ILE A C   1 
ATOM   667  O  O   . ILE A 1 90  ? 1.989   -1.726  -16.749 1.00 47.40 ? 90  ILE A O   1 
ATOM   668  C  CB  . ILE A 1 90  ? 2.126   -1.996  -13.515 1.00 39.65 ? 90  ILE A CB  1 
ATOM   669  C  CG1 . ILE A 1 90  ? 2.579   -1.212  -12.313 1.00 36.92 ? 90  ILE A CG1 1 
ATOM   670  C  CG2 . ILE A 1 90  ? 3.158   -2.895  -14.191 1.00 44.79 ? 90  ILE A CG2 1 
ATOM   671  C  CD1 . ILE A 1 90  ? 2.808   -2.044  -11.160 1.00 39.52 ? 90  ILE A CD1 1 
ATOM   672  N  N   . HIS A 1 91  ? 0.083   -2.407  -15.862 1.00 43.24 ? 91  HIS A N   1 
ATOM   673  C  CA  . HIS A 1 91  ? -0.098  -3.272  -17.002 1.00 44.54 ? 91  HIS A CA  1 
ATOM   674  C  C   . HIS A 1 91  ? -0.487  -2.427  -18.189 1.00 43.69 ? 91  HIS A C   1 
ATOM   675  O  O   . HIS A 1 91  ? -0.405  -2.866  -19.337 1.00 47.64 ? 91  HIS A O   1 
ATOM   676  C  CB  . HIS A 1 91  ? -1.274  -4.151  -16.850 1.00 44.51 ? 91  HIS A CB  1 
ATOM   677  C  CG  . HIS A 1 91  ? -1.085  -5.338  -16.018 1.00 45.51 ? 91  HIS A CG  1 
ATOM   678  N  ND1 . HIS A 1 91  ? -2.161  -6.124  -15.811 1.00 45.97 ? 91  HIS A ND1 1 
ATOM   679  C  CD2 . HIS A 1 91  ? -0.162  -5.771  -15.140 1.00 45.09 ? 91  HIS A CD2 1 
ATOM   680  C  CE1 . HIS A 1 91  ? -1.919  -7.075  -14.953 1.00 41.75 ? 91  HIS A CE1 1 
ATOM   681  N  NE2 . HIS A 1 91  ? -0.689  -6.894  -14.526 1.00 47.24 ? 91  HIS A NE2 1 
ATOM   682  N  N   . ASN A 1 92  ? -1.181  -1.333  -17.902 1.00 41.57 ? 92  ASN A N   1 
ATOM   683  C  CA  . ASN A 1 92  ? -1.663  -0.395  -18.909 1.00 46.03 ? 92  ASN A CA  1 
ATOM   684  C  C   . ASN A 1 92  ? -0.777  0.809   -18.769 1.00 54.12 ? 92  ASN A C   1 
ATOM   685  O  O   . ASN A 1 92  ? -1.164  1.822   -18.181 1.00 54.44 ? 92  ASN A O   1 
ATOM   686  C  CB  . ASN A 1 92  ? -3.103  0.025   -18.763 1.00 46.32 ? 92  ASN A CB  1 
ATOM   687  C  CG  . ASN A 1 92  ? -4.058  -1.105  -18.940 1.00 43.46 ? 92  ASN A CG  1 
ATOM   688  O  OD1 . ASN A 1 92  ? -4.482  -1.422  -20.056 1.00 35.54 ? 92  ASN A OD1 1 
ATOM   689  N  ND2 . ASN A 1 92  ? -4.427  -1.715  -17.834 1.00 42.89 ? 92  ASN A ND2 1 
ATOM   690  N  N   . TRP A 1 93  ? 0.417   0.726   -19.312 1.00 54.29 ? 93  TRP A N   1 
ATOM   691  C  CA  A TRP A 1 93  ? 1.144   1.966   -19.374 0.51 56.13 ? 93  TRP A CA  1 
ATOM   692  C  CA  B TRP A 1 93  ? 1.364   1.834   -19.269 0.49 55.98 ? 93  TRP A CA  1 
ATOM   693  C  C   . TRP A 1 93  ? 1.881   2.093   -20.680 1.00 56.48 ? 93  TRP A C   1 
ATOM   694  O  O   . TRP A 1 93  ? 2.346   1.136   -21.305 1.00 57.39 ? 93  TRP A O   1 
ATOM   695  C  CB  A TRP A 1 93  ? 2.092   2.241   -18.210 0.51 54.82 ? 93  TRP A CB  1 
ATOM   696  C  CB  B TRP A 1 93  ? 2.488   1.450   -18.298 0.49 54.57 ? 93  TRP A CB  1 
ATOM   697  C  CG  A TRP A 1 93  ? 2.361   3.760   -18.149 0.51 55.53 ? 93  TRP A CG  1 
ATOM   698  C  CG  B TRP A 1 93  ? 3.743   2.229   -18.372 0.49 56.43 ? 93  TRP A CG  1 
ATOM   699  C  CD1 A TRP A 1 93  ? 3.558   4.376   -17.904 0.51 55.88 ? 93  TRP A CD1 1 
ATOM   700  C  CD1 B TRP A 1 93  ? 4.609   2.308   -19.418 0.49 57.36 ? 93  TRP A CD1 1 
ATOM   701  C  CD2 A TRP A 1 93  ? 1.413   4.827   -18.404 0.51 55.02 ? 93  TRP A CD2 1 
ATOM   702  C  CD2 B TRP A 1 93  ? 4.301   3.024   -17.325 0.49 56.32 ? 93  TRP A CD2 1 
ATOM   703  N  NE1 A TRP A 1 93  ? 3.412   5.746   -17.961 0.51 55.12 ? 93  TRP A NE1 1 
ATOM   704  N  NE1 B TRP A 1 93  ? 5.660   3.121   -19.094 0.49 57.89 ? 93  TRP A NE1 1 
ATOM   705  C  CE2 A TRP A 1 93  ? 2.111   6.047   -18.267 0.51 54.31 ? 93  TRP A CE2 1 
ATOM   706  C  CE2 B TRP A 1 93  ? 5.494   3.577   -17.815 0.49 56.92 ? 93  TRP A CE2 1 
ATOM   707  C  CE3 A TRP A 1 93  ? 0.046   4.868   -18.717 0.51 53.18 ? 93  TRP A CE3 1 
ATOM   708  C  CE3 B TRP A 1 93  ? 3.897   3.336   -16.026 0.49 53.26 ? 93  TRP A CE3 1 
ATOM   709  C  CZ2 A TRP A 1 93  ? 1.491   7.284   -18.433 0.51 54.10 ? 93  TRP A CZ2 1 
ATOM   710  C  CZ2 B TRP A 1 93  ? 6.293   4.418   -17.049 0.49 56.75 ? 93  TRP A CZ2 1 
ATOM   711  C  CZ3 A TRP A 1 93  ? -0.563  6.096   -18.885 0.51 55.62 ? 93  TRP A CZ3 1 
ATOM   712  C  CZ3 B TRP A 1 93  ? 4.687   4.170   -15.275 0.49 52.57 ? 93  TRP A CZ3 1 
ATOM   713  C  CH2 A TRP A 1 93  ? 0.159   7.288   -18.741 0.51 55.93 ? 93  TRP A CH2 1 
ATOM   714  C  CH2 B TRP A 1 93  ? 5.873   4.700   -15.784 0.49 54.03 ? 93  TRP A CH2 1 
ATOM   715  N  N   . LYS A 1 94  ? 1.850   3.347   -21.130 1.00 58.54 ? 94  LYS A N   1 
ATOM   716  C  CA  . LYS A 1 94  ? 2.230   3.724   -22.481 1.00 62.04 ? 94  LYS A CA  1 
ATOM   717  C  C   . LYS A 1 94  ? 1.604   2.768   -23.495 1.00 64.36 ? 94  LYS A C   1 
ATOM   718  O  O   . LYS A 1 94  ? 2.206   2.406   -24.507 1.00 67.57 ? 94  LYS A O   1 
ATOM   719  C  CB  . LYS A 1 94  ? 3.753   3.806   -22.615 1.00 61.16 ? 94  LYS A CB  1 
ATOM   720  C  CG  . LYS A 1 94  ? 4.363   4.989   -21.839 1.00 62.49 ? 94  LYS A CG  1 
ATOM   721  C  CD  . LYS A 1 94  ? 5.882   4.912   -21.739 1.00 56.82 ? 94  LYS A CD  1 
ATOM   722  C  CE  . LYS A 1 94  ? 6.412   5.663   -20.520 1.00 58.31 ? 94  LYS A CE  1 
ATOM   723  N  NZ  . LYS A 1 94  ? 7.906   5.773   -20.550 1.00 58.13 ? 94  LYS A NZ  1 
ATOM   724  N  N   . LYS A 1 95  ? 0.373   2.352   -23.205 1.00 65.84 ? 95  LYS A N   1 
ATOM   725  C  CA  . LYS A 1 95  ? -0.392  1.443   -24.042 1.00 64.31 ? 95  LYS A CA  1 
ATOM   726  C  C   . LYS A 1 95  ? -1.678  2.121   -24.502 1.00 66.58 ? 95  LYS A C   1 
ATOM   727  O  O   . LYS A 1 95  ? -2.019  3.231   -24.073 1.00 65.20 ? 95  LYS A O   1 
ATOM   728  C  CB  . LYS A 1 95  ? -0.699  0.135   -23.296 1.00 63.92 ? 95  LYS A CB  1 
ATOM   729  C  CG  . LYS A 1 95  ? 0.531   -0.731  -23.046 1.00 63.43 ? 95  LYS A CG  1 
ATOM   730  C  CD  . LYS A 1 95  ? 0.167   -2.080  -22.436 1.00 61.87 ? 95  LYS A CD  1 
ATOM   731  C  CE  . LYS A 1 95  ? 1.415   -2.907  -22.142 1.00 63.74 ? 95  LYS A CE  1 
ATOM   732  N  NZ  . LYS A 1 95  ? 1.097   -4.084  -21.282 1.00 65.64 ? 95  LYS A NZ  1 
ATOM   733  N  N   . ARG A 1 96  ? -2.404  1.410   -25.369 1.00 68.00 ? 96  ARG A N   1 
ATOM   734  C  CA  . ARG A 1 96  ? -3.419  1.990   -26.250 1.00 66.13 ? 96  ARG A CA  1 
ATOM   735  C  C   . ARG A 1 96  ? -4.554  2.707   -25.521 1.00 63.74 ? 96  ARG A C   1 
ATOM   736  O  O   . ARG A 1 96  ? -4.499  3.927   -25.324 1.00 66.01 ? 96  ARG A O   1 
ATOM   737  C  CB  . ARG A 1 96  ? -4.019  0.907   -27.159 1.00 67.67 ? 96  ARG A CB  1 
ATOM   738  C  CG  . ARG A 1 96  ? -3.233  0.605   -28.438 1.00 71.48 ? 96  ARG A CG  1 
ATOM   739  C  CD  . ARG A 1 96  ? -1.726  0.581   -28.200 1.00 70.06 ? 96  ARG A CD  1 
ATOM   740  N  NE  . ARG A 1 96  ? -1.320  -0.626  -27.489 1.00 66.58 ? 96  ARG A NE  1 
ATOM   741  C  CZ  . ARG A 1 96  ? -0.076  -0.910  -27.135 1.00 68.78 ? 96  ARG A CZ  1 
ATOM   742  N  NH1 . ARG A 1 96  ? 0.917   -0.062  -27.356 1.00 69.77 ? 96  ARG A NH1 1 
ATOM   743  N  NH2 . ARG A 1 96  ? 0.184   -2.078  -26.552 1.00 69.35 ? 96  ARG A NH2 1 
ATOM   744  N  N   . GLY A 1 97  ? -5.595  1.964   -25.147 1.00 59.18 ? 97  GLY A N   1 
ATOM   745  C  CA  . GLY A 1 97  ? -6.852  2.570   -24.748 1.00 50.87 ? 97  GLY A CA  1 
ATOM   746  C  C   . GLY A 1 97  ? -7.021  2.800   -23.262 1.00 50.10 ? 97  GLY A C   1 
ATOM   747  O  O   . GLY A 1 97  ? -8.137  2.711   -22.739 1.00 48.18 ? 97  GLY A O   1 
ATOM   748  N  N   . TRP A 1 98  ? -5.930  3.109   -22.570 1.00 53.14 ? 98  TRP A N   1 
ATOM   749  C  CA  . TRP A 1 98  ? -5.963  3.331   -21.134 1.00 51.87 ? 98  TRP A CA  1 
ATOM   750  C  C   . TRP A 1 98  ? -6.100  4.819   -20.842 1.00 47.84 ? 98  TRP A C   1 
ATOM   751  O  O   . TRP A 1 98  ? -5.465  5.654   -21.490 1.00 46.45 ? 98  TRP A O   1 
ATOM   752  C  CB  . TRP A 1 98  ? -4.701  2.773   -20.480 1.00 52.01 ? 98  TRP A CB  1 
ATOM   753  C  CG  . TRP A 1 98  ? -4.478  3.241   -19.086 1.00 53.42 ? 98  TRP A CG  1 
ATOM   754  C  CD1 . TRP A 1 98  ? -3.657  4.254   -18.671 1.00 55.39 ? 98  TRP A CD1 1 
ATOM   755  C  CD2 . TRP A 1 98  ? -5.076  2.698   -17.910 1.00 53.24 ? 98  TRP A CD2 1 
ATOM   756  N  NE1 . TRP A 1 98  ? -3.716  4.377   -17.301 1.00 56.83 ? 98  TRP A NE1 1 
ATOM   757  C  CE2 . TRP A 1 98  ? -4.575  3.428   -16.809 1.00 51.43 ? 98  TRP A CE2 1 
ATOM   758  C  CE3 . TRP A 1 98  ? -5.980  1.656   -17.679 1.00 50.93 ? 98  TRP A CE3 1 
ATOM   759  C  CZ2 . TRP A 1 98  ? -4.954  3.156   -15.497 1.00 50.13 ? 98  TRP A CZ2 1 
ATOM   760  C  CZ3 . TRP A 1 98  ? -6.360  1.381   -16.372 1.00 52.20 ? 98  TRP A CZ3 1 
ATOM   761  C  CH2 . TRP A 1 98  ? -5.848  2.130   -15.295 1.00 54.36 ? 98  TRP A CH2 1 
ATOM   762  N  N   . LYS A 1 99  ? -6.957  5.140   -19.879 1.00 48.32 ? 99  LYS A N   1 
ATOM   763  C  CA  . LYS A 1 99  ? -7.204  6.497   -19.419 1.00 45.42 ? 99  LYS A CA  1 
ATOM   764  C  C   . LYS A 1 99  ? -6.895  6.578   -17.937 1.00 48.88 ? 99  LYS A C   1 
ATOM   765  O  O   . LYS A 1 99  ? -7.287  5.696   -17.169 1.00 46.14 ? 99  LYS A O   1 
ATOM   766  C  CB  . LYS A 1 99  ? -8.652  6.917   -19.649 1.00 43.07 ? 99  LYS A CB  1 
ATOM   767  C  CG  . LYS A 1 99  ? -8.886  8.414   -19.573 1.00 45.01 ? 99  LYS A CG  1 
ATOM   768  C  CD  . LYS A 1 99  ? -9.753  8.873   -20.727 1.00 48.42 ? 99  LYS A CD  1 
ATOM   769  C  CE  . LYS A 1 99  ? -10.367 10.256  -20.503 1.00 48.23 ? 99  LYS A CE  1 
ATOM   770  N  NZ  . LYS A 1 99  ? -10.425 11.060  -21.785 1.00 51.40 ? 99  LYS A NZ  1 
ATOM   771  N  N   . THR A 1 100 ? -6.209  7.645   -17.543 1.00 49.09 ? 100 THR A N   1 
ATOM   772  C  CA  . THR A 1 100 ? -5.759  7.775   -16.170 1.00 48.26 ? 100 THR A CA  1 
ATOM   773  C  C   . THR A 1 100 ? -6.959  7.884   -15.235 1.00 46.20 ? 100 THR A C   1 
ATOM   774  O  O   . THR A 1 100 ? -7.952  8.543   -15.569 1.00 46.29 ? 100 THR A O   1 
ATOM   775  C  CB  . THR A 1 100 ? -4.900  9.020   -16.002 1.00 53.73 ? 100 THR A CB  1 
ATOM   776  O  OG1 . THR A 1 100 ? -5.760  10.128  -15.679 1.00 53.21 ? 100 THR A OG1 1 
ATOM   777  C  CG2 . THR A 1 100 ? -4.165  9.309   -17.307 1.00 50.71 ? 100 THR A CG2 1 
ATOM   778  N  N   . PRO A 1 101 ? -6.897  7.271   -14.057 1.00 45.22 ? 101 PRO A N   1 
ATOM   779  C  CA  . PRO A 1 101 ? -7.992  7.416   -13.099 1.00 43.45 ? 101 PRO A CA  1 
ATOM   780  C  C   . PRO A 1 101 ? -8.159  8.866   -12.679 1.00 43.82 ? 101 PRO A C   1 
ATOM   781  O  O   . PRO A 1 101 ? -7.268  9.702   -12.845 1.00 47.68 ? 101 PRO A O   1 
ATOM   782  C  CB  . PRO A 1 101 ? -7.554  6.537   -11.922 1.00 39.73 ? 101 PRO A CB  1 
ATOM   783  C  CG  . PRO A 1 101 ? -6.079  6.391   -12.075 1.00 43.17 ? 101 PRO A CG  1 
ATOM   784  C  CD  . PRO A 1 101 ? -5.819  6.410   -13.548 1.00 43.61 ? 101 PRO A CD  1 
ATOM   785  N  N   . VAL A 1 102 ? -9.337  9.164   -12.148 1.00 43.69 ? 102 VAL A N   1 
ATOM   786  C  CA  . VAL A 1 102 ? -9.663  10.515  -11.712 1.00 45.77 ? 102 VAL A CA  1 
ATOM   787  C  C   . VAL A 1 102 ? -9.221  10.752  -10.281 1.00 45.24 ? 102 VAL A C   1 
ATOM   788  O  O   . VAL A 1 102 ? -8.559  11.742  -9.966  1.00 49.55 ? 102 VAL A O   1 
ATOM   789  C  CB  . VAL A 1 102 ? -11.176 10.774  -11.871 1.00 47.42 ? 102 VAL A CB  1 
ATOM   790  C  CG1 . VAL A 1 102 ? -11.421 12.154  -12.468 1.00 50.25 ? 102 VAL A CG1 1 
ATOM   791  C  CG2 . VAL A 1 102 ? -11.839 9.683   -12.723 1.00 45.16 ? 102 VAL A CG2 1 
ATOM   792  N  N   . LYS A 1 103 ? -9.576  9.848   -9.393  1.00 38.68 ? 103 LYS A N   1 
ATOM   793  C  CA  . LYS A 1 103 ? -9.277  10.023  -7.988  1.00 37.98 ? 103 LYS A CA  1 
ATOM   794  C  C   . LYS A 1 103 ? -7.876  9.512   -7.661  1.00 37.53 ? 103 LYS A C   1 
ATOM   795  O  O   . LYS A 1 103 ? -7.360  8.595   -8.305  1.00 33.98 ? 103 LYS A O   1 
ATOM   796  C  CB  . LYS A 1 103 ? -10.362 9.338   -7.156  1.00 41.98 ? 103 LYS A CB  1 
ATOM   797  C  CG  . LYS A 1 103 ? -10.252 7.840   -7.054  1.00 44.23 ? 103 LYS A CG  1 
ATOM   798  C  CD  . LYS A 1 103 ? -11.164 7.295   -5.952  1.00 46.01 ? 103 LYS A CD  1 
ATOM   799  C  CE  . LYS A 1 103 ? -11.553 5.850   -6.253  1.00 44.34 ? 103 LYS A CE  1 
ATOM   800  N  NZ  . LYS A 1 103 ? -12.614 5.755   -7.301  1.00 49.64 ? 103 LYS A NZ  1 
ATOM   801  N  N   . ASN A 1 104 ? -7.236  10.181  -6.697  1.00 33.53 ? 104 ASN A N   1 
ATOM   802  C  CA  . ASN A 1 104 ? -5.944  9.784   -6.137  1.00 31.02 ? 104 ASN A CA  1 
ATOM   803  C  C   . ASN A 1 104 ? -4.824  9.788   -7.162  1.00 31.76 ? 104 ASN A C   1 
ATOM   804  O  O   . ASN A 1 104 ? -3.808  9.117   -6.970  1.00 31.82 ? 104 ASN A O   1 
ATOM   805  C  CB  . ASN A 1 104 ? -6.046  8.418   -5.450  1.00 31.09 ? 104 ASN A CB  1 
ATOM   806  C  CG  . ASN A 1 104 ? -7.141  8.388   -4.430  1.00 31.99 ? 104 ASN A CG  1 
ATOM   807  O  OD1 . ASN A 1 104 ? -7.362  9.383   -3.747  1.00 38.81 ? 104 ASN A OD1 1 
ATOM   808  N  ND2 . ASN A 1 104 ? -7.830  7.259   -4.297  1.00 32.08 ? 104 ASN A ND2 1 
ATOM   809  N  N   . VAL A 1 105 ? -4.956  10.562  -8.245  1.00 30.64 ? 105 VAL A N   1 
ATOM   810  C  CA  . VAL A 1 105 ? -3.963  10.485  -9.319  1.00 34.41 ? 105 VAL A CA  1 
ATOM   811  C  C   . VAL A 1 105 ? -2.570  10.869  -8.819  1.00 32.76 ? 105 VAL A C   1 
ATOM   812  O  O   . VAL A 1 105 ? -1.582  10.188  -9.129  1.00 35.22 ? 105 VAL A O   1 
ATOM   813  C  CB  . VAL A 1 105 ? -4.404  11.337  -10.527 1.00 37.13 ? 105 VAL A CB  1 
ATOM   814  C  CG1 . VAL A 1 105 ? -4.650  12.758  -10.116 1.00 34.27 ? 105 VAL A CG1 1 
ATOM   815  C  CG2 . VAL A 1 105 ? -3.324  11.295  -11.594 1.00 38.05 ? 105 VAL A CG2 1 
ATOM   816  N  N   . ASP A 1 106 ? -2.464  11.952  -8.041  1.00 31.88 ? 106 ASP A N   1 
ATOM   817  C  CA  . ASP A 1 106 ? -1.157  12.418  -7.581  1.00 30.17 ? 106 ASP A CA  1 
ATOM   818  C  C   . ASP A 1 106 ? -0.463  11.351  -6.746  1.00 30.29 ? 106 ASP A C   1 
ATOM   819  O  O   . ASP A 1 106 ? 0.710   11.037  -6.966  1.00 33.02 ? 106 ASP A O   1 
ATOM   820  C  CB  . ASP A 1 106 ? -1.315  13.703  -6.766  1.00 34.47 ? 106 ASP A CB  1 
ATOM   821  C  CG  . ASP A 1 106 ? -1.750  14.878  -7.632  1.00 36.33 ? 106 ASP A CG  1 
ATOM   822  O  OD1 . ASP A 1 106 ? -1.759  14.708  -8.863  1.00 39.07 ? 106 ASP A OD1 1 
ATOM   823  O  OD2 . ASP A 1 106 ? -2.072  15.951  -7.093  1.00 41.80 ? 106 ASP A OD2 1 
ATOM   824  N  N   . LEU A 1 107 ? -1.186  10.773  -5.795  1.00 30.78 ? 107 LEU A N   1 
ATOM   825  C  CA  . LEU A 1 107 ? -0.600  9.756   -4.930  1.00 29.21 ? 107 LEU A CA  1 
ATOM   826  C  C   . LEU A 1 107 ? -0.222  8.497   -5.702  1.00 28.56 ? 107 LEU A C   1 
ATOM   827  O  O   . LEU A 1 107 ? 0.858   7.942   -5.485  1.00 27.96 ? 107 LEU A O   1 
ATOM   828  C  CB  . LEU A 1 107 ? -1.568  9.431   -3.796  1.00 28.91 ? 107 LEU A CB  1 
ATOM   829  C  CG  . LEU A 1 107 ? -1.158  8.421   -2.728  1.00 30.68 ? 107 LEU A CG  1 
ATOM   830  C  CD1 . LEU A 1 107 ? 0.199   8.742   -2.072  1.00 31.59 ? 107 LEU A CD1 1 
ATOM   831  C  CD2 . LEU A 1 107 ? -2.255  8.358   -1.678  1.00 30.34 ? 107 LEU A CD2 1 
ATOM   832  N  N   . VAL A 1 108 ? -1.094  8.002   -6.585  1.00 27.52 ? 108 VAL A N   1 
ATOM   833  C  CA  . VAL A 1 108 ? -0.725  6.795   -7.327  1.00 30.58 ? 108 VAL A CA  1 
ATOM   834  C  C   . VAL A 1 108 ? 0.501   7.070   -8.193  1.00 31.67 ? 108 VAL A C   1 
ATOM   835  O  O   . VAL A 1 108 ? 1.427   6.253   -8.268  1.00 29.62 ? 108 VAL A O   1 
ATOM   836  C  CB  . VAL A 1 108 ? -1.922  6.257   -8.145  1.00 27.59 ? 108 VAL A CB  1 
ATOM   837  C  CG1 . VAL A 1 108 ? -1.528  5.002   -8.919  1.00 29.38 ? 108 VAL A CG1 1 
ATOM   838  C  CG2 . VAL A 1 108 ? -3.078  5.916   -7.217  1.00 27.25 ? 108 VAL A CG2 1 
ATOM   839  N  N   . ASN A 1 109 ? 0.564   8.257   -8.795  1.00 32.95 ? 109 ASN A N   1 
ATOM   840  C  CA  . ASN A 1 109 ? 1.733   8.628   -9.583  1.00 32.03 ? 109 ASN A CA  1 
ATOM   841  C  C   . ASN A 1 109 ? 3.009   8.583   -8.744  1.00 31.51 ? 109 ASN A C   1 
ATOM   842  O  O   . ASN A 1 109 ? 4.048   8.106   -9.210  1.00 33.23 ? 109 ASN A O   1 
ATOM   843  C  CB  . ASN A 1 109 ? 1.531   10.027  -10.165 1.00 35.23 ? 109 ASN A CB  1 
ATOM   844  C  CG  . ASN A 1 109 ? 1.591   10.036  -11.666 1.00 41.87 ? 109 ASN A CG  1 
ATOM   845  O  OD1 . ASN A 1 109 ? 2.151   9.127   -12.277 1.00 45.48 ? 109 ASN A OD1 1 
ATOM   846  N  ND2 . ASN A 1 109 ? 1.011   11.070  -12.280 1.00 48.38 ? 109 ASN A ND2 1 
ATOM   847  N  N   . GLN A 1 110 ? 2.946   9.053   -7.495  1.00 30.89 ? 110 GLN A N   1 
ATOM   848  C  CA  . GLN A 1 110 ? 4.125   9.024   -6.635  1.00 32.37 ? 110 GLN A CA  1 
ATOM   849  C  C   . GLN A 1 110 ? 4.496   7.595   -6.280  1.00 32.80 ? 110 GLN A C   1 
ATOM   850  O  O   . GLN A 1 110 ? 5.677   7.262   -6.149  1.00 29.80 ? 110 GLN A O   1 
ATOM   851  C  CB  . GLN A 1 110 ? 3.890   9.820   -5.354  1.00 32.49 ? 110 GLN A CB  1 
ATOM   852  C  CG  . GLN A 1 110 ? 3.424   11.247  -5.540  1.00 38.13 ? 110 GLN A CG  1 
ATOM   853  C  CD  . GLN A 1 110 ? 4.577   12.213  -5.571  1.00 44.25 ? 110 GLN A CD  1 
ATOM   854  O  OE1 . GLN A 1 110 ? 5.699   11.832  -5.897  1.00 42.32 ? 110 GLN A OE1 1 
ATOM   855  N  NE2 . GLN A 1 110 ? 4.314   13.473  -5.220  1.00 46.72 ? 110 GLN A NE2 1 
ATOM   856  N  N   . ILE A 1 111 ? 3.492   6.742   -6.088  1.00 29.35 ? 111 ILE A N   1 
ATOM   857  C  CA  . ILE A 1 111 ? 3.758   5.320   -5.884  1.00 28.00 ? 111 ILE A CA  1 
ATOM   858  C  C   . ILE A 1 111 ? 4.470   4.735   -7.095  1.00 31.55 ? 111 ILE A C   1 
ATOM   859  O  O   . ILE A 1 111 ? 5.461   4.002   -6.963  1.00 30.91 ? 111 ILE A O   1 
ATOM   860  C  CB  . ILE A 1 111 ? 2.445   4.581   -5.580  1.00 27.44 ? 111 ILE A CB  1 
ATOM   861  C  CG1 . ILE A 1 111 ? 1.993   4.903   -4.148  1.00 25.15 ? 111 ILE A CG1 1 
ATOM   862  C  CG2 . ILE A 1 111 ? 2.614   3.050   -5.806  1.00 30.39 ? 111 ILE A CG2 1 
ATOM   863  C  CD1 . ILE A 1 111 ? 0.652   4.291   -3.749  1.00 29.82 ? 111 ILE A CD1 1 
ATOM   864  N  N   . ILE A 1 112 ? 3.975   5.043   -8.298  1.00 28.98 ? 112 ILE A N   1 
ATOM   865  C  CA  . ILE A 1 112 ? 4.605   4.517   -9.510  1.00 33.78 ? 112 ILE A CA  1 
ATOM   866  C  C   . ILE A 1 112 ? 6.052   4.980   -9.604  1.00 31.00 ? 112 ILE A C   1 
ATOM   867  O  O   . ILE A 1 112 ? 6.931   4.222   -10.037 1.00 32.08 ? 112 ILE A O   1 
ATOM   868  C  CB  . ILE A 1 112 ? 3.814   4.925   -10.764 1.00 35.45 ? 112 ILE A CB  1 
ATOM   869  C  CG1 . ILE A 1 112 ? 2.382   4.410   -10.712 1.00 33.37 ? 112 ILE A CG1 1 
ATOM   870  C  CG2 . ILE A 1 112 ? 4.486   4.343   -11.990 1.00 39.12 ? 112 ILE A CG2 1 
ATOM   871  C  CD1 . ILE A 1 112 ? 2.280   2.906   -10.645 1.00 36.46 ? 112 ILE A CD1 1 
ATOM   872  N  N   . GLU A 1 113 ? 6.315   6.239   -9.230  1.00 33.11 ? 113 GLU A N   1 
ATOM   873  C  CA  . GLU A 1 113 ? 7.686   6.754   -9.150  1.00 34.43 ? 113 GLU A CA  1 
ATOM   874  C  C   . GLU A 1 113 ? 8.569   5.814   -8.344  1.00 36.23 ? 113 GLU A C   1 
ATOM   875  O  O   . GLU A 1 113 ? 9.654   5.411   -8.787  1.00 39.35 ? 113 GLU A O   1 
ATOM   876  C  CB  . GLU A 1 113 ? 7.711   8.133   -8.474  1.00 36.11 ? 113 GLU A CB  1 
ATOM   877  C  CG  . GLU A 1 113 ? 7.756   9.368   -9.347  1.00 42.61 ? 113 GLU A CG  1 
ATOM   878  C  CD  . GLU A 1 113 ? 8.353   10.581  -8.607  1.00 45.47 ? 113 GLU A CD  1 
ATOM   879  O  OE1 . GLU A 1 113 ? 7.650   11.246  -7.788  1.00 48.85 ? 113 GLU A OE1 1 
ATOM   880  O  OE2 . GLU A 1 113 ? 9.542   10.892  -8.868  1.00 47.77 ? 113 GLU A OE2 1 
ATOM   881  N  N   . GLN A 1 114 ? 8.130   5.493   -7.132  1.00 33.45 ? 114 GLN A N   1 
ATOM   882  C  CA  . GLN A 1 114 ? 8.883   4.590   -6.276  1.00 34.22 ? 114 GLN A CA  1 
ATOM   883  C  C   . GLN A 1 114 ? 9.024   3.214   -6.913  1.00 32.83 ? 114 GLN A C   1 
ATOM   884  O  O   . GLN A 1 114 ? 10.095  2.597   -6.854  1.00 29.39 ? 114 GLN A O   1 
ATOM   885  C  CB  . GLN A 1 114 ? 8.195   4.461   -4.924  1.00 32.48 ? 114 GLN A CB  1 
ATOM   886  C  CG  . GLN A 1 114 ? 8.283   5.669   -4.028  1.00 35.15 ? 114 GLN A CG  1 
ATOM   887  C  CD  . GLN A 1 114 ? 9.717   6.109   -3.768  1.00 42.08 ? 114 GLN A CD  1 
ATOM   888  O  OE1 . GLN A 1 114 ? 10.508  5.386   -3.143  1.00 42.39 ? 114 GLN A OE1 1 
ATOM   889  N  NE2 . GLN A 1 114 ? 10.043  7.330   -4.197  1.00 45.05 ? 114 GLN A NE2 1 
ATOM   890  N  N   . LEU A 1 115 ? 7.946   2.714   -7.521  1.00 31.31 ? 115 LEU A N   1 
ATOM   891  C  CA  . LEU A 1 115 ? 7.938   1.337   -8.007  1.00 31.64 ? 115 LEU A CA  1 
ATOM   892  C  C   . LEU A 1 115 ? 8.995   1.119   -9.080  1.00 34.40 ? 115 LEU A C   1 
ATOM   893  O  O   . LEU A 1 115 ? 9.673   0.082   -9.091  1.00 38.08 ? 115 LEU A O   1 
ATOM   894  C  CB  . LEU A 1 115 ? 6.551   0.985   -8.552  1.00 28.16 ? 115 LEU A CB  1 
ATOM   895  C  CG  . LEU A 1 115 ? 5.550   0.424   -7.556  1.00 34.13 ? 115 LEU A CG  1 
ATOM   896  C  CD1 . LEU A 1 115 ? 4.245   0.101   -8.267  1.00 34.20 ? 115 LEU A CD1 1 
ATOM   897  C  CD2 . LEU A 1 115 ? 6.080   -0.828  -6.872  1.00 33.03 ? 115 LEU A CD2 1 
ATOM   898  N  N   . ILE A 1 116 ? 9.169   2.088   -9.983  1.00 35.54 ? 116 ILE A N   1 
ATOM   899  C  CA  . ILE A 1 116 ? 10.117  1.875   -11.072 1.00 39.78 ? 116 ILE A CA  1 
ATOM   900  C  C   . ILE A 1 116 ? 11.552  1.898   -10.564 1.00 37.06 ? 116 ILE A C   1 
ATOM   901  O  O   . ILE A 1 116 ? 12.453  1.385   -11.236 1.00 44.49 ? 116 ILE A O   1 
ATOM   902  C  CB  . ILE A 1 116 ? 9.966   2.912   -12.198 1.00 40.07 ? 116 ILE A CB  1 
ATOM   903  C  CG1 . ILE A 1 116 ? 10.049  4.313   -11.637 1.00 40.63 ? 116 ILE A CG1 1 
ATOM   904  C  CG2 . ILE A 1 116 ? 8.636   2.734   -12.891 1.00 45.35 ? 116 ILE A CG2 1 
ATOM   905  C  CD1 . ILE A 1 116 ? 10.694  5.301   -12.570 1.00 46.15 ? 116 ILE A CD1 1 
ATOM   906  N  N   . LYS A 1 117 ? 11.784  2.460   -9.377  1.00 35.85 ? 117 LYS A N   1 
ATOM   907  C  CA  . LYS A 1 117 ? 13.104  2.442   -8.765  1.00 36.81 ? 117 LYS A CA  1 
ATOM   908  C  C   . LYS A 1 117 ? 13.441  1.098   -8.139  1.00 37.88 ? 117 LYS A C   1 
ATOM   909  O  O   . LYS A 1 117 ? 14.593  0.874   -7.765  1.00 31.48 ? 117 LYS A O   1 
ATOM   910  C  CB  . LYS A 1 117 ? 13.205  3.519   -7.688  1.00 38.89 ? 117 LYS A CB  1 
ATOM   911  C  CG  . LYS A 1 117 ? 13.195  4.939   -8.234  1.00 39.94 ? 117 LYS A CG  1 
ATOM   912  C  CD  . LYS A 1 117 ? 12.873  5.953   -7.147  1.00 42.02 ? 117 LYS A CD  1 
ATOM   913  C  CE  . LYS A 1 117 ? 13.416  5.518   -5.785  1.00 45.83 ? 117 LYS A CE  1 
ATOM   914  N  NZ  . LYS A 1 117 ? 13.455  6.640   -4.811  1.00 48.96 ? 117 LYS A NZ  1 
ATOM   915  N  N   . LYS A 1 118 ? 12.460  0.223   -7.971  1.00 32.66 ? 118 LYS A N   1 
ATOM   916  C  CA  . LYS A 1 118 ? 12.710  -1.062  -7.363  1.00 31.30 ? 118 LYS A CA  1 
ATOM   917  C  C   . LYS A 1 118 ? 13.179  -2.068  -8.405  1.00 31.58 ? 118 LYS A C   1 
ATOM   918  O  O   . LYS A 1 118 ? 12.965  -1.918  -9.615  1.00 31.86 ? 118 LYS A O   1 
ATOM   919  C  CB  . LYS A 1 118 ? 11.453  -1.597  -6.677  1.00 29.85 ? 118 LYS A CB  1 
ATOM   920  C  CG  . LYS A 1 118 ? 10.915  -0.725  -5.554  1.00 30.03 ? 118 LYS A CG  1 
ATOM   921  C  CD  . LYS A 1 118 ? 11.917  -0.641  -4.426  1.00 31.79 ? 118 LYS A CD  1 
ATOM   922  C  CE  . LYS A 1 118 ? 11.339  0.077   -3.226  1.00 30.38 ? 118 LYS A CE  1 
ATOM   923  N  NZ  . LYS A 1 118 ? 12.345  0.231   -2.105  1.00 29.43 ? 118 LYS A NZ  1 
ATOM   924  N  N   . GLU A 1 119 ? 13.815  -3.119  -7.910  1.00 27.99 ? 119 GLU A N   1 
ATOM   925  C  CA  . GLU A 1 119 ? 14.161  -4.231  -8.773  1.00 25.95 ? 119 GLU A CA  1 
ATOM   926  C  C   . GLU A 1 119 ? 13.023  -5.243  -8.879  1.00 29.59 ? 119 GLU A C   1 
ATOM   927  O  O   . GLU A 1 119 ? 12.696  -5.704  -9.981  1.00 31.06 ? 119 GLU A O   1 
ATOM   928  C  CB  . GLU A 1 119 ? 15.410  -4.926  -8.252  1.00 32.43 ? 119 GLU A CB  1 
ATOM   929  C  CG  . GLU A 1 119 ? 15.692  -6.145  -9.069  1.00 33.42 ? 119 GLU A CG  1 
ATOM   930  C  CD  . GLU A 1 119 ? 16.662  -7.088  -8.407  1.00 38.75 ? 119 GLU A CD  1 
ATOM   931  O  OE1 . GLU A 1 119 ? 16.836  -6.992  -7.183  1.00 39.54 ? 119 GLU A OE1 1 
ATOM   932  O  OE2 . GLU A 1 119 ? 17.238  -7.960  -9.081  1.00 40.64 ? 119 GLU A OE2 1 
ATOM   933  N  N   . LYS A 1 120 ? 12.433  -5.622  -7.747  1.00 29.08 ? 120 LYS A N   1 
ATOM   934  C  CA  . LYS A 1 120 ? 11.340  -6.599  -7.722  1.00 26.42 ? 120 LYS A CA  1 
ATOM   935  C  C   . LYS A 1 120 ? 10.341  -6.169  -6.662  1.00 28.21 ? 120 LYS A C   1 
ATOM   936  O  O   . LYS A 1 120 ? 10.742  -5.784  -5.566  1.00 29.03 ? 120 LYS A O   1 
ATOM   937  C  CB  . LYS A 1 120 ? 11.822  -7.995  -7.334  1.00 29.85 ? 120 LYS A CB  1 
ATOM   938  C  CG  . LYS A 1 120 ? 12.733  -8.688  -8.299  1.00 34.25 ? 120 LYS A CG  1 
ATOM   939  C  CD  . LYS A 1 120 ? 13.270  -9.926  -7.599  1.00 34.36 ? 120 LYS A CD  1 
ATOM   940  C  CE  . LYS A 1 120 ? 14.021  -10.830 -8.532  1.00 43.39 ? 120 LYS A CE  1 
ATOM   941  N  NZ  . LYS A 1 120 ? 14.836  -11.758 -7.716  1.00 46.75 ? 120 LYS A NZ  1 
ATOM   942  N  N   . VAL A 1 121 ? 9.049   -6.268  -6.957  1.00 27.24 ? 121 VAL A N   1 
ATOM   943  C  CA  . VAL A 1 121 ? 8.025   -5.988  -5.955  1.00 23.37 ? 121 VAL A CA  1 
ATOM   944  C  C   . VAL A 1 121 ? 6.929   -7.024  -6.090  1.00 25.67 ? 121 VAL A C   1 
ATOM   945  O  O   . VAL A 1 121 ? 6.448   -7.278  -7.200  1.00 29.02 ? 121 VAL A O   1 
ATOM   946  C  CB  . VAL A 1 121 ? 7.405   -4.586  -6.093  1.00 27.64 ? 121 VAL A CB  1 
ATOM   947  C  CG1 . VAL A 1 121 ? 6.274   -4.432  -5.055  1.00 27.76 ? 121 VAL A CG1 1 
ATOM   948  C  CG2 . VAL A 1 121 ? 8.473   -3.504  -5.940  1.00 30.11 ? 121 VAL A CG2 1 
ATOM   949  N  N   . TYR A 1 122 ? 6.556   -7.621  -4.964  1.00 26.42 ? 122 TYR A N   1 
ATOM   950  C  CA  . TYR A 1 122 ? 5.385   -8.481  -4.845  1.00 26.65 ? 122 TYR A CA  1 
ATOM   951  C  C   . TYR A 1 122 ? 4.342   -7.722  -4.048  1.00 26.99 ? 122 TYR A C   1 
ATOM   952  O  O   . TYR A 1 122 ? 4.597   -7.331  -2.912  1.00 24.67 ? 122 TYR A O   1 
ATOM   953  C  CB  . TYR A 1 122 ? 5.760   -9.785  -4.163  1.00 25.47 ? 122 TYR A CB  1 
ATOM   954  C  CG  . TYR A 1 122 ? 4.599   -10.633 -3.758  1.00 26.79 ? 122 TYR A CG  1 
ATOM   955  C  CD1 . TYR A 1 122 ? 3.915   -11.392 -4.688  1.00 28.22 ? 122 TYR A CD1 1 
ATOM   956  C  CD2 . TYR A 1 122 ? 4.192   -10.682 -2.429  1.00 27.45 ? 122 TYR A CD2 1 
ATOM   957  C  CE1 . TYR A 1 122 ? 2.830   -12.181 -4.299  1.00 28.36 ? 122 TYR A CE1 1 
ATOM   958  C  CE2 . TYR A 1 122 ? 3.136   -11.473 -2.025  1.00 28.83 ? 122 TYR A CE2 1 
ATOM   959  C  CZ  . TYR A 1 122 ? 2.455   -12.223 -2.967  1.00 30.17 ? 122 TYR A CZ  1 
ATOM   960  O  OH  . TYR A 1 122 ? 1.389   -13.006 -2.557  1.00 32.61 ? 122 TYR A OH  1 
ATOM   961  N  N   . LEU A 1 123 ? 3.169   -7.509  -4.643  1.00 24.08 ? 123 LEU A N   1 
ATOM   962  C  CA  . LEU A 1 123 ? 2.057   -6.832  -3.982  1.00 24.78 ? 123 LEU A CA  1 
ATOM   963  C  C   . LEU A 1 123 ? 0.866   -7.777  -3.965  1.00 28.57 ? 123 LEU A C   1 
ATOM   964  O  O   . LEU A 1 123 ? 0.427   -8.236  -5.023  1.00 27.92 ? 123 LEU A O   1 
ATOM   965  C  CB  . LEU A 1 123 ? 1.737   -5.527  -4.713  1.00 27.97 ? 123 LEU A CB  1 
ATOM   966  C  CG  . LEU A 1 123 ? 0.644   -4.632  -4.143  1.00 28.36 ? 123 LEU A CG  1 
ATOM   967  C  CD1 . LEU A 1 123 ? 0.954   -4.199  -2.709  1.00 28.01 ? 123 LEU A CD1 1 
ATOM   968  C  CD2 . LEU A 1 123 ? 0.521   -3.451  -5.090  1.00 32.41 ? 123 LEU A CD2 1 
ATOM   969  N  N   . ALA A 1 124 ? 0.405   -8.132  -2.765  1.00 27.35 ? 124 ALA A N   1 
ATOM   970  C  CA  . ALA A 1 124 ? -0.690  -9.086  -2.595  1.00 28.50 ? 124 ALA A CA  1 
ATOM   971  C  C   . ALA A 1 124 ? -1.790  -8.489  -1.736  1.00 29.06 ? 124 ALA A C   1 
ATOM   972  O  O   . ALA A 1 124 ? -1.528  -7.738  -0.790  1.00 24.20 ? 124 ALA A O   1 
ATOM   973  C  CB  . ALA A 1 124 ? -0.254  -10.393 -1.932  1.00 30.75 ? 124 ALA A CB  1 
ATOM   974  N  N   . TRP A 1 125 ? -3.017  -8.883  -2.042  1.00 27.07 ? 125 TRP A N   1 
ATOM   975  C  CA  . TRP A 1 125 ? -4.191  -8.541  -1.243  1.00 21.95 ? 125 TRP A CA  1 
ATOM   976  C  C   . TRP A 1 125 ? -4.585  -9.702  -0.355  1.00 27.55 ? 125 TRP A C   1 
ATOM   977  O  O   . TRP A 1 125 ? -4.671  -10.841 -0.825  1.00 27.30 ? 125 TRP A O   1 
ATOM   978  C  CB  . TRP A 1 125 ? -5.393  -8.209  -2.135  1.00 25.74 ? 125 TRP A CB  1 
ATOM   979  C  CG  . TRP A 1 125 ? -6.662  -8.022  -1.352  1.00 26.21 ? 125 TRP A CG  1 
ATOM   980  C  CD1 . TRP A 1 125 ? -7.053  -6.889  -0.658  1.00 25.75 ? 125 TRP A CD1 1 
ATOM   981  C  CD2 . TRP A 1 125 ? -7.713  -8.979  -1.176  1.00 28.77 ? 125 TRP A CD2 1 
ATOM   982  N  NE1 . TRP A 1 125 ? -8.273  -7.114  -0.038  1.00 25.28 ? 125 TRP A NE1 1 
ATOM   983  C  CE2 . TRP A 1 125 ? -8.700  -8.379  -0.352  1.00 28.01 ? 125 TRP A CE2 1 
ATOM   984  C  CE3 . TRP A 1 125 ? -7.918  -10.288 -1.631  1.00 30.94 ? 125 TRP A CE3 1 
ATOM   985  C  CZ2 . TRP A 1 125 ? -9.889  -9.041  0.003   1.00 33.72 ? 125 TRP A CZ2 1 
ATOM   986  C  CZ3 . TRP A 1 125 ? -9.093  -10.938 -1.276  1.00 35.18 ? 125 TRP A CZ3 1 
ATOM   987  C  CH2 . TRP A 1 125 ? -10.062 -10.318 -0.466  1.00 35.07 ? 125 TRP A CH2 1 
ATOM   988  N  N   . VAL A 1 126 ? -4.878  -9.409  0.907   1.00 23.37 ? 126 VAL A N   1 
ATOM   989  C  CA  . VAL A 1 126 ? -5.595  -10.336 1.784   1.00 28.43 ? 126 VAL A CA  1 
ATOM   990  C  C   . VAL A 1 126 ? -6.815  -9.623  2.355   1.00 27.34 ? 126 VAL A C   1 
ATOM   991  O  O   . VAL A 1 126 ? -6.770  -8.401  2.548   1.00 24.67 ? 126 VAL A O   1 
ATOM   992  C  CB  . VAL A 1 126 ? -4.692  -10.844 2.920   1.00 32.35 ? 126 VAL A CB  1 
ATOM   993  C  CG1 . VAL A 1 126 ? -3.517  -11.601 2.347   1.00 34.50 ? 126 VAL A CG1 1 
ATOM   994  C  CG2 . VAL A 1 126 ? -4.207  -9.657  3.780   1.00 28.15 ? 126 VAL A CG2 1 
ATOM   995  N  N   . PRO A 1 127 ? -7.900  -10.318 2.686   1.00 27.72 ? 127 PRO A N   1 
ATOM   996  C  CA  . PRO A 1 127 ? -8.983  -9.636  3.392   1.00 26.60 ? 127 PRO A CA  1 
ATOM   997  C  C   . PRO A 1 127 ? -8.550  -9.309  4.805   1.00 28.58 ? 127 PRO A C   1 
ATOM   998  O  O   . PRO A 1 127 ? -7.762  -10.029 5.423   1.00 30.02 ? 127 PRO A O   1 
ATOM   999  C  CB  . PRO A 1 127 ? -10.125 -10.654 3.378   1.00 31.16 ? 127 PRO A CB  1 
ATOM   1000 C  CG  . PRO A 1 127 ? -9.443  -11.960 3.390   1.00 33.50 ? 127 PRO A CG  1 
ATOM   1001 C  CD  . PRO A 1 127 ? -8.149  -11.770 2.591   1.00 32.29 ? 127 PRO A CD  1 
ATOM   1002 N  N   . ALA A 1 128 ? -9.048  -8.185  5.303   1.00 28.92 ? 128 ALA A N   1 
ATOM   1003 C  CA  . ALA A 1 128 ? -8.865  -7.877  6.709   1.00 27.15 ? 128 ALA A CA  1 
ATOM   1004 C  C   . ALA A 1 128 ? -9.395  -9.046  7.531   1.00 32.07 ? 128 ALA A C   1 
ATOM   1005 O  O   . ALA A 1 128 ? -10.396 -9.670  7.173   1.00 32.15 ? 128 ALA A O   1 
ATOM   1006 C  CB  . ALA A 1 128 ? -9.584  -6.567  7.063   1.00 32.71 ? 128 ALA A CB  1 
ATOM   1007 N  N   . HIS A 1 129 ? -8.697  -9.387  8.610   1.00 30.17 ? 129 HIS A N   1 
ATOM   1008 C  CA  . HIS A 1 129 ? -9.068  -10.568 9.375   1.00 33.61 ? 129 HIS A CA  1 
ATOM   1009 C  C   . HIS A 1 129 ? -8.591  -10.432 10.809  1.00 35.00 ? 129 HIS A C   1 
ATOM   1010 O  O   . HIS A 1 129 ? -7.798  -9.550  11.143  1.00 35.60 ? 129 HIS A O   1 
ATOM   1011 C  CB  . HIS A 1 129 ? -8.485  -11.832 8.735   1.00 30.28 ? 129 HIS A CB  1 
ATOM   1012 C  CG  . HIS A 1 129 ? -7.023  -11.722 8.471   1.00 27.64 ? 129 HIS A CG  1 
ATOM   1013 N  ND1 . HIS A 1 129 ? -6.518  -11.169 7.319   1.00 24.10 ? 129 HIS A ND1 1 
ATOM   1014 C  CD2 . HIS A 1 129 ? -5.953  -12.087 9.216   1.00 25.90 ? 129 HIS A CD2 1 
ATOM   1015 C  CE1 . HIS A 1 129 ? -5.197  -11.187 7.363   1.00 25.08 ? 129 HIS A CE1 1 
ATOM   1016 N  NE2 . HIS A 1 129 ? -4.834  -11.746 8.502   1.00 26.20 ? 129 HIS A NE2 1 
ATOM   1017 N  N   . LYS A 1 130 ? -9.061  -11.350 11.645  1.00 36.99 ? 130 LYS A N   1 
ATOM   1018 C  CA  . LYS A 1 130 ? -8.670  -11.401 13.043  1.00 41.59 ? 130 LYS A CA  1 
ATOM   1019 C  C   . LYS A 1 130 ? -7.508  -12.363 13.238  1.00 39.58 ? 130 LYS A C   1 
ATOM   1020 O  O   . LYS A 1 130 ? -7.280  -13.275 12.436  1.00 39.07 ? 130 LYS A O   1 
ATOM   1021 C  CB  . LYS A 1 130 ? -9.853  -11.818 13.916  1.00 45.82 ? 130 LYS A CB  1 
ATOM   1022 C  CG  . LYS A 1 130 ? -10.555 -10.651 14.620  1.00 49.43 ? 130 LYS A CG  1 
ATOM   1023 C  CD  . LYS A 1 130 ? -11.256 -11.118 15.900  1.00 56.51 ? 130 LYS A CD  1 
ATOM   1024 C  CE  . LYS A 1 130 ? -11.228 -10.070 17.021  1.00 59.33 ? 130 LYS A CE  1 
ATOM   1025 N  NZ  . LYS A 1 130 ? -9.885  -9.466  17.236  1.00 60.77 ? 130 LYS A NZ  1 
ATOM   1026 N  N   . GLY A 1 131 ? -6.773  -12.154 14.310  1.00 39.56 ? 131 GLY A N   1 
ATOM   1027 C  CA  . GLY A 1 131 ? -5.608  -12.956 14.594  1.00 40.86 ? 131 GLY A CA  1 
ATOM   1028 C  C   . GLY A 1 131 ? -4.522  -12.080 15.156  1.00 39.88 ? 131 GLY A C   1 
ATOM   1029 O  O   . GLY A 1 131 ? -4.764  -10.936 15.543  1.00 43.59 ? 131 GLY A O   1 
ATOM   1030 N  N   . ILE A 1 132 ? -3.305  -12.624 15.186  1.00 37.09 ? 132 ILE A N   1 
ATOM   1031 C  CA  . ILE A 1 132 ? -2.153  -11.966 15.778  1.00 40.95 ? 132 ILE A CA  1 
ATOM   1032 C  C   . ILE A 1 132 ? -1.079  -11.654 14.749  1.00 36.35 ? 132 ILE A C   1 
ATOM   1033 O  O   . ILE A 1 132 ? -0.003  -11.169 15.110  1.00 38.11 ? 132 ILE A O   1 
ATOM   1034 C  CB  . ILE A 1 132 ? -1.591  -12.780 16.971  1.00 40.25 ? 132 ILE A CB  1 
ATOM   1035 C  CG1 . ILE A 1 132 ? -1.286  -14.253 16.624  1.00 41.41 ? 132 ILE A CG1 1 
ATOM   1036 C  CG2 . ILE A 1 132 ? -2.572  -12.731 18.144  1.00 41.02 ? 132 ILE A CG2 1 
ATOM   1037 C  CD1 . ILE A 1 132 ? -0.348  -14.551 15.452  1.00 46.81 ? 132 ILE A CD1 1 
ATOM   1038 N  N   . GLY A 1 133 ? -1.363  -11.888 13.469  1.00 34.01 ? 133 GLY A N   1 
ATOM   1039 C  CA  . GLY A 1 133 ? -0.371  -11.761 12.427  1.00 31.93 ? 133 GLY A CA  1 
ATOM   1040 C  C   . GLY A 1 133 ? -0.160  -10.318 11.993  1.00 32.52 ? 133 GLY A C   1 
ATOM   1041 O  O   . GLY A 1 133 ? -0.586  -9.356  12.645  1.00 31.80 ? 133 GLY A O   1 
ATOM   1042 N  N   . GLY A 1 134 ? 0.501   -10.188 10.836  1.00 26.97 ? 134 GLY A N   1 
ATOM   1043 C  CA  . GLY A 1 134 ? 1.010   -8.895  10.396  1.00 25.49 ? 134 GLY A CA  1 
ATOM   1044 C  C   . GLY A 1 134 ? -0.077  -7.901  10.031  1.00 27.49 ? 134 GLY A C   1 
ATOM   1045 O  O   . GLY A 1 134 ? -0.055  -6.751  10.480  1.00 25.63 ? 134 GLY A O   1 
ATOM   1046 N  N   . ASN A 1 135 ? -1.028  -8.315  9.196   1.00 29.14 ? 135 ASN A N   1 
ATOM   1047 C  CA  . ASN A 1 135 ? -2.124  -7.406  8.864   1.00 24.70 ? 135 ASN A CA  1 
ATOM   1048 C  C   . ASN A 1 135 ? -2.850  -6.959  10.126  1.00 29.24 ? 135 ASN A C   1 
ATOM   1049 O  O   . ASN A 1 135 ? -3.224  -5.781  10.265  1.00 26.97 ? 135 ASN A O   1 
ATOM   1050 C  CB  . ASN A 1 135 ? -3.098  -8.087  7.911   1.00 26.25 ? 135 ASN A CB  1 
ATOM   1051 C  CG  . ASN A 1 135 ? -4.310  -7.210  7.595   1.00 24.42 ? 135 ASN A CG  1 
ATOM   1052 O  OD1 . ASN A 1 135 ? -5.415  -7.468  8.066   1.00 27.86 ? 135 ASN A OD1 1 
ATOM   1053 N  ND2 . ASN A 1 135 ? -4.100  -6.186  6.777   1.00 23.81 ? 135 ASN A ND2 1 
ATOM   1054 N  N   . GLU A 1 136 ? -3.065  -7.887  11.061  1.00 25.41 ? 136 GLU A N   1 
ATOM   1055 C  CA  . GLU A 1 136 ? -3.792  -7.556  12.279  1.00 28.20 ? 136 GLU A CA  1 
ATOM   1056 C  C   . GLU A 1 136 ? -3.050  -6.510  13.090  1.00 29.05 ? 136 GLU A C   1 
ATOM   1057 O  O   . GLU A 1 136 ? -3.657  -5.565  13.616  1.00 28.25 ? 136 GLU A O   1 
ATOM   1058 C  CB  . GLU A 1 136 ? -4.018  -8.830  13.104  1.00 31.41 ? 136 GLU A CB  1 
ATOM   1059 C  CG  . GLU A 1 136 ? -4.788  -9.924  12.355  1.00 32.48 ? 136 GLU A CG  1 
ATOM   1060 C  CD  . GLU A 1 136 ? -3.897  -10.983 11.703  1.00 31.61 ? 136 GLU A CD  1 
ATOM   1061 O  OE1 . GLU A 1 136 ? -2.980  -10.636 10.942  1.00 25.21 ? 136 GLU A OE1 1 
ATOM   1062 O  OE2 . GLU A 1 136 ? -4.139  -12.175 11.954  1.00 31.29 ? 136 GLU A OE2 1 
ATOM   1063 N  N   . GLN A 1 137 ? -1.730  -6.653  13.185  1.00 28.82 ? 137 GLN A N   1 
ATOM   1064 C  CA  . GLN A 1 137 ? -0.932  -5.737  13.993  1.00 31.12 ? 137 GLN A CA  1 
ATOM   1065 C  C   . GLN A 1 137 ? -0.985  -4.313  13.451  1.00 30.12 ? 137 GLN A C   1 
ATOM   1066 O  O   . GLN A 1 137 ? -1.191  -3.362  14.214  1.00 29.30 ? 137 GLN A O   1 
ATOM   1067 C  CB  . GLN A 1 137 ? 0.511   -6.216  14.039  1.00 30.50 ? 137 GLN A CB  1 
ATOM   1068 C  CG  . GLN A 1 137 ? 0.710   -7.380  14.997  1.00 34.43 ? 137 GLN A CG  1 
ATOM   1069 C  CD  . GLN A 1 137 ? 2.063   -8.016  14.817  1.00 40.05 ? 137 GLN A CD  1 
ATOM   1070 O  OE1 . GLN A 1 137 ? 3.075   -7.321  14.766  1.00 38.25 ? 137 GLN A OE1 1 
ATOM   1071 N  NE2 . GLN A 1 137 ? 2.090   -9.343  14.686  1.00 38.12 ? 137 GLN A NE2 1 
ATOM   1072 N  N   . VAL A 1 138 ? -0.780  -4.140  12.138  1.00 26.75 ? 138 VAL A N   1 
ATOM   1073 C  CA  . VAL A 1 138 ? -0.752  -2.787  11.569  1.00 26.59 ? 138 VAL A CA  1 
ATOM   1074 C  C   . VAL A 1 138 ? -2.147  -2.174  11.562  1.00 28.07 ? 138 VAL A C   1 
ATOM   1075 O  O   . VAL A 1 138 ? -2.300  -0.957  11.746  1.00 28.89 ? 138 VAL A O   1 
ATOM   1076 C  CB  . VAL A 1 138 ? -0.116  -2.787  10.162  1.00 25.48 ? 138 VAL A CB  1 
ATOM   1077 C  CG1 . VAL A 1 138 ? -0.884  -3.650  9.144   1.00 26.42 ? 138 VAL A CG1 1 
ATOM   1078 C  CG2 . VAL A 1 138 ? 0.052   -1.339  9.629   1.00 24.49 ? 138 VAL A CG2 1 
ATOM   1079 N  N   . ASP A 1 139 ? -3.182  -2.989  11.336  1.00 25.77 ? 139 ASP A N   1 
ATOM   1080 C  CA  . ASP A 1 139 ? -4.551  -2.496  11.414  1.00 26.18 ? 139 ASP A CA  1 
ATOM   1081 C  C   . ASP A 1 139 ? -4.807  -1.864  12.766  1.00 31.24 ? 139 ASP A C   1 
ATOM   1082 O  O   . ASP A 1 139 ? -5.412  -0.788  12.860  1.00 27.24 ? 139 ASP A O   1 
ATOM   1083 C  CB  . ASP A 1 139 ? -5.538  -3.645  11.200  1.00 27.24 ? 139 ASP A CB  1 
ATOM   1084 C  CG  . ASP A 1 139 ? -6.982  -3.189  11.248  1.00 33.40 ? 139 ASP A CG  1 
ATOM   1085 O  OD1 . ASP A 1 139 ? -7.476  -2.766  10.196  1.00 34.48 ? 139 ASP A OD1 1 
ATOM   1086 O  OD2 . ASP A 1 139 ? -7.619  -3.252  12.312  1.00 37.65 ? 139 ASP A OD2 1 
ATOM   1087 N  N   . LYS A 1 140 ? -4.347  -2.517  13.831  1.00 28.30 ? 140 LYS A N   1 
ATOM   1088 C  CA  . LYS A 1 140 ? -4.616  -1.993  15.160  1.00 31.20 ? 140 LYS A CA  1 
ATOM   1089 C  C   . LYS A 1 140 ? -3.863  -0.685  15.363  1.00 29.19 ? 140 LYS A C   1 
ATOM   1090 O  O   . LYS A 1 140 ? -4.389  0.256   15.967  1.00 32.87 ? 140 LYS A O   1 
ATOM   1091 C  CB  . LYS A 1 140 ? -4.230  -3.048  16.193  1.00 34.25 ? 140 LYS A CB  1 
ATOM   1092 C  CG  . LYS A 1 140 ? -4.400  -2.671  17.659  1.00 40.54 ? 140 LYS A CG  1 
ATOM   1093 C  CD  . LYS A 1 140 ? -4.704  -3.957  18.402  1.00 41.04 ? 140 LYS A CD  1 
ATOM   1094 C  CE  . LYS A 1 140 ? -6.011  -4.582  17.857  1.00 48.04 ? 140 LYS A CE  1 
ATOM   1095 N  NZ  . LYS A 1 140 ? -7.260  -4.269  18.641  1.00 51.91 ? 140 LYS A NZ  1 
ATOM   1096 N  N   . LEU A 1 141 ? -2.657  -0.590  14.799  1.00 27.20 ? 141 LEU A N   1 
ATOM   1097 C  CA  . LEU A 1 141 ? -1.850  0.626   14.924  1.00 31.61 ? 141 LEU A CA  1 
ATOM   1098 C  C   . LEU A 1 141 ? -2.477  1.806   14.184  1.00 33.86 ? 141 LEU A C   1 
ATOM   1099 O  O   . LEU A 1 141 ? -2.496  2.935   14.703  1.00 29.54 ? 141 LEU A O   1 
ATOM   1100 C  CB  . LEU A 1 141 ? -0.436  0.371   14.408  1.00 30.28 ? 141 LEU A CB  1 
ATOM   1101 C  CG  . LEU A 1 141 ? 0.477   -0.510  15.271  1.00 32.56 ? 141 LEU A CG  1 
ATOM   1102 C  CD1 . LEU A 1 141 ? 1.729   -0.839  14.489  1.00 35.52 ? 141 LEU A CD1 1 
ATOM   1103 C  CD2 . LEU A 1 141 ? 0.825   0.193   16.598  1.00 35.55 ? 141 LEU A CD2 1 
ATOM   1104 N  N   . VAL A 1 142 ? -2.974  1.585   12.966  1.00 28.80 ? 142 VAL A N   1 
ATOM   1105 C  CA  . VAL A 1 142 ? -3.554  2.711   12.244  1.00 28.70 ? 142 VAL A CA  1 
ATOM   1106 C  C   . VAL A 1 142 ? -4.989  2.977   12.674  1.00 31.60 ? 142 VAL A C   1 
ATOM   1107 O  O   . VAL A 1 142 ? -5.496  4.083   12.453  1.00 31.02 ? 142 VAL A O   1 
ATOM   1108 C  CB  . VAL A 1 142 ? -3.462  2.545   10.708  1.00 28.72 ? 142 VAL A CB  1 
ATOM   1109 C  CG1 . VAL A 1 142 ? -1.993  2.526   10.254  1.00 25.66 ? 142 VAL A CG1 1 
ATOM   1110 C  CG2 . VAL A 1 142 ? -4.209  1.311   10.196  1.00 28.95 ? 142 VAL A CG2 1 
ATOM   1111 N  N   . SER A 1 143 ? -5.653  2.018   13.314  1.00 28.29 ? 143 SER A N   1 
ATOM   1112 C  CA  . SER A 1 143 ? -7.044  2.237   13.689  1.00 28.82 ? 143 SER A CA  1 
ATOM   1113 C  C   . SER A 1 143 ? -7.176  3.004   14.997  1.00 28.87 ? 143 SER A C   1 
ATOM   1114 O  O   . SER A 1 143 ? -8.211  3.641   15.228  1.00 28.07 ? 143 SER A O   1 
ATOM   1115 C  CB  . SER A 1 143 ? -7.765  0.894   13.809  1.00 35.37 ? 143 SER A CB  1 
ATOM   1116 O  OG  . SER A 1 143 ? -7.943  0.326   12.519  1.00 32.05 ? 143 SER A OG  1 
ATOM   1117 N  N   . ALA A 1 144 ? -6.156  2.944   15.847  1.00 29.64 ? 144 ALA A N   1 
ATOM   1118 C  CA  . ALA A 1 144 ? -6.182  3.592   17.154  1.00 32.23 ? 144 ALA A CA  1 
ATOM   1119 C  C   . ALA A 1 144 ? -6.503  5.075   17.023  1.00 29.48 ? 144 ALA A C   1 
ATOM   1120 O  O   . ALA A 1 144 ? -5.772  5.829   16.374  1.00 30.15 ? 144 ALA A O   1 
ATOM   1121 C  CB  . ALA A 1 144 ? -4.828  3.399   17.848  1.00 32.37 ? 144 ALA A CB  1 
ATOM   1122 N  N   . GLY A 1 145 ? -7.622  5.487   17.612  1.00 30.07 ? 145 GLY A N   1 
ATOM   1123 C  CA  . GLY A 1 145 ? -8.041  6.869   17.535  1.00 30.62 ? 145 GLY A CA  1 
ATOM   1124 C  C   . GLY A 1 145 ? -8.732  7.268   16.256  1.00 31.70 ? 145 GLY A C   1 
ATOM   1125 O  O   . GLY A 1 145 ? -9.113  8.442   16.121  1.00 27.26 ? 145 GLY A O   1 
ATOM   1126 N  N   . ILE A 1 146 ? -8.888  6.339   15.308  1.00 28.03 ? 146 ILE A N   1 
ATOM   1127 C  CA  . ILE A 1 146 ? -9.523  6.608   14.024  1.00 27.48 ? 146 ILE A CA  1 
ATOM   1128 C  C   . ILE A 1 146 ? -10.836 5.849   13.880  1.00 29.48 ? 146 ILE A C   1 
ATOM   1129 O  O   . ILE A 1 146 ? -11.809 6.385   13.346  1.00 28.87 ? 146 ILE A O   1 
ATOM   1130 C  CB  . ILE A 1 146 ? -8.575  6.275   12.850  1.00 25.99 ? 146 ILE A CB  1 
ATOM   1131 C  CG1 . ILE A 1 146 ? -7.242  7.003   12.980  1.00 26.51 ? 146 ILE A CG1 1 
ATOM   1132 C  CG2 . ILE A 1 146 ? -9.240  6.650   11.509  1.00 26.97 ? 146 ILE A CG2 1 
ATOM   1133 C  CD1 . ILE A 1 146 ? -7.359  8.551   12.861  1.00 29.04 ? 146 ILE A CD1 1 
ATOM   1134 N  N   . ARG A 1 147 ? -10.878 4.596   14.340  1.00 31.73 ? 147 ARG A N   1 
ATOM   1135 C  CA  . ARG A 1 147 ? -12.084 3.784   14.211  1.00 32.11 ? 147 ARG A CA  1 
ATOM   1136 C  C   . ARG A 1 147 ? -12.102 2.711   15.298  1.00 35.95 ? 147 ARG A C   1 
ATOM   1137 O  O   . ARG A 1 147 ? -11.056 2.222   15.724  1.00 33.46 ? 147 ARG A O   1 
ATOM   1138 C  CB  . ARG A 1 147 ? -12.185 3.144   12.817  1.00 35.85 ? 147 ARG A CB  1 
ATOM   1139 C  CG  . ARG A 1 147 ? -13.597 2.681   12.414  1.00 43.40 ? 147 ARG A CG  1 
ATOM   1140 C  CD  . ARG A 1 147 ? -13.605 1.934   11.060  1.00 47.46 ? 147 ARG A CD  1 
ATOM   1141 N  NE  . ARG A 1 147 ? -14.929 1.674   10.498  1.00 50.82 ? 147 ARG A NE  1 
ATOM   1142 C  CZ  . ARG A 1 147 ? -15.664 2.550   9.822   1.00 47.73 ? 147 ARG A CZ  1 
ATOM   1143 N  NH1 . ARG A 1 147 ? -15.242 3.786   9.604   1.00 50.26 ? 147 ARG A NH1 1 
ATOM   1144 N  NH2 . ARG A 1 147 ? -16.850 2.167   9.344   1.00 45.54 ? 147 ARG A NH2 1 
ATOM   1145 N  N   . LYS A 1 148 ? -13.303 2.348   15.745  1.00 37.40 ? 148 LYS A N   1 
ATOM   1146 C  CA  . LYS A 1 148 ? -13.424 1.235   16.681  1.00 39.97 ? 148 LYS A CA  1 
ATOM   1147 C  C   . LYS A 1 148 ? -13.182 -0.093  15.969  1.00 47.65 ? 148 LYS A C   1 
ATOM   1148 O  O   . LYS A 1 148 ? -13.771 -0.356  14.911  1.00 43.98 ? 148 LYS A O   1 
ATOM   1149 C  CB  . LYS A 1 148 ? -14.799 1.221   17.338  1.00 39.98 ? 148 LYS A CB  1 
ATOM   1150 C  CG  . LYS A 1 148 ? -14.855 0.402   18.637  1.00 45.87 ? 148 LYS A CG  1 
ATOM   1151 C  CD  . LYS A 1 148 ? -15.957 -0.665  18.585  1.00 48.21 ? 148 LYS A CD  1 
ATOM   1152 C  CE  . LYS A 1 148 ? -16.052 -1.456  19.874  1.00 47.75 ? 148 LYS A CE  1 
ATOM   1153 N  NZ  . LYS A 1 148 ? -15.821 -2.937  19.716  1.00 50.96 ? 148 LYS A NZ  1 
ATOM   1154 N  N   . VAL A 1 149 ? -12.330 -0.935  16.567  1.00 48.51 ? 149 VAL A N   1 
ATOM   1155 C  CA  . VAL A 1 149 ? -12.074 -2.311  16.097  1.00 51.48 ? 149 VAL A CA  1 
ATOM   1156 C  C   . VAL A 1 149 ? -12.808 -3.382  16.918  1.00 55.43 ? 149 VAL A C   1 
ATOM   1157 O  O   . VAL A 1 149 ? -13.606 -4.172  16.391  1.00 53.03 ? 149 VAL A O   1 
ATOM   1158 C  CB  . VAL A 1 149 ? -10.570 -2.636  16.101  1.00 50.77 ? 149 VAL A CB  1 
ATOM   1159 C  CG1 . VAL A 1 149 ? -10.357 -4.098  15.729  1.00 49.27 ? 149 VAL A CG1 1 
ATOM   1160 C  CG2 . VAL A 1 149 ? -9.821  -1.736  15.142  1.00 47.20 ? 149 VAL A CG2 1 
HETATM 1161 MN MN  . MN  B 2 .   ? -6.894  -1.631  5.287   1.00 20.56 ? 201 MN  A MN  1 
HETATM 1162 MN MN  . MN  C 2 .   ? -6.920  -3.316  8.001   1.00 31.60 ? 202 MN  A MN  1 
HETATM 1163 ZN ZN  . ZN  D 3 .   ? 17.738  -8.224  -5.970  1.00 33.93 ? 203 ZN  A ZN  1 
HETATM 1164 ZN ZN  . ZN  E 3 .   ? -7.039  19.885  7.039   1.00 27.06 ? 204 ZN  A ZN  1 
HETATM 1165 C  CAB . EGI F 4 .   ? -10.022 -2.531  5.717   1.00 39.80 ? 205 EGI A CAB 1 
HETATM 1166 C  CAC . EGI F 4 .   ? -10.893 -2.573  6.718   1.00 43.82 ? 205 EGI A CAC 1 
HETATM 1167 C  CAD . EGI F 4 .   ? -10.432 -1.984  7.837   1.00 44.78 ? 205 EGI A CAD 1 
HETATM 1168 C  CAE . EGI F 4 .   ? -9.179  -1.505  7.763   1.00 44.22 ? 205 EGI A CAE 1 
HETATM 1169 C  CAI . EGI F 4 .   ? -8.459  -0.929  8.713   1.00 44.81 ? 205 EGI A CAI 1 
HETATM 1170 C  CAL . EGI F 4 .   ? -9.941  0.597   9.507   1.00 42.95 ? 205 EGI A CAL 1 
HETATM 1171 C  CAM . EGI F 4 .   ? -10.346 1.176   10.839  1.00 40.81 ? 205 EGI A CAM 1 
HETATM 1172 N  NAF . EGI F 4 .   ? -10.328 -3.097  4.542   1.00 42.49 ? 205 EGI A NAF 1 
HETATM 1173 O  OAG . EGI F 4 .   ? -11.639 -3.751  4.428   1.00 44.88 ? 205 EGI A OAG 1 
HETATM 1174 O  OAH . EGI F 4 .   ? -9.706  -2.419  3.040   1.00 37.74 ? 205 EGI A OAH 1 
HETATM 1175 O  OAJ . EGI F 4 .   ? -7.246  -0.954  8.599   1.00 45.49 ? 205 EGI A OAJ 1 
HETATM 1176 O  OAK . EGI F 4 .   ? -9.074  -0.487  9.839   1.00 46.36 ? 205 EGI A OAK 1 
HETATM 1177 S  SAA . EGI F 4 .   ? -8.453  -1.840  6.386   1.00 43.46 ? 205 EGI A SAA 1 
HETATM 1178 O  O   . HOH G 5 .   ? -13.839 -7.426  -5.131  1.00 37.29 ? 301 HOH A O   1 
HETATM 1179 O  O   . HOH G 5 .   ? -11.163 -0.086  18.536  1.00 41.85 ? 302 HOH A O   1 
HETATM 1180 O  O   . HOH G 5 .   ? 0.143   -13.951 -4.461  1.00 36.22 ? 303 HOH A O   1 
HETATM 1181 O  O   . HOH G 5 .   ? -9.412  1.403   17.423  1.00 38.53 ? 304 HOH A O   1 
HETATM 1182 O  O   . HOH G 5 .   ? -14.550 -5.149  18.528  1.00 50.62 ? 305 HOH A O   1 
HETATM 1183 O  O   . HOH G 5 .   ? -9.323  0.518   -0.075  1.00 36.50 ? 306 HOH A O   1 
HETATM 1184 O  O   . HOH G 5 .   ? -9.090  1.350   5.936   1.00 35.89 ? 307 HOH A O   1 
HETATM 1185 O  O   . HOH G 5 .   ? -9.856  8.859   -2.095  1.00 30.38 ? 308 HOH A O   1 
HETATM 1186 O  O   . HOH G 5 .   ? -2.652  -0.581  2.080   1.00 23.72 ? 309 HOH A O   1 
HETATM 1187 O  O   . HOH G 5 .   ? 13.585  -3.917  2.456   1.00 31.95 ? 310 HOH A O   1 
HETATM 1188 O  O   . HOH G 5 .   ? -1.228  4.428   16.527  1.00 33.74 ? 311 HOH A O   1 
HETATM 1189 O  O   . HOH G 5 .   ? -4.132  19.089  3.445   1.00 36.19 ? 312 HOH A O   1 
HETATM 1190 O  O   . HOH G 5 .   ? 7.691   -17.508 -3.644  1.00 33.80 ? 313 HOH A O   1 
HETATM 1191 O  O   . HOH G 5 .   ? -8.079  5.913   -8.593  1.00 39.13 ? 314 HOH A O   1 
HETATM 1192 O  O   . HOH G 5 .   ? -3.890  -2.792  4.072   1.00 23.90 ? 315 HOH A O   1 
HETATM 1193 O  O   . HOH G 5 .   ? -11.430 0.446   13.694  1.00 48.28 ? 316 HOH A O   1 
HETATM 1194 O  O   . HOH G 5 .   ? -1.319  -5.617  5.828   1.00 27.11 ? 317 HOH A O   1 
HETATM 1195 O  O   . HOH G 5 .   ? -14.042 5.855   11.861  1.00 36.79 ? 318 HOH A O   1 
HETATM 1196 O  O   . HOH G 5 .   ? 8.872   -7.324  -9.777  1.00 32.55 ? 319 HOH A O   1 
HETATM 1197 O  O   . HOH G 5 .   ? 3.094   -18.817 -8.568  1.00 34.98 ? 320 HOH A O   1 
HETATM 1198 O  O   . HOH G 5 .   ? 11.988  -5.647  1.535   1.00 31.93 ? 321 HOH A O   1 
HETATM 1199 O  O   . HOH G 5 .   ? -7.060  -5.144  8.624   1.00 33.31 ? 322 HOH A O   1 
HETATM 1200 O  O   . HOH G 5 .   ? 13.617  2.520   -3.153  1.00 40.60 ? 323 HOH A O   1 
HETATM 1201 O  O   . HOH G 5 .   ? 2.527   -8.726  -7.137  1.00 33.01 ? 324 HOH A O   1 
HETATM 1202 O  O   . HOH G 5 .   ? -3.701  11.609  2.553   1.00 36.39 ? 325 HOH A O   1 
HETATM 1203 O  O   . HOH G 5 .   ? -11.057 -13.101 10.575  1.00 41.68 ? 326 HOH A O   1 
HETATM 1204 O  O   . HOH G 5 .   ? -8.972  16.441  8.260   1.00 28.22 ? 327 HOH A O   1 
HETATM 1205 O  O   . HOH G 5 .   ? -8.512  12.409  -5.351  1.00 47.20 ? 328 HOH A O   1 
HETATM 1206 O  O   . HOH G 5 .   ? -3.412  -10.689 -4.305  1.00 36.29 ? 329 HOH A O   1 
HETATM 1207 O  O   . HOH G 5 .   ? -19.613 2.260   8.394   1.00 32.62 ? 330 HOH A O   1 
HETATM 1208 O  O   . HOH G 5 .   ? 11.516  -15.496 -5.037  1.00 34.43 ? 331 HOH A O   1 
HETATM 1209 O  O   . HOH G 5 .   ? 2.752   11.678  11.716  1.00 39.69 ? 332 HOH A O   1 
HETATM 1210 O  O   . HOH G 5 .   ? -1.353  17.660  7.966   1.00 41.95 ? 333 HOH A O   1 
HETATM 1211 O  O   . HOH G 5 .   ? 8.295   8.808   6.669   1.00 41.91 ? 334 HOH A O   1 
HETATM 1212 O  O   . HOH G 5 .   ? -3.648  12.107  -4.731  1.00 34.03 ? 335 HOH A O   1 
HETATM 1213 O  O   . HOH G 5 .   ? 9.211   -13.879 -6.680  1.00 31.41 ? 336 HOH A O   1 
HETATM 1214 O  O   . HOH G 5 .   ? 1.239   -12.718 9.395   1.00 28.64 ? 337 HOH A O   1 
HETATM 1215 O  O   . HOH G 5 .   ? -7.624  -5.932  -6.918  1.00 37.65 ? 338 HOH A O   1 
HETATM 1216 O  O   . HOH G 5 .   ? 17.030  -10.324 -6.035  1.00 31.00 ? 339 HOH A O   1 
HETATM 1217 O  O   . HOH G 5 .   ? 6.214   5.570   13.925  1.00 36.19 ? 340 HOH A O   1 
HETATM 1218 O  O   . HOH G 5 .   ? 0.717   14.228  -10.817 1.00 44.73 ? 341 HOH A O   1 
HETATM 1219 O  O   . HOH G 5 .   ? -8.325  19.372  8.781   1.00 15.81 ? 342 HOH A O   1 
HETATM 1220 O  O   . HOH G 5 .   ? -4.892  13.796  -7.072  1.00 34.85 ? 343 HOH A O   1 
HETATM 1221 O  O   . HOH G 5 .   ? -1.552  14.819  6.011   1.00 35.22 ? 344 HOH A O   1 
HETATM 1222 O  O   . HOH G 5 .   ? -15.663 5.856   -6.099  1.00 49.34 ? 345 HOH A O   1 
HETATM 1223 O  O   . HOH G 5 .   ? -13.156 6.189   1.713   1.00 45.11 ? 346 HOH A O   1 
HETATM 1224 O  O   . HOH G 5 .   ? -12.421 -8.186  20.760  1.00 51.33 ? 347 HOH A O   1 
# 
loop_
_pdbx_poly_seq_scheme.asym_id 
_pdbx_poly_seq_scheme.entity_id 
_pdbx_poly_seq_scheme.seq_id 
_pdbx_poly_seq_scheme.mon_id 
_pdbx_poly_seq_scheme.ndb_seq_num 
_pdbx_poly_seq_scheme.pdb_seq_num 
_pdbx_poly_seq_scheme.auth_seq_num 
_pdbx_poly_seq_scheme.pdb_mon_id 
_pdbx_poly_seq_scheme.auth_mon_id 
_pdbx_poly_seq_scheme.pdb_strand_id 
_pdbx_poly_seq_scheme.pdb_ins_code 
_pdbx_poly_seq_scheme.hetero 
A 1 1   GLY 1   1   ?   ?   ?   A . n 
A 1 2   PRO 2   2   ?   ?   ?   A . n 
A 1 3   GLY 3   3   ?   ?   ?   A . n 
A 1 4   GLY 4   4   ?   ?   ?   A . n 
A 1 5   SER 5   5   5   SER SER A . n 
A 1 6   MET 6   6   6   MET MET A . n 
A 1 7   TYR 7   7   7   TYR TYR A . n 
A 1 8   GLN 8   8   8   GLN GLN A . n 
A 1 9   LEU 9   9   9   LEU LEU A . n 
A 1 10  GLU 10  10  10  GLU GLU A . n 
A 1 11  LYS 11  11  11  LYS LYS A . n 
A 1 12  GLU 12  12  12  GLU GLU A . n 
A 1 13  PRO 13  13  13  PRO PRO A . n 
A 1 14  ILE 14  14  14  ILE ILE A . n 
A 1 15  VAL 15  15  15  VAL VAL A . n 
A 1 16  GLY 16  16  16  GLY GLY A . n 
A 1 17  ALA 17  17  17  ALA ALA A . n 
A 1 18  GLU 18  18  18  GLU GLU A . n 
A 1 19  THR 19  19  19  THR THR A . n 
A 1 20  PHE 20  20  20  PHE PHE A . n 
A 1 21  TYR 21  21  21  TYR TYR A . n 
A 1 22  VAL 22  22  22  VAL VAL A . n 
A 1 23  ASP 23  23  23  ASP ASP A . n 
A 1 24  GLY 24  24  24  GLY GLY A . n 
A 1 25  ALA 25  25  25  ALA ALA A . n 
A 1 26  ALA 26  26  26  ALA ALA A . n 
A 1 27  ASN 27  27  27  ASN ASN A . n 
A 1 28  ARG 28  28  28  ARG ARG A . n 
A 1 29  GLU 29  29  29  GLU GLU A . n 
A 1 30  THR 30  30  30  THR THR A . n 
A 1 31  LYS 31  31  31  LYS LYS A . n 
A 1 32  LEU 32  32  32  LEU LEU A . n 
A 1 33  GLY 33  33  33  GLY GLY A . n 
A 1 34  LYS 34  34  34  LYS LYS A . n 
A 1 35  ALA 35  35  35  ALA ALA A . n 
A 1 36  GLY 36  36  36  GLY GLY A . n 
A 1 37  TYR 37  37  37  TYR TYR A . n 
A 1 38  VAL 38  38  38  VAL VAL A . n 
A 1 39  THR 39  39  39  THR THR A . n 
A 1 40  ASN 40  40  40  ASN ASN A . n 
A 1 41  ARG 41  41  41  ARG ARG A . n 
A 1 42  GLY 42  42  42  GLY GLY A . n 
A 1 43  ARG 43  43  43  ARG ARG A . n 
A 1 44  GLN 44  44  44  GLN GLN A . n 
A 1 45  LYS 45  45  45  LYS LYS A . n 
A 1 46  VAL 46  46  46  VAL VAL A . n 
A 1 47  VAL 47  47  47  VAL VAL A . n 
A 1 48  THR 48  48  48  THR THR A . n 
A 1 49  LEU 49  49  49  LEU LEU A . n 
A 1 50  THR 50  50  50  THR THR A . n 
A 1 51  ASP 51  51  51  ASP ASP A . n 
A 1 52  THR 52  52  52  THR THR A . n 
A 1 53  THR 53  53  53  THR THR A . n 
A 1 54  ASN 54  54  54  ASN ASN A . n 
A 1 55  GLN 55  55  55  GLN GLN A . n 
A 1 56  LYS 56  56  56  LYS LYS A . n 
A 1 57  THR 57  57  57  THR THR A . n 
A 1 58  GLU 58  58  58  GLU GLU A . n 
A 1 59  LEU 59  59  59  LEU LEU A . n 
A 1 60  GLN 60  60  60  GLN GLN A . n 
A 1 61  ALA 61  61  61  ALA ALA A . n 
A 1 62  ILE 62  62  62  ILE ILE A . n 
A 1 63  TYR 63  63  63  TYR TYR A . n 
A 1 64  LEU 64  64  64  LEU LEU A . n 
A 1 65  ALA 65  65  65  ALA ALA A . n 
A 1 66  LEU 66  66  66  LEU LEU A . n 
A 1 67  GLN 67  67  67  GLN GLN A . n 
A 1 68  ASP 68  68  68  ASP ASP A . n 
A 1 69  SER 69  69  69  SER SER A . n 
A 1 70  GLY 70  70  70  GLY GLY A . n 
A 1 71  LEU 71  71  71  LEU LEU A . n 
A 1 72  GLU 72  72  72  GLU GLU A . n 
A 1 73  VAL 73  73  73  VAL VAL A . n 
A 1 74  ASN 74  74  74  ASN ASN A . n 
A 1 75  ILE 75  75  75  ILE ILE A . n 
A 1 76  VAL 76  76  76  VAL VAL A . n 
A 1 77  THR 77  77  77  THR THR A . n 
A 1 78  ASP 78  78  78  ASP ASP A . n 
A 1 79  SER 79  79  79  SER SER A . n 
A 1 80  GLN 80  80  80  GLN GLN A . n 
A 1 81  TYR 81  81  81  TYR TYR A . n 
A 1 82  ALA 82  82  82  ALA ALA A . n 
A 1 83  LEU 83  83  83  LEU LEU A . n 
A 1 84  GLY 84  84  84  GLY GLY A . n 
A 1 85  ILE 85  85  85  ILE ILE A . n 
A 1 86  ILE 86  86  86  ILE ILE A . n 
A 1 87  THR 87  87  87  THR THR A . n 
A 1 88  GLN 88  88  88  GLN GLN A . n 
A 1 89  TRP 89  89  89  TRP TRP A . n 
A 1 90  ILE 90  90  90  ILE ILE A . n 
A 1 91  HIS 91  91  91  HIS HIS A . n 
A 1 92  ASN 92  92  92  ASN ASN A . n 
A 1 93  TRP 93  93  93  TRP TRP A . n 
A 1 94  LYS 94  94  94  LYS LYS A . n 
A 1 95  LYS 95  95  95  LYS LYS A . n 
A 1 96  ARG 96  96  96  ARG ARG A . n 
A 1 97  GLY 97  97  97  GLY GLY A . n 
A 1 98  TRP 98  98  98  TRP TRP A . n 
A 1 99  LYS 99  99  99  LYS LYS A . n 
A 1 100 THR 100 100 100 THR THR A . n 
A 1 101 PRO 101 101 101 PRO PRO A . n 
A 1 102 VAL 102 102 102 VAL VAL A . n 
A 1 103 LYS 103 103 103 LYS LYS A . n 
A 1 104 ASN 104 104 104 ASN ASN A . n 
A 1 105 VAL 105 105 105 VAL VAL A . n 
A 1 106 ASP 106 106 106 ASP ASP A . n 
A 1 107 LEU 107 107 107 LEU LEU A . n 
A 1 108 VAL 108 108 108 VAL VAL A . n 
A 1 109 ASN 109 109 109 ASN ASN A . n 
A 1 110 GLN 110 110 110 GLN GLN A . n 
A 1 111 ILE 111 111 111 ILE ILE A . n 
A 1 112 ILE 112 112 112 ILE ILE A . n 
A 1 113 GLU 113 113 113 GLU GLU A . n 
A 1 114 GLN 114 114 114 GLN GLN A . n 
A 1 115 LEU 115 115 115 LEU LEU A . n 
A 1 116 ILE 116 116 116 ILE ILE A . n 
A 1 117 LYS 117 117 117 LYS LYS A . n 
A 1 118 LYS 118 118 118 LYS LYS A . n 
A 1 119 GLU 119 119 119 GLU GLU A . n 
A 1 120 LYS 120 120 120 LYS LYS A . n 
A 1 121 VAL 121 121 121 VAL VAL A . n 
A 1 122 TYR 122 122 122 TYR TYR A . n 
A 1 123 LEU 123 123 123 LEU LEU A . n 
A 1 124 ALA 124 124 124 ALA ALA A . n 
A 1 125 TRP 125 125 125 TRP TRP A . n 
A 1 126 VAL 126 126 126 VAL VAL A . n 
A 1 127 PRO 127 127 127 PRO PRO A . n 
A 1 128 ALA 128 128 128 ALA ALA A . n 
A 1 129 HIS 129 129 129 HIS HIS A . n 
A 1 130 LYS 130 130 130 LYS LYS A . n 
A 1 131 GLY 131 131 131 GLY GLY A . n 
A 1 132 ILE 132 132 132 ILE ILE A . n 
A 1 133 GLY 133 133 133 GLY GLY A . n 
A 1 134 GLY 134 134 134 GLY GLY A . n 
A 1 135 ASN 135 135 135 ASN ASN A . n 
A 1 136 GLU 136 136 136 GLU GLU A . n 
A 1 137 GLN 137 137 137 GLN GLN A . n 
A 1 138 VAL 138 138 138 VAL VAL A . n 
A 1 139 ASP 139 139 139 ASP ASP A . n 
A 1 140 LYS 140 140 140 LYS LYS A . n 
A 1 141 LEU 141 141 141 LEU LEU A . n 
A 1 142 VAL 142 142 142 VAL VAL A . n 
A 1 143 SER 143 143 143 SER SER A . n 
A 1 144 ALA 144 144 144 ALA ALA A . n 
A 1 145 GLY 145 145 145 GLY GLY A . n 
A 1 146 ILE 146 146 146 ILE ILE A . n 
A 1 147 ARG 147 147 147 ARG ARG A . n 
A 1 148 LYS 148 148 148 LYS LYS A . n 
A 1 149 VAL 149 149 149 VAL VAL A . n 
A 1 150 LEU 150 150 ?   ?   ?   A . n 
A 1 151 PHE 151 151 ?   ?   ?   A . n 
# 
_pdbx_contact_author.id                 2 
_pdbx_contact_author.email              hoshino@chiba-u.jp 
_pdbx_contact_author.name_first         Tyuji 
_pdbx_contact_author.name_last          Hoshino 
_pdbx_contact_author.name_mi            ? 
_pdbx_contact_author.role               'principal investigator/group leader' 
_pdbx_contact_author.identifier_ORCID   0000-0003-4705-4412 
# 
loop_
_pdbx_nonpoly_scheme.asym_id 
_pdbx_nonpoly_scheme.entity_id 
_pdbx_nonpoly_scheme.mon_id 
_pdbx_nonpoly_scheme.ndb_seq_num 
_pdbx_nonpoly_scheme.pdb_seq_num 
_pdbx_nonpoly_scheme.auth_seq_num 
_pdbx_nonpoly_scheme.pdb_mon_id 
_pdbx_nonpoly_scheme.auth_mon_id 
_pdbx_nonpoly_scheme.pdb_strand_id 
_pdbx_nonpoly_scheme.pdb_ins_code 
B 2 MN  1  201 150 MN  MN  A . 
C 2 MN  1  202 151 MN  MN  A . 
D 3 ZN  1  203 152 ZN  ZN  A . 
E 3 ZN  1  204 153 ZN  ZN  A . 
F 4 EGI 1  205 1   EGI DRG A . 
G 5 HOH 1  301 36  HOH HOH A . 
G 5 HOH 2  302 45  HOH HOH A . 
G 5 HOH 3  303 49  HOH HOH A . 
G 5 HOH 4  304 46  HOH HOH A . 
G 5 HOH 5  305 38  HOH HOH A . 
G 5 HOH 6  306 7   HOH HOH A . 
G 5 HOH 7  307 35  HOH HOH A . 
G 5 HOH 8  308 16  HOH HOH A . 
G 5 HOH 9  309 11  HOH HOH A . 
G 5 HOH 10 310 3   HOH HOH A . 
G 5 HOH 11 311 17  HOH HOH A . 
G 5 HOH 12 312 27  HOH HOH A . 
G 5 HOH 13 313 14  HOH HOH A . 
G 5 HOH 14 314 25  HOH HOH A . 
G 5 HOH 15 315 19  HOH HOH A . 
G 5 HOH 16 316 44  HOH HOH A . 
G 5 HOH 17 317 18  HOH HOH A . 
G 5 HOH 18 318 34  HOH HOH A . 
G 5 HOH 19 319 22  HOH HOH A . 
G 5 HOH 20 320 47  HOH HOH A . 
G 5 HOH 21 321 50  HOH HOH A . 
G 5 HOH 22 322 28  HOH HOH A . 
G 5 HOH 23 323 9   HOH HOH A . 
G 5 HOH 24 324 15  HOH HOH A . 
G 5 HOH 25 325 10  HOH HOH A . 
G 5 HOH 26 326 5   HOH HOH A . 
G 5 HOH 27 327 8   HOH HOH A . 
G 5 HOH 28 328 12  HOH HOH A . 
G 5 HOH 29 329 13  HOH HOH A . 
G 5 HOH 30 330 1   HOH HOH A . 
G 5 HOH 31 331 20  HOH HOH A . 
G 5 HOH 32 332 23  HOH HOH A . 
G 5 HOH 33 333 33  HOH HOH A . 
G 5 HOH 34 334 40  HOH HOH A . 
G 5 HOH 35 335 31  HOH HOH A . 
G 5 HOH 36 336 4   HOH HOH A . 
G 5 HOH 37 337 6   HOH HOH A . 
G 5 HOH 38 338 24  HOH HOH A . 
G 5 HOH 39 339 39  HOH HOH A . 
G 5 HOH 40 340 21  HOH HOH A . 
G 5 HOH 41 341 30  HOH HOH A . 
G 5 HOH 42 342 37  HOH HOH A . 
G 5 HOH 43 343 2   HOH HOH A . 
G 5 HOH 44 344 41  HOH HOH A . 
G 5 HOH 45 345 32  HOH HOH A . 
G 5 HOH 46 346 42  HOH HOH A . 
G 5 HOH 47 347 29  HOH HOH A . 
# 
_pdbx_struct_assembly.id                   1 
_pdbx_struct_assembly.details              author_and_software_defined_assembly 
_pdbx_struct_assembly.method_details       PISA 
_pdbx_struct_assembly.oligomeric_details   monomeric 
_pdbx_struct_assembly.oligomeric_count     1 
# 
_pdbx_struct_assembly_gen.assembly_id       1 
_pdbx_struct_assembly_gen.oper_expression   1 
_pdbx_struct_assembly_gen.asym_id_list      A,B,C,D,E,F,G 
# 
loop_
_pdbx_struct_assembly_prop.biol_id 
_pdbx_struct_assembly_prop.type 
_pdbx_struct_assembly_prop.value 
_pdbx_struct_assembly_prop.details 
1 'ABSA (A^2)' 160  ? 
1 MORE         -44  ? 
1 'SSA (A^2)'  8250 ? 
# 
_pdbx_struct_oper_list.id                   1 
_pdbx_struct_oper_list.type                 'identity operation' 
_pdbx_struct_oper_list.name                 1_555 
_pdbx_struct_oper_list.symmetry_operation   x,y,z 
_pdbx_struct_oper_list.matrix[1][1]         1.0000000000 
_pdbx_struct_oper_list.matrix[1][2]         0.0000000000 
_pdbx_struct_oper_list.matrix[1][3]         0.0000000000 
_pdbx_struct_oper_list.vector[1]            0.0000000000 
_pdbx_struct_oper_list.matrix[2][1]         0.0000000000 
_pdbx_struct_oper_list.matrix[2][2]         1.0000000000 
_pdbx_struct_oper_list.matrix[2][3]         0.0000000000 
_pdbx_struct_oper_list.vector[2]            0.0000000000 
_pdbx_struct_oper_list.matrix[3][1]         0.0000000000 
_pdbx_struct_oper_list.matrix[3][2]         0.0000000000 
_pdbx_struct_oper_list.matrix[3][3]         1.0000000000 
_pdbx_struct_oper_list.vector[3]            0.0000000000 
# 
loop_
_pdbx_struct_conn_angle.id 
_pdbx_struct_conn_angle.ptnr1_label_atom_id 
_pdbx_struct_conn_angle.ptnr1_label_alt_id 
_pdbx_struct_conn_angle.ptnr1_label_asym_id 
_pdbx_struct_conn_angle.ptnr1_label_comp_id 
_pdbx_struct_conn_angle.ptnr1_label_seq_id 
_pdbx_struct_conn_angle.ptnr1_auth_atom_id 
_pdbx_struct_conn_angle.ptnr1_auth_asym_id 
_pdbx_struct_conn_angle.ptnr1_auth_comp_id 
_pdbx_struct_conn_angle.ptnr1_auth_seq_id 
_pdbx_struct_conn_angle.ptnr1_PDB_ins_code 
_pdbx_struct_conn_angle.ptnr1_symmetry 
_pdbx_struct_conn_angle.ptnr2_label_atom_id 
_pdbx_struct_conn_angle.ptnr2_label_alt_id 
_pdbx_struct_conn_angle.ptnr2_label_asym_id 
_pdbx_struct_conn_angle.ptnr2_label_comp_id 
_pdbx_struct_conn_angle.ptnr2_label_seq_id 
_pdbx_struct_conn_angle.ptnr2_auth_atom_id 
_pdbx_struct_conn_angle.ptnr2_auth_asym_id 
_pdbx_struct_conn_angle.ptnr2_auth_comp_id 
_pdbx_struct_conn_angle.ptnr2_auth_seq_id 
_pdbx_struct_conn_angle.ptnr2_PDB_ins_code 
_pdbx_struct_conn_angle.ptnr2_symmetry 
_pdbx_struct_conn_angle.ptnr3_label_atom_id 
_pdbx_struct_conn_angle.ptnr3_label_alt_id 
_pdbx_struct_conn_angle.ptnr3_label_asym_id 
_pdbx_struct_conn_angle.ptnr3_label_comp_id 
_pdbx_struct_conn_angle.ptnr3_label_seq_id 
_pdbx_struct_conn_angle.ptnr3_auth_atom_id 
_pdbx_struct_conn_angle.ptnr3_auth_asym_id 
_pdbx_struct_conn_angle.ptnr3_auth_comp_id 
_pdbx_struct_conn_angle.ptnr3_auth_seq_id 
_pdbx_struct_conn_angle.ptnr3_PDB_ins_code 
_pdbx_struct_conn_angle.ptnr3_symmetry 
_pdbx_struct_conn_angle.value 
_pdbx_struct_conn_angle.value_esd 
1  OD1 ? A ASP 23  ? A ASP 23  ? 1_555 MN ? B MN . ? A MN 201 ? 1_555 OE2 ? A GLU 58  ? A GLU 58  ? 1_555 103.4 ? 
2  OD1 ? A ASP 23  ? A ASP 23  ? 1_555 MN ? B MN . ? A MN 201 ? 1_555 OD1 ? A ASP 78  ? A ASP 78  ? 1_555 112.8 ? 
3  OE2 ? A GLU 58  ? A GLU 58  ? 1_555 MN ? B MN . ? A MN 201 ? 1_555 OD1 ? A ASP 78  ? A ASP 78  ? 1_555 106.7 ? 
4  OD2 ? A ASP 23  ? A ASP 23  ? 1_555 MN ? C MN . ? A MN 202 ? 1_555 OD2 ? A ASP 78  ? A ASP 78  ? 1_555 89.0  ? 
5  OD2 ? A ASP 23  ? A ASP 23  ? 1_555 MN ? C MN . ? A MN 202 ? 1_555 OD1 ? A ASP 139 ? A ASP 139 ? 1_555 94.4  ? 
6  OD2 ? A ASP 78  ? A ASP 78  ? 1_555 MN ? C MN . ? A MN 202 ? 1_555 OD1 ? A ASP 139 ? A ASP 139 ? 1_555 165.1 ? 
7  OD2 ? A ASP 23  ? A ASP 23  ? 1_555 MN ? C MN . ? A MN 202 ? 1_555 OAJ ? F EGI .   ? A EGI 205 ? 1_555 71.3  ? 
8  OD2 ? A ASP 78  ? A ASP 78  ? 1_555 MN ? C MN . ? A MN 202 ? 1_555 OAJ ? F EGI .   ? A EGI 205 ? 1_555 133.7 ? 
9  OD1 ? A ASP 139 ? A ASP 139 ? 1_555 MN ? C MN . ? A MN 202 ? 1_555 OAJ ? F EGI .   ? A EGI 205 ? 1_555 60.8  ? 
10 OD2 ? A ASP 23  ? A ASP 23  ? 1_555 MN ? C MN . ? A MN 202 ? 1_555 SAA ? F EGI .   ? A EGI 205 ? 1_555 106.5 ? 
11 OD2 ? A ASP 78  ? A ASP 78  ? 1_555 MN ? C MN . ? A MN 202 ? 1_555 SAA ? F EGI .   ? A EGI 205 ? 1_555 85.2  ? 
12 OD1 ? A ASP 139 ? A ASP 139 ? 1_555 MN ? C MN . ? A MN 202 ? 1_555 SAA ? F EGI .   ? A EGI 205 ? 1_555 107.6 ? 
13 OAJ ? F EGI .   ? A EGI 205 ? 1_555 MN ? C MN . ? A MN 202 ? 1_555 SAA ? F EGI .   ? A EGI 205 ? 1_555 62.6  ? 
14 OD2 ? A ASP 23  ? A ASP 23  ? 1_555 MN ? C MN . ? A MN 202 ? 1_555 O   ? G HOH .   ? A HOH 322 ? 1_555 118.5 ? 
15 OD2 ? A ASP 78  ? A ASP 78  ? 1_555 MN ? C MN . ? A MN 202 ? 1_555 O   ? G HOH .   ? A HOH 322 ? 1_555 81.2  ? 
16 OD1 ? A ASP 139 ? A ASP 139 ? 1_555 MN ? C MN . ? A MN 202 ? 1_555 O   ? G HOH .   ? A HOH 322 ? 1_555 84.4  ? 
17 OAJ ? F EGI .   ? A EGI 205 ? 1_555 MN ? C MN . ? A MN 202 ? 1_555 O   ? G HOH .   ? A HOH 322 ? 1_555 145.0 ? 
18 SAA ? F EGI .   ? A EGI 205 ? 1_555 MN ? C MN . ? A MN 202 ? 1_555 O   ? G HOH .   ? A HOH 322 ? 1_555 132.4 ? 
19 OD1 ? A ASP 51  ? A ASP 51  ? 1_555 ZN ? E ZN . ? A ZN 204 ? 1_555 OD2 ? A ASP 51  ? A ASP 51  ? 1_555 55.7  ? 
20 OD1 ? A ASP 51  ? A ASP 51  ? 1_555 ZN ? E ZN . ? A ZN 204 ? 1_555 NE2 ? A HIS 129 ? A HIS 129 ? 1_555 54.1  ? 
21 OD2 ? A ASP 51  ? A ASP 51  ? 1_555 ZN ? E ZN . ? A ZN 204 ? 1_555 NE2 ? A HIS 129 ? A HIS 129 ? 1_555 52.9  ? 
22 OD1 ? A ASP 51  ? A ASP 51  ? 1_555 ZN ? E ZN . ? A ZN 204 ? 1_555 OE1 ? A GLU 136 ? A GLU 136 ? 1_555 59.9  ? 
23 OD2 ? A ASP 51  ? A ASP 51  ? 1_555 ZN ? E ZN . ? A ZN 204 ? 1_555 OE1 ? A GLU 136 ? A GLU 136 ? 1_555 54.6  ? 
24 NE2 ? A HIS 129 ? A HIS 129 ? 1_555 ZN ? E ZN . ? A ZN 204 ? 1_555 OE1 ? A GLU 136 ? A GLU 136 ? 1_555 5.8   ? 
25 OD1 ? A ASP 51  ? A ASP 51  ? 1_555 ZN ? E ZN . ? A ZN 204 ? 1_555 O   ? G HOH .   ? A HOH 342 ? 1_555 96.8  ? 
26 OD2 ? A ASP 51  ? A ASP 51  ? 1_555 ZN ? E ZN . ? A ZN 204 ? 1_555 O   ? G HOH .   ? A HOH 342 ? 1_555 129.9 ? 
27 NE2 ? A HIS 129 ? A HIS 129 ? 1_555 ZN ? E ZN . ? A ZN 204 ? 1_555 O   ? G HOH .   ? A HOH 342 ? 1_555 77.0  ? 
28 OE1 ? A GLU 136 ? A GLU 136 ? 1_555 ZN ? E ZN . ? A ZN 204 ? 1_555 O   ? G HOH .   ? A HOH 342 ? 1_555 75.6  ? 
29 OE2 ? A GLU 72  ? A GLU 72  ? 1_555 ZN ? D ZN . ? A ZN 203 ? 1_555 ND1 ? A HIS 91  ? A HIS 91  ? 1_555 105.1 ? 
30 OE2 ? A GLU 72  ? A GLU 72  ? 1_555 ZN ? D ZN . ? A ZN 203 ? 1_555 OE1 ? A GLU 119 ? A GLU 119 ? 1_555 104.3 ? 
31 ND1 ? A HIS 91  ? A HIS 91  ? 1_555 ZN ? D ZN . ? A ZN 203 ? 1_555 OE1 ? A GLU 119 ? A GLU 119 ? 1_555 41.7  ? 
32 OE2 ? A GLU 72  ? A GLU 72  ? 1_555 ZN ? D ZN . ? A ZN 203 ? 1_555 O   ? G HOH .   ? A HOH 339 ? 1_555 112.7 ? 
33 ND1 ? A HIS 91  ? A HIS 91  ? 1_555 ZN ? D ZN . ? A ZN 203 ? 1_555 O   ? G HOH .   ? A HOH 339 ? 1_555 77.9  ? 
34 OE1 ? A GLU 119 ? A GLU 119 ? 1_555 ZN ? D ZN . ? A ZN 203 ? 1_555 O   ? G HOH .   ? A HOH 339 ? 1_555 115.6 ? 
# 
loop_
_pdbx_audit_revision_history.ordinal 
_pdbx_audit_revision_history.data_content_type 
_pdbx_audit_revision_history.major_revision 
_pdbx_audit_revision_history.minor_revision 
_pdbx_audit_revision_history.revision_date 
1 'Structure model' 1 0 2022-04-27 
2 'Structure model' 1 1 2022-10-19 
3 'Structure model' 1 2 2023-01-11 
4 'Structure model' 1 3 2023-11-29 
# 
_pdbx_audit_revision_details.ordinal             1 
_pdbx_audit_revision_details.revision_ordinal    1 
_pdbx_audit_revision_details.data_content_type   'Structure model' 
_pdbx_audit_revision_details.provider            repository 
_pdbx_audit_revision_details.type                'Initial release' 
_pdbx_audit_revision_details.description         ? 
_pdbx_audit_revision_details.details             ? 
# 
loop_
_pdbx_audit_revision_group.ordinal 
_pdbx_audit_revision_group.revision_ordinal 
_pdbx_audit_revision_group.data_content_type 
_pdbx_audit_revision_group.group 
1 2 'Structure model' 'Database references'    
2 3 'Structure model' 'Database references'    
3 4 'Structure model' 'Data collection'        
4 4 'Structure model' 'Refinement description' 
# 
loop_
_pdbx_audit_revision_category.ordinal 
_pdbx_audit_revision_category.revision_ordinal 
_pdbx_audit_revision_category.data_content_type 
_pdbx_audit_revision_category.category 
1 2 'Structure model' citation                      
2 2 'Structure model' citation_author               
3 3 'Structure model' citation                      
4 3 'Structure model' citation_author               
5 4 'Structure model' chem_comp_atom                
6 4 'Structure model' chem_comp_bond                
7 4 'Structure model' pdbx_initial_refinement_model 
# 
loop_
_pdbx_audit_revision_item.ordinal 
_pdbx_audit_revision_item.revision_ordinal 
_pdbx_audit_revision_item.data_content_type 
_pdbx_audit_revision_item.item 
1  2 'Structure model' '_citation.country'                 
2  2 'Structure model' '_citation.journal_abbrev'          
3  2 'Structure model' '_citation.journal_id_CSD'          
4  2 'Structure model' '_citation.journal_id_ISSN'         
5  2 'Structure model' '_citation.pdbx_database_id_DOI'    
6  2 'Structure model' '_citation.pdbx_database_id_PubMed' 
7  2 'Structure model' '_citation.title'                   
8  2 'Structure model' '_citation.year'                    
9  2 'Structure model' '_citation_author.identifier_ORCID' 
10 3 'Structure model' '_citation.journal_volume'          
11 3 'Structure model' '_citation.page_first'              
12 3 'Structure model' '_citation.page_last'               
13 3 'Structure model' '_citation_author.identifier_ORCID' 
# 
loop_
_software.citation_id 
_software.classification 
_software.compiler_name 
_software.compiler_version 
_software.contact_author 
_software.contact_author_email 
_software.date 
_software.description 
_software.dependencies 
_software.hardware 
_software.language 
_software.location 
_software.mods 
_software.name 
_software.os 
_software.os_version 
_software.type 
_software.version 
_software.pdbx_ordinal 
? refinement        ? ? ? ? ? ? ? ? ? ? ? PHENIX      ? ? ? 1.83   1 
? 'data reduction'  ? ? ? ? ? ? ? ? ? ? ? XDS         ? ? ? .      2 
? 'data scaling'    ? ? ? ? ? ? ? ? ? ? ? Aimless     ? ? ? 0.1.27 3 
? 'data extraction' ? ? ? ? ? ? ? ? ? ? ? PDB_EXTRACT ? ? ? 3.27   4 
? phasing           ? ? ? ? ? ? ? ? ? ? ? REFMAC      ? ? ? .      5 
# 
_pdbx_entry_details.entry_id                 7XJ7 
_pdbx_entry_details.has_ligand_of_interest   Y 
_pdbx_entry_details.compound_details         ? 
_pdbx_entry_details.source_details           ? 
_pdbx_entry_details.nonpolymer_details       ? 
_pdbx_entry_details.sequence_details         ? 
# 
loop_
_pdbx_validate_torsion.id 
_pdbx_validate_torsion.PDB_model_num 
_pdbx_validate_torsion.auth_comp_id 
_pdbx_validate_torsion.auth_asym_id 
_pdbx_validate_torsion.auth_seq_id 
_pdbx_validate_torsion.PDB_ins_code 
_pdbx_validate_torsion.label_alt_id 
_pdbx_validate_torsion.phi 
_pdbx_validate_torsion.psi 
1 1 TYR A 7  ? ? 168.58  154.24 
2 1 ASN A 92 ? ? -106.62 78.62  
3 1 ARG A 96 ? ? -59.32  -87.45 
# 
loop_
_pdbx_unobs_or_zero_occ_residues.id 
_pdbx_unobs_or_zero_occ_residues.PDB_model_num 
_pdbx_unobs_or_zero_occ_residues.polymer_flag 
_pdbx_unobs_or_zero_occ_residues.occupancy_flag 
_pdbx_unobs_or_zero_occ_residues.auth_asym_id 
_pdbx_unobs_or_zero_occ_residues.auth_comp_id 
_pdbx_unobs_or_zero_occ_residues.auth_seq_id 
_pdbx_unobs_or_zero_occ_residues.PDB_ins_code 
_pdbx_unobs_or_zero_occ_residues.label_asym_id 
_pdbx_unobs_or_zero_occ_residues.label_comp_id 
_pdbx_unobs_or_zero_occ_residues.label_seq_id 
1 1 Y 1 A GLY 1   ? A GLY 1   
2 1 Y 1 A PRO 2   ? A PRO 2   
3 1 Y 1 A GLY 3   ? A GLY 3   
4 1 Y 1 A GLY 4   ? A GLY 4   
5 1 Y 1 A LEU 150 ? A LEU 150 
6 1 Y 1 A PHE 151 ? A PHE 151 
# 
loop_
_chem_comp_atom.comp_id 
_chem_comp_atom.atom_id 
_chem_comp_atom.type_symbol 
_chem_comp_atom.pdbx_aromatic_flag 
_chem_comp_atom.pdbx_stereo_config 
_chem_comp_atom.pdbx_ordinal 
ALA N    N  N N 1   
ALA CA   C  N S 2   
ALA C    C  N N 3   
ALA O    O  N N 4   
ALA CB   C  N N 5   
ALA OXT  O  N N 6   
ALA H    H  N N 7   
ALA H2   H  N N 8   
ALA HA   H  N N 9   
ALA HB1  H  N N 10  
ALA HB2  H  N N 11  
ALA HB3  H  N N 12  
ALA HXT  H  N N 13  
ARG N    N  N N 14  
ARG CA   C  N S 15  
ARG C    C  N N 16  
ARG O    O  N N 17  
ARG CB   C  N N 18  
ARG CG   C  N N 19  
ARG CD   C  N N 20  
ARG NE   N  N N 21  
ARG CZ   C  N N 22  
ARG NH1  N  N N 23  
ARG NH2  N  N N 24  
ARG OXT  O  N N 25  
ARG H    H  N N 26  
ARG H2   H  N N 27  
ARG HA   H  N N 28  
ARG HB2  H  N N 29  
ARG HB3  H  N N 30  
ARG HG2  H  N N 31  
ARG HG3  H  N N 32  
ARG HD2  H  N N 33  
ARG HD3  H  N N 34  
ARG HE   H  N N 35  
ARG HH11 H  N N 36  
ARG HH12 H  N N 37  
ARG HH21 H  N N 38  
ARG HH22 H  N N 39  
ARG HXT  H  N N 40  
ASN N    N  N N 41  
ASN CA   C  N S 42  
ASN C    C  N N 43  
ASN O    O  N N 44  
ASN CB   C  N N 45  
ASN CG   C  N N 46  
ASN OD1  O  N N 47  
ASN ND2  N  N N 48  
ASN OXT  O  N N 49  
ASN H    H  N N 50  
ASN H2   H  N N 51  
ASN HA   H  N N 52  
ASN HB2  H  N N 53  
ASN HB3  H  N N 54  
ASN HD21 H  N N 55  
ASN HD22 H  N N 56  
ASN HXT  H  N N 57  
ASP N    N  N N 58  
ASP CA   C  N S 59  
ASP C    C  N N 60  
ASP O    O  N N 61  
ASP CB   C  N N 62  
ASP CG   C  N N 63  
ASP OD1  O  N N 64  
ASP OD2  O  N N 65  
ASP OXT  O  N N 66  
ASP H    H  N N 67  
ASP H2   H  N N 68  
ASP HA   H  N N 69  
ASP HB2  H  N N 70  
ASP HB3  H  N N 71  
ASP HD2  H  N N 72  
ASP HXT  H  N N 73  
EGI CAB  C  Y N 74  
EGI CAC  C  Y N 75  
EGI CAD  C  Y N 76  
EGI CAE  C  Y N 77  
EGI CAI  C  N N 78  
EGI CAL  C  N N 79  
EGI CAM  C  N N 80  
EGI NAF  N  N N 81  
EGI OAG  O  N N 82  
EGI OAH  O  N N 83  
EGI OAJ  O  N N 84  
EGI OAK  O  N N 85  
EGI SAA  S  Y N 86  
EGI H1   H  N N 87  
EGI H2   H  N N 88  
EGI H3   H  N N 89  
EGI H4   H  N N 90  
EGI H5   H  N N 91  
EGI H6   H  N N 92  
EGI H7   H  N N 93  
GLN N    N  N N 94  
GLN CA   C  N S 95  
GLN C    C  N N 96  
GLN O    O  N N 97  
GLN CB   C  N N 98  
GLN CG   C  N N 99  
GLN CD   C  N N 100 
GLN OE1  O  N N 101 
GLN NE2  N  N N 102 
GLN OXT  O  N N 103 
GLN H    H  N N 104 
GLN H2   H  N N 105 
GLN HA   H  N N 106 
GLN HB2  H  N N 107 
GLN HB3  H  N N 108 
GLN HG2  H  N N 109 
GLN HG3  H  N N 110 
GLN HE21 H  N N 111 
GLN HE22 H  N N 112 
GLN HXT  H  N N 113 
GLU N    N  N N 114 
GLU CA   C  N S 115 
GLU C    C  N N 116 
GLU O    O  N N 117 
GLU CB   C  N N 118 
GLU CG   C  N N 119 
GLU CD   C  N N 120 
GLU OE1  O  N N 121 
GLU OE2  O  N N 122 
GLU OXT  O  N N 123 
GLU H    H  N N 124 
GLU H2   H  N N 125 
GLU HA   H  N N 126 
GLU HB2  H  N N 127 
GLU HB3  H  N N 128 
GLU HG2  H  N N 129 
GLU HG3  H  N N 130 
GLU HE2  H  N N 131 
GLU HXT  H  N N 132 
GLY N    N  N N 133 
GLY CA   C  N N 134 
GLY C    C  N N 135 
GLY O    O  N N 136 
GLY OXT  O  N N 137 
GLY H    H  N N 138 
GLY H2   H  N N 139 
GLY HA2  H  N N 140 
GLY HA3  H  N N 141 
GLY HXT  H  N N 142 
HIS N    N  N N 143 
HIS CA   C  N S 144 
HIS C    C  N N 145 
HIS O    O  N N 146 
HIS CB   C  N N 147 
HIS CG   C  Y N 148 
HIS ND1  N  Y N 149 
HIS CD2  C  Y N 150 
HIS CE1  C  Y N 151 
HIS NE2  N  Y N 152 
HIS OXT  O  N N 153 
HIS H    H  N N 154 
HIS H2   H  N N 155 
HIS HA   H  N N 156 
HIS HB2  H  N N 157 
HIS HB3  H  N N 158 
HIS HD1  H  N N 159 
HIS HD2  H  N N 160 
HIS HE1  H  N N 161 
HIS HE2  H  N N 162 
HIS HXT  H  N N 163 
HOH O    O  N N 164 
HOH H1   H  N N 165 
HOH H2   H  N N 166 
ILE N    N  N N 167 
ILE CA   C  N S 168 
ILE C    C  N N 169 
ILE O    O  N N 170 
ILE CB   C  N S 171 
ILE CG1  C  N N 172 
ILE CG2  C  N N 173 
ILE CD1  C  N N 174 
ILE OXT  O  N N 175 
ILE H    H  N N 176 
ILE H2   H  N N 177 
ILE HA   H  N N 178 
ILE HB   H  N N 179 
ILE HG12 H  N N 180 
ILE HG13 H  N N 181 
ILE HG21 H  N N 182 
ILE HG22 H  N N 183 
ILE HG23 H  N N 184 
ILE HD11 H  N N 185 
ILE HD12 H  N N 186 
ILE HD13 H  N N 187 
ILE HXT  H  N N 188 
LEU N    N  N N 189 
LEU CA   C  N S 190 
LEU C    C  N N 191 
LEU O    O  N N 192 
LEU CB   C  N N 193 
LEU CG   C  N N 194 
LEU CD1  C  N N 195 
LEU CD2  C  N N 196 
LEU OXT  O  N N 197 
LEU H    H  N N 198 
LEU H2   H  N N 199 
LEU HA   H  N N 200 
LEU HB2  H  N N 201 
LEU HB3  H  N N 202 
LEU HG   H  N N 203 
LEU HD11 H  N N 204 
LEU HD12 H  N N 205 
LEU HD13 H  N N 206 
LEU HD21 H  N N 207 
LEU HD22 H  N N 208 
LEU HD23 H  N N 209 
LEU HXT  H  N N 210 
LYS N    N  N N 211 
LYS CA   C  N S 212 
LYS C    C  N N 213 
LYS O    O  N N 214 
LYS CB   C  N N 215 
LYS CG   C  N N 216 
LYS CD   C  N N 217 
LYS CE   C  N N 218 
LYS NZ   N  N N 219 
LYS OXT  O  N N 220 
LYS H    H  N N 221 
LYS H2   H  N N 222 
LYS HA   H  N N 223 
LYS HB2  H  N N 224 
LYS HB3  H  N N 225 
LYS HG2  H  N N 226 
LYS HG3  H  N N 227 
LYS HD2  H  N N 228 
LYS HD3  H  N N 229 
LYS HE2  H  N N 230 
LYS HE3  H  N N 231 
LYS HZ1  H  N N 232 
LYS HZ2  H  N N 233 
LYS HZ3  H  N N 234 
LYS HXT  H  N N 235 
MET N    N  N N 236 
MET CA   C  N S 237 
MET C    C  N N 238 
MET O    O  N N 239 
MET CB   C  N N 240 
MET CG   C  N N 241 
MET SD   S  N N 242 
MET CE   C  N N 243 
MET OXT  O  N N 244 
MET H    H  N N 245 
MET H2   H  N N 246 
MET HA   H  N N 247 
MET HB2  H  N N 248 
MET HB3  H  N N 249 
MET HG2  H  N N 250 
MET HG3  H  N N 251 
MET HE1  H  N N 252 
MET HE2  H  N N 253 
MET HE3  H  N N 254 
MET HXT  H  N N 255 
MN  MN   MN N N 256 
PHE N    N  N N 257 
PHE CA   C  N S 258 
PHE C    C  N N 259 
PHE O    O  N N 260 
PHE CB   C  N N 261 
PHE CG   C  Y N 262 
PHE CD1  C  Y N 263 
PHE CD2  C  Y N 264 
PHE CE1  C  Y N 265 
PHE CE2  C  Y N 266 
PHE CZ   C  Y N 267 
PHE OXT  O  N N 268 
PHE H    H  N N 269 
PHE H2   H  N N 270 
PHE HA   H  N N 271 
PHE HB2  H  N N 272 
PHE HB3  H  N N 273 
PHE HD1  H  N N 274 
PHE HD2  H  N N 275 
PHE HE1  H  N N 276 
PHE HE2  H  N N 277 
PHE HZ   H  N N 278 
PHE HXT  H  N N 279 
PRO N    N  N N 280 
PRO CA   C  N S 281 
PRO C    C  N N 282 
PRO O    O  N N 283 
PRO CB   C  N N 284 
PRO CG   C  N N 285 
PRO CD   C  N N 286 
PRO OXT  O  N N 287 
PRO H    H  N N 288 
PRO HA   H  N N 289 
PRO HB2  H  N N 290 
PRO HB3  H  N N 291 
PRO HG2  H  N N 292 
PRO HG3  H  N N 293 
PRO HD2  H  N N 294 
PRO HD3  H  N N 295 
PRO HXT  H  N N 296 
SER N    N  N N 297 
SER CA   C  N S 298 
SER C    C  N N 299 
SER O    O  N N 300 
SER CB   C  N N 301 
SER OG   O  N N 302 
SER OXT  O  N N 303 
SER H    H  N N 304 
SER H2   H  N N 305 
SER HA   H  N N 306 
SER HB2  H  N N 307 
SER HB3  H  N N 308 
SER HG   H  N N 309 
SER HXT  H  N N 310 
THR N    N  N N 311 
THR CA   C  N S 312 
THR C    C  N N 313 
THR O    O  N N 314 
THR CB   C  N R 315 
THR OG1  O  N N 316 
THR CG2  C  N N 317 
THR OXT  O  N N 318 
THR H    H  N N 319 
THR H2   H  N N 320 
THR HA   H  N N 321 
THR HB   H  N N 322 
THR HG1  H  N N 323 
THR HG21 H  N N 324 
THR HG22 H  N N 325 
THR HG23 H  N N 326 
THR HXT  H  N N 327 
TRP N    N  N N 328 
TRP CA   C  N S 329 
TRP C    C  N N 330 
TRP O    O  N N 331 
TRP CB   C  N N 332 
TRP CG   C  Y N 333 
TRP CD1  C  Y N 334 
TRP CD2  C  Y N 335 
TRP NE1  N  Y N 336 
TRP CE2  C  Y N 337 
TRP CE3  C  Y N 338 
TRP CZ2  C  Y N 339 
TRP CZ3  C  Y N 340 
TRP CH2  C  Y N 341 
TRP OXT  O  N N 342 
TRP H    H  N N 343 
TRP H2   H  N N 344 
TRP HA   H  N N 345 
TRP HB2  H  N N 346 
TRP HB3  H  N N 347 
TRP HD1  H  N N 348 
TRP HE1  H  N N 349 
TRP HE3  H  N N 350 
TRP HZ2  H  N N 351 
TRP HZ3  H  N N 352 
TRP HH2  H  N N 353 
TRP HXT  H  N N 354 
TYR N    N  N N 355 
TYR CA   C  N S 356 
TYR C    C  N N 357 
TYR O    O  N N 358 
TYR CB   C  N N 359 
TYR CG   C  Y N 360 
TYR CD1  C  Y N 361 
TYR CD2  C  Y N 362 
TYR CE1  C  Y N 363 
TYR CE2  C  Y N 364 
TYR CZ   C  Y N 365 
TYR OH   O  N N 366 
TYR OXT  O  N N 367 
TYR H    H  N N 368 
TYR H2   H  N N 369 
TYR HA   H  N N 370 
TYR HB2  H  N N 371 
TYR HB3  H  N N 372 
TYR HD1  H  N N 373 
TYR HD2  H  N N 374 
TYR HE1  H  N N 375 
TYR HE2  H  N N 376 
TYR HH   H  N N 377 
TYR HXT  H  N N 378 
VAL N    N  N N 379 
VAL CA   C  N S 380 
VAL C    C  N N 381 
VAL O    O  N N 382 
VAL CB   C  N N 383 
VAL CG1  C  N N 384 
VAL CG2  C  N N 385 
VAL OXT  O  N N 386 
VAL H    H  N N 387 
VAL H2   H  N N 388 
VAL HA   H  N N 389 
VAL HB   H  N N 390 
VAL HG11 H  N N 391 
VAL HG12 H  N N 392 
VAL HG13 H  N N 393 
VAL HG21 H  N N 394 
VAL HG22 H  N N 395 
VAL HG23 H  N N 396 
VAL HXT  H  N N 397 
ZN  ZN   ZN N N 398 
# 
loop_
_chem_comp_bond.comp_id 
_chem_comp_bond.atom_id_1 
_chem_comp_bond.atom_id_2 
_chem_comp_bond.value_order 
_chem_comp_bond.pdbx_aromatic_flag 
_chem_comp_bond.pdbx_stereo_config 
_chem_comp_bond.pdbx_ordinal 
ALA N   CA   sing N N 1   
ALA N   H    sing N N 2   
ALA N   H2   sing N N 3   
ALA CA  C    sing N N 4   
ALA CA  CB   sing N N 5   
ALA CA  HA   sing N N 6   
ALA C   O    doub N N 7   
ALA C   OXT  sing N N 8   
ALA CB  HB1  sing N N 9   
ALA CB  HB2  sing N N 10  
ALA CB  HB3  sing N N 11  
ALA OXT HXT  sing N N 12  
ARG N   CA   sing N N 13  
ARG N   H    sing N N 14  
ARG N   H2   sing N N 15  
ARG CA  C    sing N N 16  
ARG CA  CB   sing N N 17  
ARG CA  HA   sing N N 18  
ARG C   O    doub N N 19  
ARG C   OXT  sing N N 20  
ARG CB  CG   sing N N 21  
ARG CB  HB2  sing N N 22  
ARG CB  HB3  sing N N 23  
ARG CG  CD   sing N N 24  
ARG CG  HG2  sing N N 25  
ARG CG  HG3  sing N N 26  
ARG CD  NE   sing N N 27  
ARG CD  HD2  sing N N 28  
ARG CD  HD3  sing N N 29  
ARG NE  CZ   sing N N 30  
ARG NE  HE   sing N N 31  
ARG CZ  NH1  sing N N 32  
ARG CZ  NH2  doub N N 33  
ARG NH1 HH11 sing N N 34  
ARG NH1 HH12 sing N N 35  
ARG NH2 HH21 sing N N 36  
ARG NH2 HH22 sing N N 37  
ARG OXT HXT  sing N N 38  
ASN N   CA   sing N N 39  
ASN N   H    sing N N 40  
ASN N   H2   sing N N 41  
ASN CA  C    sing N N 42  
ASN CA  CB   sing N N 43  
ASN CA  HA   sing N N 44  
ASN C   O    doub N N 45  
ASN C   OXT  sing N N 46  
ASN CB  CG   sing N N 47  
ASN CB  HB2  sing N N 48  
ASN CB  HB3  sing N N 49  
ASN CG  OD1  doub N N 50  
ASN CG  ND2  sing N N 51  
ASN ND2 HD21 sing N N 52  
ASN ND2 HD22 sing N N 53  
ASN OXT HXT  sing N N 54  
ASP N   CA   sing N N 55  
ASP N   H    sing N N 56  
ASP N   H2   sing N N 57  
ASP CA  C    sing N N 58  
ASP CA  CB   sing N N 59  
ASP CA  HA   sing N N 60  
ASP C   O    doub N N 61  
ASP C   OXT  sing N N 62  
ASP CB  CG   sing N N 63  
ASP CB  HB2  sing N N 64  
ASP CB  HB3  sing N N 65  
ASP CG  OD1  doub N N 66  
ASP CG  OD2  sing N N 67  
ASP OD2 HD2  sing N N 68  
ASP OXT HXT  sing N N 69  
EGI CAB CAC  doub Y N 70  
EGI CAB NAF  sing N N 71  
EGI CAB SAA  sing Y N 72  
EGI CAC CAD  sing Y N 73  
EGI CAD CAE  doub Y N 74  
EGI CAE CAI  sing N N 75  
EGI CAE SAA  sing Y N 76  
EGI CAI OAJ  doub N N 77  
EGI CAI OAK  sing N N 78  
EGI CAL CAM  sing N N 79  
EGI CAL OAK  sing N N 80  
EGI NAF OAG  doub N N 81  
EGI NAF OAH  sing N N 82  
EGI CAC H1   sing N N 83  
EGI CAD H2   sing N N 84  
EGI CAL H3   sing N N 85  
EGI CAL H4   sing N N 86  
EGI CAM H5   sing N N 87  
EGI CAM H6   sing N N 88  
EGI CAM H7   sing N N 89  
GLN N   CA   sing N N 90  
GLN N   H    sing N N 91  
GLN N   H2   sing N N 92  
GLN CA  C    sing N N 93  
GLN CA  CB   sing N N 94  
GLN CA  HA   sing N N 95  
GLN C   O    doub N N 96  
GLN C   OXT  sing N N 97  
GLN CB  CG   sing N N 98  
GLN CB  HB2  sing N N 99  
GLN CB  HB3  sing N N 100 
GLN CG  CD   sing N N 101 
GLN CG  HG2  sing N N 102 
GLN CG  HG3  sing N N 103 
GLN CD  OE1  doub N N 104 
GLN CD  NE2  sing N N 105 
GLN NE2 HE21 sing N N 106 
GLN NE2 HE22 sing N N 107 
GLN OXT HXT  sing N N 108 
GLU N   CA   sing N N 109 
GLU N   H    sing N N 110 
GLU N   H2   sing N N 111 
GLU CA  C    sing N N 112 
GLU CA  CB   sing N N 113 
GLU CA  HA   sing N N 114 
GLU C   O    doub N N 115 
GLU C   OXT  sing N N 116 
GLU CB  CG   sing N N 117 
GLU CB  HB2  sing N N 118 
GLU CB  HB3  sing N N 119 
GLU CG  CD   sing N N 120 
GLU CG  HG2  sing N N 121 
GLU CG  HG3  sing N N 122 
GLU CD  OE1  doub N N 123 
GLU CD  OE2  sing N N 124 
GLU OE2 HE2  sing N N 125 
GLU OXT HXT  sing N N 126 
GLY N   CA   sing N N 127 
GLY N   H    sing N N 128 
GLY N   H2   sing N N 129 
GLY CA  C    sing N N 130 
GLY CA  HA2  sing N N 131 
GLY CA  HA3  sing N N 132 
GLY C   O    doub N N 133 
GLY C   OXT  sing N N 134 
GLY OXT HXT  sing N N 135 
HIS N   CA   sing N N 136 
HIS N   H    sing N N 137 
HIS N   H2   sing N N 138 
HIS CA  C    sing N N 139 
HIS CA  CB   sing N N 140 
HIS CA  HA   sing N N 141 
HIS C   O    doub N N 142 
HIS C   OXT  sing N N 143 
HIS CB  CG   sing N N 144 
HIS CB  HB2  sing N N 145 
HIS CB  HB3  sing N N 146 
HIS CG  ND1  sing Y N 147 
HIS CG  CD2  doub Y N 148 
HIS ND1 CE1  doub Y N 149 
HIS ND1 HD1  sing N N 150 
HIS CD2 NE2  sing Y N 151 
HIS CD2 HD2  sing N N 152 
HIS CE1 NE2  sing Y N 153 
HIS CE1 HE1  sing N N 154 
HIS NE2 HE2  sing N N 155 
HIS OXT HXT  sing N N 156 
HOH O   H1   sing N N 157 
HOH O   H2   sing N N 158 
ILE N   CA   sing N N 159 
ILE N   H    sing N N 160 
ILE N   H2   sing N N 161 
ILE CA  C    sing N N 162 
ILE CA  CB   sing N N 163 
ILE CA  HA   sing N N 164 
ILE C   O    doub N N 165 
ILE C   OXT  sing N N 166 
ILE CB  CG1  sing N N 167 
ILE CB  CG2  sing N N 168 
ILE CB  HB   sing N N 169 
ILE CG1 CD1  sing N N 170 
ILE CG1 HG12 sing N N 171 
ILE CG1 HG13 sing N N 172 
ILE CG2 HG21 sing N N 173 
ILE CG2 HG22 sing N N 174 
ILE CG2 HG23 sing N N 175 
ILE CD1 HD11 sing N N 176 
ILE CD1 HD12 sing N N 177 
ILE CD1 HD13 sing N N 178 
ILE OXT HXT  sing N N 179 
LEU N   CA   sing N N 180 
LEU N   H    sing N N 181 
LEU N   H2   sing N N 182 
LEU CA  C    sing N N 183 
LEU CA  CB   sing N N 184 
LEU CA  HA   sing N N 185 
LEU C   O    doub N N 186 
LEU C   OXT  sing N N 187 
LEU CB  CG   sing N N 188 
LEU CB  HB2  sing N N 189 
LEU CB  HB3  sing N N 190 
LEU CG  CD1  sing N N 191 
LEU CG  CD2  sing N N 192 
LEU CG  HG   sing N N 193 
LEU CD1 HD11 sing N N 194 
LEU CD1 HD12 sing N N 195 
LEU CD1 HD13 sing N N 196 
LEU CD2 HD21 sing N N 197 
LEU CD2 HD22 sing N N 198 
LEU CD2 HD23 sing N N 199 
LEU OXT HXT  sing N N 200 
LYS N   CA   sing N N 201 
LYS N   H    sing N N 202 
LYS N   H2   sing N N 203 
LYS CA  C    sing N N 204 
LYS CA  CB   sing N N 205 
LYS CA  HA   sing N N 206 
LYS C   O    doub N N 207 
LYS C   OXT  sing N N 208 
LYS CB  CG   sing N N 209 
LYS CB  HB2  sing N N 210 
LYS CB  HB3  sing N N 211 
LYS CG  CD   sing N N 212 
LYS CG  HG2  sing N N 213 
LYS CG  HG3  sing N N 214 
LYS CD  CE   sing N N 215 
LYS CD  HD2  sing N N 216 
LYS CD  HD3  sing N N 217 
LYS CE  NZ   sing N N 218 
LYS CE  HE2  sing N N 219 
LYS CE  HE3  sing N N 220 
LYS NZ  HZ1  sing N N 221 
LYS NZ  HZ2  sing N N 222 
LYS NZ  HZ3  sing N N 223 
LYS OXT HXT  sing N N 224 
MET N   CA   sing N N 225 
MET N   H    sing N N 226 
MET N   H2   sing N N 227 
MET CA  C    sing N N 228 
MET CA  CB   sing N N 229 
MET CA  HA   sing N N 230 
MET C   O    doub N N 231 
MET C   OXT  sing N N 232 
MET CB  CG   sing N N 233 
MET CB  HB2  sing N N 234 
MET CB  HB3  sing N N 235 
MET CG  SD   sing N N 236 
MET CG  HG2  sing N N 237 
MET CG  HG3  sing N N 238 
MET SD  CE   sing N N 239 
MET CE  HE1  sing N N 240 
MET CE  HE2  sing N N 241 
MET CE  HE3  sing N N 242 
MET OXT HXT  sing N N 243 
PHE N   CA   sing N N 244 
PHE N   H    sing N N 245 
PHE N   H2   sing N N 246 
PHE CA  C    sing N N 247 
PHE CA  CB   sing N N 248 
PHE CA  HA   sing N N 249 
PHE C   O    doub N N 250 
PHE C   OXT  sing N N 251 
PHE CB  CG   sing N N 252 
PHE CB  HB2  sing N N 253 
PHE CB  HB3  sing N N 254 
PHE CG  CD1  doub Y N 255 
PHE CG  CD2  sing Y N 256 
PHE CD1 CE1  sing Y N 257 
PHE CD1 HD1  sing N N 258 
PHE CD2 CE2  doub Y N 259 
PHE CD2 HD2  sing N N 260 
PHE CE1 CZ   doub Y N 261 
PHE CE1 HE1  sing N N 262 
PHE CE2 CZ   sing Y N 263 
PHE CE2 HE2  sing N N 264 
PHE CZ  HZ   sing N N 265 
PHE OXT HXT  sing N N 266 
PRO N   CA   sing N N 267 
PRO N   CD   sing N N 268 
PRO N   H    sing N N 269 
PRO CA  C    sing N N 270 
PRO CA  CB   sing N N 271 
PRO CA  HA   sing N N 272 
PRO C   O    doub N N 273 
PRO C   OXT  sing N N 274 
PRO CB  CG   sing N N 275 
PRO CB  HB2  sing N N 276 
PRO CB  HB3  sing N N 277 
PRO CG  CD   sing N N 278 
PRO CG  HG2  sing N N 279 
PRO CG  HG3  sing N N 280 
PRO CD  HD2  sing N N 281 
PRO CD  HD3  sing N N 282 
PRO OXT HXT  sing N N 283 
SER N   CA   sing N N 284 
SER N   H    sing N N 285 
SER N   H2   sing N N 286 
SER CA  C    sing N N 287 
SER CA  CB   sing N N 288 
SER CA  HA   sing N N 289 
SER C   O    doub N N 290 
SER C   OXT  sing N N 291 
SER CB  OG   sing N N 292 
SER CB  HB2  sing N N 293 
SER CB  HB3  sing N N 294 
SER OG  HG   sing N N 295 
SER OXT HXT  sing N N 296 
THR N   CA   sing N N 297 
THR N   H    sing N N 298 
THR N   H2   sing N N 299 
THR CA  C    sing N N 300 
THR CA  CB   sing N N 301 
THR CA  HA   sing N N 302 
THR C   O    doub N N 303 
THR C   OXT  sing N N 304 
THR CB  OG1  sing N N 305 
THR CB  CG2  sing N N 306 
THR CB  HB   sing N N 307 
THR OG1 HG1  sing N N 308 
THR CG2 HG21 sing N N 309 
THR CG2 HG22 sing N N 310 
THR CG2 HG23 sing N N 311 
THR OXT HXT  sing N N 312 
TRP N   CA   sing N N 313 
TRP N   H    sing N N 314 
TRP N   H2   sing N N 315 
TRP CA  C    sing N N 316 
TRP CA  CB   sing N N 317 
TRP CA  HA   sing N N 318 
TRP C   O    doub N N 319 
TRP C   OXT  sing N N 320 
TRP CB  CG   sing N N 321 
TRP CB  HB2  sing N N 322 
TRP CB  HB3  sing N N 323 
TRP CG  CD1  doub Y N 324 
TRP CG  CD2  sing Y N 325 
TRP CD1 NE1  sing Y N 326 
TRP CD1 HD1  sing N N 327 
TRP CD2 CE2  doub Y N 328 
TRP CD2 CE3  sing Y N 329 
TRP NE1 CE2  sing Y N 330 
TRP NE1 HE1  sing N N 331 
TRP CE2 CZ2  sing Y N 332 
TRP CE3 CZ3  doub Y N 333 
TRP CE3 HE3  sing N N 334 
TRP CZ2 CH2  doub Y N 335 
TRP CZ2 HZ2  sing N N 336 
TRP CZ3 CH2  sing Y N 337 
TRP CZ3 HZ3  sing N N 338 
TRP CH2 HH2  sing N N 339 
TRP OXT HXT  sing N N 340 
TYR N   CA   sing N N 341 
TYR N   H    sing N N 342 
TYR N   H2   sing N N 343 
TYR CA  C    sing N N 344 
TYR CA  CB   sing N N 345 
TYR CA  HA   sing N N 346 
TYR C   O    doub N N 347 
TYR C   OXT  sing N N 348 
TYR CB  CG   sing N N 349 
TYR CB  HB2  sing N N 350 
TYR CB  HB3  sing N N 351 
TYR CG  CD1  doub Y N 352 
TYR CG  CD2  sing Y N 353 
TYR CD1 CE1  sing Y N 354 
TYR CD1 HD1  sing N N 355 
TYR CD2 CE2  doub Y N 356 
TYR CD2 HD2  sing N N 357 
TYR CE1 CZ   doub Y N 358 
TYR CE1 HE1  sing N N 359 
TYR CE2 CZ   sing Y N 360 
TYR CE2 HE2  sing N N 361 
TYR CZ  OH   sing N N 362 
TYR OH  HH   sing N N 363 
TYR OXT HXT  sing N N 364 
VAL N   CA   sing N N 365 
VAL N   H    sing N N 366 
VAL N   H2   sing N N 367 
VAL CA  C    sing N N 368 
VAL CA  CB   sing N N 369 
VAL CA  HA   sing N N 370 
VAL C   O    doub N N 371 
VAL C   OXT  sing N N 372 
VAL CB  CG1  sing N N 373 
VAL CB  CG2  sing N N 374 
VAL CB  HB   sing N N 375 
VAL CG1 HG11 sing N N 376 
VAL CG1 HG12 sing N N 377 
VAL CG1 HG13 sing N N 378 
VAL CG2 HG21 sing N N 379 
VAL CG2 HG22 sing N N 380 
VAL CG2 HG23 sing N N 381 
VAL OXT HXT  sing N N 382 
# 
_pdbx_audit_support.funding_organization   'Japan Society for the Promotion of Science (JSPS)' 
_pdbx_audit_support.country                Japan 
_pdbx_audit_support.grant_number           21K07050 
_pdbx_audit_support.ordinal                1 
# 
_pdbx_entity_instance_feature.ordinal        1 
_pdbx_entity_instance_feature.comp_id        ZN 
_pdbx_entity_instance_feature.asym_id        ? 
_pdbx_entity_instance_feature.seq_num        ? 
_pdbx_entity_instance_feature.auth_comp_id   ZN 
_pdbx_entity_instance_feature.auth_asym_id   ? 
_pdbx_entity_instance_feature.auth_seq_num   ? 
_pdbx_entity_instance_feature.feature_type   'SUBJECT OF INVESTIGATION' 
_pdbx_entity_instance_feature.details        ? 
# 
loop_
_pdbx_entity_nonpoly.entity_id 
_pdbx_entity_nonpoly.name 
_pdbx_entity_nonpoly.comp_id 
2 'MANGANESE (II) ION'                   MN  
3 'ZINC ION'                             ZN  
4 'ethyl 5-nitrothiophene-2-carboxylate' EGI 
5 water                                  HOH 
# 
_pdbx_initial_refinement_model.id               1 
_pdbx_initial_refinement_model.entity_id_list   ? 
_pdbx_initial_refinement_model.type             'experimental model' 
_pdbx_initial_refinement_model.source_name      PDB 
_pdbx_initial_refinement_model.accession_code   3QIN 
_pdbx_initial_refinement_model.details          'pdbid 3QIN' 
# 
_pdbx_struct_assembly_auth_evidence.id                     1 
_pdbx_struct_assembly_auth_evidence.assembly_id            1 
_pdbx_struct_assembly_auth_evidence.experimental_support   'gel filtration' 
_pdbx_struct_assembly_auth_evidence.details                ? 
# 
